data_2J4J
#
_entry.id   2J4J
#
_cell.length_a   86.174
_cell.length_b   126.438
_cell.length_c   134.991
_cell.angle_alpha   90.00
_cell.angle_beta   90.00
_cell.angle_gamma   90.00
#
_symmetry.space_group_name_H-M   'P 21 21 21'
#
loop_
_entity.id
_entity.type
_entity.pdbx_description
1 polymer 'URIDYLATE KINASE'
2 non-polymer "URIDINE-5'-MONOPHOSPHATE"
3 non-polymer 'PHOSPHOMETHYLPHOSPHONIC ACID ADENYLATE ESTER'
4 non-polymer 'COBALT (II) ION'
5 non-polymer 'MAGNESIUM ION'
6 non-polymer "P1-(5'-ADENOSINE)P4-(5'-URIDINE)-BETA,GAMMA-METHYLENE TETRAPHOSPHATE"
7 water water
#
_entity_poly.entity_id   1
_entity_poly.type   'polypeptide(L)'
_entity_poly.pdbx_seq_one_letter_code
;MNIILKISGKFFDEDNVDNLIVLRQSIKELADNGFRVGIVTGGGSTARRYIKLAREIGIGEAYLDLLGIWASRLNAYLVM
FSLQDLAYMHVPQSLEEFIQDWSHGKVVVTGGFQPGQSTAAVAALVAEASSSKTLVVATNVDGVYEKDPRIYADVKLIPH
LTTQDLRKILEGSQSVQAGTYELLDPLAIKIVERSKIRVIVMNYRKLNRIIDILKGEEVSSIIEPV
;
_entity_poly.pdbx_strand_id   A,B,C,D,E,F
#
# COMPACT_ATOMS: atom_id res chain seq x y z
N MET A 1 13.93 -23.34 15.02
CA MET A 1 15.00 -23.08 14.02
C MET A 1 14.39 -22.51 12.74
N ASN A 2 14.94 -21.41 12.23
CA ASN A 2 14.47 -20.84 10.98
C ASN A 2 15.37 -21.32 9.87
N ILE A 3 14.78 -21.74 8.76
CA ILE A 3 15.52 -22.16 7.58
C ILE A 3 14.94 -21.52 6.30
N ILE A 4 15.80 -21.18 5.36
CA ILE A 4 15.40 -20.70 4.04
C ILE A 4 15.75 -21.72 2.98
N LEU A 5 14.80 -21.98 2.11
CA LEU A 5 14.95 -22.81 0.96
C LEU A 5 14.83 -21.98 -0.35
N LYS A 6 15.91 -21.93 -1.11
CA LYS A 6 15.89 -21.41 -2.45
C LYS A 6 15.61 -22.57 -3.42
N ILE A 7 14.56 -22.39 -4.25
CA ILE A 7 14.15 -23.38 -5.24
C ILE A 7 14.52 -22.83 -6.61
N SER A 8 15.46 -23.50 -7.26
CA SER A 8 15.90 -23.14 -8.61
C SER A 8 14.72 -22.94 -9.55
N GLY A 9 14.84 -21.96 -10.46
CA GLY A 9 13.79 -21.78 -11.49
C GLY A 9 13.59 -23.00 -12.37
N LYS A 10 14.65 -23.79 -12.52
CA LYS A 10 14.62 -25.04 -13.28
C LYS A 10 13.62 -26.06 -12.76
N PHE A 11 13.37 -26.02 -11.45
CA PHE A 11 12.32 -26.80 -10.81
C PHE A 11 10.95 -26.56 -11.44
N PHE A 12 10.71 -25.31 -11.84
CA PHE A 12 9.42 -24.92 -12.42
C PHE A 12 9.34 -25.15 -13.93
N ASP A 13 10.50 -25.21 -14.58
CA ASP A 13 10.61 -25.52 -16.00
C ASP A 13 10.17 -26.94 -16.33
N GLU A 14 10.36 -27.87 -15.39
CA GLU A 14 10.03 -29.26 -15.60
C GLU A 14 8.55 -29.49 -15.80
N ASP A 15 7.75 -28.54 -15.33
CA ASP A 15 6.32 -28.63 -15.50
C ASP A 15 5.87 -30.05 -15.06
N ASN A 16 6.34 -30.38 -13.87
CA ASN A 16 6.22 -31.70 -13.31
C ASN A 16 5.57 -31.60 -11.96
N VAL A 17 4.39 -32.21 -11.87
CA VAL A 17 3.60 -32.24 -10.65
C VAL A 17 4.41 -32.75 -9.44
N ASP A 18 5.29 -33.72 -9.68
CA ASP A 18 6.05 -34.35 -8.61
C ASP A 18 6.96 -33.36 -7.88
N ASN A 19 7.65 -32.50 -8.63
CA ASN A 19 8.41 -31.41 -8.06
C ASN A 19 7.60 -30.62 -7.01
N LEU A 20 6.41 -30.15 -7.39
CA LEU A 20 5.57 -29.38 -6.46
C LEU A 20 5.17 -30.21 -5.27
N ILE A 21 4.72 -31.42 -5.54
CA ILE A 21 4.31 -32.37 -4.50
C ILE A 21 5.44 -32.61 -3.51
N VAL A 22 6.64 -32.93 -4.01
CA VAL A 22 7.79 -33.22 -3.15
C VAL A 22 8.21 -32.00 -2.34
N LEU A 23 8.01 -30.84 -2.94
CA LEU A 23 8.29 -29.60 -2.22
C LEU A 23 7.27 -29.40 -1.10
N ARG A 24 6.00 -29.56 -1.44
CA ARG A 24 4.91 -29.48 -0.47
C ARG A 24 5.19 -30.37 0.74
N GLN A 25 5.45 -31.66 0.48
CA GLN A 25 5.86 -32.63 1.52
C GLN A 25 6.96 -32.15 2.39
N SER A 26 8.01 -31.66 1.75
CA SER A 26 9.23 -31.20 2.41
C SER A 26 9.00 -30.03 3.37
N ILE A 27 8.09 -29.11 3.00
CA ILE A 27 7.75 -27.98 3.86
C ILE A 27 6.90 -28.48 5.02
N LYS A 28 5.87 -29.28 4.72
CA LYS A 28 5.04 -29.92 5.77
C LYS A 28 5.97 -30.63 6.77
N GLU A 29 6.93 -31.37 6.24
CA GLU A 29 7.86 -32.14 7.05
C GLU A 29 8.82 -31.30 7.90
N LEU A 30 9.49 -30.32 7.31
CA LEU A 30 10.33 -29.39 8.07
C LEU A 30 9.55 -28.76 9.25
N ALA A 31 8.31 -28.38 8.98
CA ALA A 31 7.41 -27.84 9.99
C ALA A 31 7.24 -28.80 11.17
N ASP A 32 6.90 -30.06 10.84
CA ASP A 32 6.74 -31.12 11.85
C ASP A 32 8.01 -31.38 12.64
N ASN A 33 9.17 -31.07 12.06
CA ASN A 33 10.44 -31.18 12.78
C ASN A 33 10.86 -29.89 13.49
N GLY A 34 9.93 -28.94 13.67
CA GLY A 34 10.20 -27.73 14.46
C GLY A 34 10.85 -26.55 13.72
N PHE A 35 10.90 -26.62 12.39
CA PHE A 35 11.45 -25.53 11.59
C PHE A 35 10.38 -24.56 11.15
N ARG A 36 10.70 -23.27 11.23
CA ARG A 36 10.02 -22.25 10.43
C ARG A 36 10.73 -22.12 9.06
N VAL A 37 9.95 -22.12 7.99
CA VAL A 37 10.50 -22.13 6.64
C VAL A 37 10.10 -20.88 5.85
N GLY A 38 11.09 -20.30 5.19
CA GLY A 38 10.89 -19.31 4.14
C GLY A 38 11.36 -19.92 2.84
N ILE A 39 10.68 -19.59 1.75
CA ILE A 39 10.98 -20.14 0.44
C ILE A 39 11.18 -18.99 -0.54
N VAL A 40 12.22 -19.11 -1.37
CA VAL A 40 12.48 -18.19 -2.46
C VAL A 40 12.50 -19.00 -3.77
N THR A 41 11.73 -18.54 -4.74
CA THR A 41 11.59 -19.22 -6.01
C THR A 41 12.33 -18.46 -7.13
N GLY A 42 13.00 -19.20 -7.99
CA GLY A 42 13.68 -18.63 -9.17
C GLY A 42 12.72 -18.36 -10.32
N GLY A 43 13.21 -17.66 -11.32
CA GLY A 43 12.40 -17.26 -12.44
C GLY A 43 12.36 -18.27 -13.55
N GLY A 44 13.42 -19.06 -13.69
CA GLY A 44 13.47 -20.14 -14.64
C GLY A 44 13.40 -19.68 -16.09
N SER A 45 12.80 -20.52 -16.92
CA SER A 45 12.83 -20.31 -18.37
C SER A 45 11.79 -19.27 -18.78
N THR A 46 10.71 -19.17 -18.01
CA THR A 46 9.76 -18.07 -18.17
C THR A 46 10.46 -16.72 -18.07
N ALA A 47 11.28 -16.54 -17.05
CA ALA A 47 12.07 -15.33 -16.90
C ALA A 47 12.96 -15.11 -18.12
N ARG A 48 13.63 -16.16 -18.56
CA ARG A 48 14.54 -16.02 -19.68
C ARG A 48 13.84 -15.69 -21.01
N ARG A 49 12.69 -16.29 -21.26
CA ARG A 49 11.90 -15.97 -22.46
C ARG A 49 11.45 -14.48 -22.48
N TYR A 50 10.92 -14.00 -21.35
CA TYR A 50 10.47 -12.59 -21.27
C TYR A 50 11.63 -11.60 -21.41
N ILE A 51 12.74 -11.91 -20.76
CA ILE A 51 13.96 -11.11 -20.86
C ILE A 51 14.49 -11.05 -22.30
N LYS A 52 14.53 -12.19 -22.97
CA LYS A 52 15.05 -12.27 -24.34
C LYS A 52 14.22 -11.44 -25.31
N LEU A 53 12.91 -11.61 -25.25
CA LEU A 53 11.99 -10.84 -26.09
C LEU A 53 12.03 -9.32 -25.81
N ALA A 54 12.07 -8.95 -24.52
CA ALA A 54 12.14 -7.55 -24.15
C ALA A 54 13.48 -6.93 -24.60
N ARG A 55 14.55 -7.68 -24.46
CA ARG A 55 15.87 -7.21 -24.89
C ARG A 55 15.88 -6.93 -26.42
N GLU A 56 15.26 -7.81 -27.21
CA GLU A 56 15.19 -7.66 -28.66
C GLU A 56 14.43 -6.40 -29.13
N ILE A 57 13.59 -5.84 -28.28
CA ILE A 57 12.95 -4.58 -28.59
C ILE A 57 13.57 -3.39 -27.89
N GLY A 58 14.75 -3.58 -27.31
CA GLY A 58 15.52 -2.47 -26.77
C GLY A 58 15.13 -2.05 -25.36
N ILE A 59 14.42 -2.91 -24.63
CA ILE A 59 14.05 -2.58 -23.26
C ILE A 59 15.30 -2.63 -22.37
N GLY A 60 15.46 -1.61 -21.55
CA GLY A 60 16.66 -1.45 -20.73
C GLY A 60 16.77 -2.50 -19.63
N GLU A 61 18.00 -2.62 -19.12
CA GLU A 61 18.41 -3.69 -18.22
C GLU A 61 17.62 -3.71 -16.90
N ALA A 62 17.21 -2.56 -16.40
CA ALA A 62 16.41 -2.47 -15.16
C ALA A 62 15.12 -3.24 -15.33
N TYR A 63 14.47 -2.96 -16.45
CA TYR A 63 13.16 -3.49 -16.79
C TYR A 63 13.23 -4.95 -17.18
N LEU A 64 14.34 -5.36 -17.80
CA LEU A 64 14.60 -6.76 -18.07
C LEU A 64 14.64 -7.53 -16.73
N ASP A 65 15.43 -7.02 -15.77
CA ASP A 65 15.51 -7.64 -14.45
C ASP A 65 14.13 -7.73 -13.83
N LEU A 66 13.34 -6.66 -13.97
CA LEU A 66 12.00 -6.62 -13.41
C LEU A 66 11.05 -7.66 -13.98
N LEU A 67 11.17 -7.93 -15.28
CA LEU A 67 10.44 -9.02 -15.91
C LEU A 67 10.85 -10.38 -15.32
N GLY A 68 12.16 -10.55 -15.11
CA GLY A 68 12.67 -11.74 -14.43
C GLY A 68 12.12 -11.89 -13.02
N ILE A 69 12.05 -10.78 -12.30
CA ILE A 69 11.48 -10.72 -11.00
C ILE A 69 9.97 -11.11 -11.01
N TRP A 70 9.18 -10.57 -11.96
CA TRP A 70 7.77 -10.94 -12.04
C TRP A 70 7.56 -12.44 -12.37
N ALA A 71 8.40 -12.99 -13.24
CA ALA A 71 8.41 -14.42 -13.50
C ALA A 71 8.68 -15.24 -12.24
N SER A 72 9.67 -14.80 -11.45
CA SER A 72 9.97 -15.47 -10.17
C SER A 72 8.78 -15.38 -9.19
N ARG A 73 8.05 -14.27 -9.22
CA ARG A 73 6.89 -14.08 -8.36
C ARG A 73 5.71 -14.96 -8.76
N LEU A 74 5.55 -15.23 -10.05
CA LEU A 74 4.58 -16.17 -10.54
C LEU A 74 4.83 -17.57 -9.97
N ASN A 75 6.09 -18.00 -9.94
CA ASN A 75 6.47 -19.25 -9.29
C ASN A 75 6.25 -19.24 -7.78
N ALA A 76 6.49 -18.10 -7.14
CA ALA A 76 6.19 -17.94 -5.73
C ALA A 76 4.69 -18.09 -5.40
N TYR A 77 3.83 -17.51 -6.22
CA TYR A 77 2.39 -17.70 -6.04
C TYR A 77 1.97 -19.15 -6.19
N LEU A 78 2.51 -19.83 -7.19
CA LEU A 78 2.24 -21.27 -7.39
C LEU A 78 2.57 -22.07 -6.14
N VAL A 79 3.78 -21.86 -5.62
CA VAL A 79 4.19 -22.56 -4.38
C VAL A 79 3.32 -22.16 -3.19
N MET A 80 3.13 -20.85 -3.01
CA MET A 80 2.29 -20.36 -1.94
C MET A 80 0.89 -20.96 -1.96
N PHE A 81 0.29 -21.01 -3.15
CA PHE A 81 -1.04 -21.57 -3.29
C PHE A 81 -1.06 -23.08 -3.01
N SER A 82 0.04 -23.77 -3.28
CA SER A 82 0.15 -25.19 -2.96
C SER A 82 0.25 -25.46 -1.46
N LEU A 83 0.59 -24.45 -0.67
CA LEU A 83 0.79 -24.61 0.76
C LEU A 83 -0.45 -24.23 1.59
N GLN A 84 -1.42 -23.56 0.96
CA GLN A 84 -2.72 -23.13 1.57
C GLN A 84 -2.72 -22.63 2.99
N ASP A 85 -2.95 -23.46 4.00
CA ASP A 85 -3.01 -22.93 5.35
C ASP A 85 -1.64 -22.68 5.98
N LEU A 86 -0.62 -23.43 5.55
CA LEU A 86 0.72 -23.29 6.10
C LEU A 86 1.38 -21.91 5.87
N ALA A 87 1.05 -21.27 4.74
CA ALA A 87 1.72 -20.06 4.32
C ALA A 87 0.89 -18.81 4.64
N TYR A 88 1.58 -17.74 5.04
CA TYR A 88 1.00 -16.42 5.01
C TYR A 88 0.72 -16.05 3.54
N MET A 89 -0.49 -15.63 3.22
CA MET A 89 -0.90 -15.47 1.83
C MET A 89 -0.61 -14.09 1.23
N HIS A 90 0.69 -13.79 1.12
CA HIS A 90 1.18 -12.61 0.48
C HIS A 90 2.61 -12.93 0.02
N VAL A 91 2.94 -12.57 -1.21
CA VAL A 91 4.30 -12.68 -1.73
C VAL A 91 4.95 -11.30 -1.56
N PRO A 92 5.89 -11.18 -0.61
CA PRO A 92 6.56 -9.90 -0.38
C PRO A 92 7.42 -9.47 -1.58
N GLN A 93 7.41 -8.17 -1.87
CA GLN A 93 8.13 -7.64 -3.01
C GLN A 93 9.47 -7.01 -2.67
N SER A 94 9.76 -6.87 -1.38
CA SER A 94 11.02 -6.32 -0.91
C SER A 94 11.44 -7.07 0.35
N LEU A 95 12.70 -6.86 0.75
CA LEU A 95 13.19 -7.38 2.01
C LEU A 95 12.37 -6.81 3.20
N GLU A 96 12.12 -5.51 3.16
CA GLU A 96 11.27 -4.85 4.15
C GLU A 96 9.90 -5.50 4.31
N GLU A 97 9.24 -5.77 3.19
CA GLU A 97 7.96 -6.50 3.21
C GLU A 97 8.09 -7.94 3.72
N PHE A 98 9.19 -8.61 3.38
CA PHE A 98 9.43 -9.97 3.87
C PHE A 98 9.47 -9.99 5.40
N ILE A 99 10.16 -9.00 5.98
CA ILE A 99 10.26 -8.88 7.43
C ILE A 99 8.88 -8.73 8.07
N GLN A 100 8.03 -7.89 7.46
CA GLN A 100 6.65 -7.75 7.93
C GLN A 100 5.91 -9.07 7.79
N ASP A 101 6.03 -9.70 6.63
CA ASP A 101 5.29 -10.94 6.36
C ASP A 101 5.71 -12.10 7.26
N TRP A 102 7.01 -12.18 7.55
CA TRP A 102 7.59 -13.18 8.43
C TRP A 102 7.07 -13.08 9.88
N SER A 103 6.64 -11.89 10.27
CA SER A 103 6.02 -11.59 11.57
C SER A 103 4.73 -12.36 11.88
N HIS A 104 4.12 -12.98 10.89
CA HIS A 104 2.87 -13.71 11.10
C HIS A 104 3.04 -15.15 11.56
N GLY A 105 4.27 -15.58 11.76
CA GLY A 105 4.56 -16.92 12.22
C GLY A 105 4.37 -18.05 11.24
N LYS A 106 4.06 -17.74 9.98
CA LYS A 106 3.78 -18.77 8.98
C LYS A 106 4.90 -18.83 7.93
N VAL A 107 4.79 -19.81 7.02
CA VAL A 107 5.67 -19.91 5.87
C VAL A 107 5.49 -18.67 4.99
N VAL A 108 6.61 -18.10 4.55
CA VAL A 108 6.61 -17.02 3.59
C VAL A 108 7.33 -17.44 2.33
N VAL A 109 6.67 -17.22 1.20
CA VAL A 109 7.21 -17.51 -0.12
C VAL A 109 7.43 -16.19 -0.86
N THR A 110 8.61 -16.02 -1.44
CA THR A 110 8.99 -14.79 -2.13
C THR A 110 9.65 -15.10 -3.50
N GLY A 111 9.55 -14.14 -4.39
CA GLY A 111 10.39 -14.13 -5.58
C GLY A 111 11.45 -13.06 -5.39
N GLY A 112 11.86 -12.46 -6.48
CA GLY A 112 12.82 -11.39 -6.46
C GLY A 112 12.39 -10.07 -5.86
N PHE A 113 13.38 -9.22 -5.61
CA PHE A 113 13.23 -7.90 -4.99
C PHE A 113 13.66 -6.72 -5.90
N GLN A 114 14.86 -6.80 -6.47
CA GLN A 114 15.51 -5.60 -6.98
C GLN A 114 16.43 -5.94 -8.13
N PRO A 115 16.46 -5.11 -9.20
CA PRO A 115 17.41 -5.34 -10.27
C PRO A 115 18.87 -5.39 -9.78
N GLY A 116 19.67 -6.14 -10.53
CA GLY A 116 21.10 -6.25 -10.36
C GLY A 116 21.54 -7.42 -9.49
N GLN A 117 20.61 -8.32 -9.15
CA GLN A 117 20.91 -9.47 -8.31
C GLN A 117 20.08 -10.68 -8.75
N SER A 118 20.34 -11.82 -8.15
CA SER A 118 19.58 -13.04 -8.42
C SER A 118 18.67 -13.38 -7.25
N THR A 119 17.85 -14.41 -7.43
CA THR A 119 17.03 -14.94 -6.35
C THR A 119 17.89 -15.64 -5.28
N ALA A 120 19.11 -16.06 -5.61
CA ALA A 120 20.02 -16.57 -4.56
C ALA A 120 20.38 -15.47 -3.56
N ALA A 121 20.58 -14.24 -4.07
CA ALA A 121 20.84 -13.10 -3.20
C ALA A 121 19.63 -12.79 -2.31
N VAL A 122 18.43 -12.84 -2.88
CA VAL A 122 17.18 -12.70 -2.12
C VAL A 122 17.11 -13.75 -1.00
N ALA A 123 17.44 -15.00 -1.33
CA ALA A 123 17.43 -16.07 -0.31
C ALA A 123 18.41 -15.77 0.83
N ALA A 124 19.60 -15.27 0.50
CA ALA A 124 20.57 -14.87 1.50
C ALA A 124 20.05 -13.73 2.38
N LEU A 125 19.47 -12.69 1.74
CA LEU A 125 18.92 -11.54 2.46
C LEU A 125 17.81 -11.95 3.43
N VAL A 126 16.98 -12.83 2.95
CA VAL A 126 15.85 -13.34 3.68
C VAL A 126 16.31 -14.27 4.81
N ALA A 127 17.36 -15.05 4.58
CA ALA A 127 17.97 -15.86 5.64
C ALA A 127 18.52 -14.97 6.73
N GLU A 128 19.25 -13.94 6.33
CA GLU A 128 19.79 -12.96 7.26
C GLU A 128 18.71 -12.26 8.08
N ALA A 129 17.64 -11.82 7.43
CA ALA A 129 16.56 -11.11 8.12
C ALA A 129 15.75 -12.01 9.06
N SER A 130 15.67 -13.30 8.75
CA SER A 130 14.91 -14.23 9.56
C SER A 130 15.78 -14.96 10.62
N SER A 131 17.03 -14.54 10.79
CA SER A 131 18.03 -15.25 11.63
C SER A 131 18.14 -16.74 11.31
N SER A 132 18.06 -17.09 10.04
CA SER A 132 18.24 -18.45 9.63
C SER A 132 19.75 -18.70 9.58
N LYS A 133 20.20 -19.78 10.22
CA LYS A 133 21.60 -20.15 10.23
C LYS A 133 21.97 -20.97 9.02
N THR A 134 20.97 -21.53 8.33
CA THR A 134 21.12 -22.37 7.17
C THR A 134 20.22 -21.90 6.01
N LEU A 135 20.84 -21.78 4.85
CA LEU A 135 20.18 -21.56 3.57
C LEU A 135 20.41 -22.78 2.72
N VAL A 136 19.31 -23.40 2.29
CA VAL A 136 19.33 -24.53 1.38
C VAL A 136 19.05 -24.04 -0.04
N VAL A 137 19.98 -24.35 -0.95
CA VAL A 137 19.82 -24.09 -2.37
C VAL A 137 19.50 -25.43 -3.05
N ALA A 138 18.24 -25.59 -3.43
CA ALA A 138 17.75 -26.79 -4.08
C ALA A 138 17.71 -26.55 -5.61
N THR A 139 18.63 -27.19 -6.30
CA THR A 139 18.86 -26.92 -7.69
C THR A 139 18.93 -28.21 -8.50
N ASN A 140 19.28 -28.11 -9.77
CA ASN A 140 19.20 -29.25 -10.70
C ASN A 140 20.51 -30.03 -10.79
N VAL A 141 21.41 -29.80 -9.85
CA VAL A 141 22.63 -30.59 -9.72
C VAL A 141 22.78 -31.03 -8.25
N ASP A 142 23.62 -32.02 -8.02
CA ASP A 142 23.72 -32.67 -6.70
C ASP A 142 24.44 -31.85 -5.64
N GLY A 143 25.25 -30.90 -6.08
CA GLY A 143 26.04 -30.08 -5.19
C GLY A 143 26.92 -29.15 -5.99
N VAL A 144 27.92 -28.60 -5.33
CA VAL A 144 28.94 -27.80 -5.97
C VAL A 144 30.00 -28.75 -6.54
N TYR A 145 30.35 -28.55 -7.81
CA TYR A 145 31.44 -29.31 -8.42
C TYR A 145 32.65 -28.41 -8.66
N GLU A 146 33.78 -29.03 -9.00
CA GLU A 146 35.04 -28.32 -9.34
C GLU A 146 34.79 -27.26 -10.39
N LYS A 147 33.97 -27.63 -11.36
CA LYS A 147 33.53 -26.77 -12.46
C LYS A 147 32.09 -27.15 -12.79
N ASP A 148 31.46 -26.36 -13.65
CA ASP A 148 30.04 -26.53 -14.00
C ASP A 148 29.78 -27.93 -14.56
N PRO A 149 29.01 -28.74 -13.83
CA PRO A 149 28.88 -30.14 -14.22
C PRO A 149 28.02 -30.37 -15.49
N ARG A 150 27.33 -29.34 -15.97
CA ARG A 150 26.57 -29.47 -17.20
C ARG A 150 27.35 -28.95 -18.40
N ILE A 151 28.59 -28.50 -18.17
CA ILE A 151 29.57 -28.37 -19.22
C ILE A 151 30.46 -29.61 -19.12
N TYR A 152 31.19 -29.68 -18.01
CA TYR A 152 32.36 -30.54 -17.89
C TYR A 152 32.06 -31.90 -17.35
N ALA A 153 32.24 -32.92 -18.19
CA ALA A 153 32.02 -34.29 -17.76
C ALA A 153 33.12 -34.73 -16.78
N ASP A 154 32.79 -35.74 -16.00
CA ASP A 154 33.72 -36.25 -15.01
C ASP A 154 34.34 -35.13 -14.20
N VAL A 155 33.50 -34.32 -13.60
CA VAL A 155 33.93 -33.29 -12.67
C VAL A 155 33.40 -33.79 -11.29
N LYS A 156 34.12 -33.50 -10.22
CA LYS A 156 33.83 -34.12 -8.91
C LYS A 156 33.05 -33.20 -7.98
N LEU A 157 32.03 -33.76 -7.36
CA LEU A 157 31.25 -33.02 -6.37
C LEU A 157 32.12 -32.75 -5.15
N ILE A 158 32.05 -31.52 -4.66
CA ILE A 158 32.79 -31.09 -3.49
C ILE A 158 31.84 -31.07 -2.28
N PRO A 159 31.96 -32.08 -1.40
CA PRO A 159 31.02 -32.17 -0.28
C PRO A 159 31.12 -31.09 0.80
N HIS A 160 32.31 -30.53 1.02
CA HIS A 160 32.53 -29.54 2.08
C HIS A 160 33.53 -28.52 1.56
N LEU A 161 33.16 -27.25 1.63
CA LEU A 161 34.00 -26.15 1.14
C LEU A 161 33.64 -24.88 1.89
N THR A 162 34.38 -23.80 1.62
CA THR A 162 34.10 -22.50 2.23
C THR A 162 33.57 -21.55 1.17
N THR A 163 33.11 -20.39 1.61
CA THR A 163 32.68 -19.33 0.70
C THR A 163 33.85 -18.77 -0.14
N GLN A 164 35.06 -18.80 0.40
CA GLN A 164 36.24 -18.35 -0.37
C GLN A 164 36.58 -19.35 -1.48
N ASP A 165 36.43 -20.65 -1.23
CA ASP A 165 36.51 -21.69 -2.27
C ASP A 165 35.48 -21.48 -3.36
N LEU A 166 34.24 -21.25 -2.95
CA LEU A 166 33.12 -21.10 -3.89
C LEU A 166 33.36 -19.92 -4.81
N ARG A 167 33.76 -18.80 -4.24
CA ARG A 167 34.07 -17.63 -5.02
C ARG A 167 35.06 -17.96 -6.13
N LYS A 168 36.14 -18.65 -5.78
CA LYS A 168 37.17 -19.07 -6.75
C LYS A 168 36.60 -20.02 -7.83
N ILE A 169 35.79 -20.97 -7.40
CA ILE A 169 35.09 -21.88 -8.32
C ILE A 169 34.18 -21.12 -9.29
N LEU A 170 33.46 -20.12 -8.78
CA LEU A 170 32.53 -19.34 -9.59
C LEU A 170 33.15 -18.08 -10.23
N GLU A 171 34.38 -17.75 -9.82
CA GLU A 171 35.17 -16.62 -10.35
C GLU A 171 34.49 -15.29 -9.97
N GLU A 182 24.42 -20.35 -12.12
CA GLU A 182 24.68 -19.15 -11.34
C GLU A 182 24.94 -19.48 -9.86
N LEU A 183 24.09 -20.30 -9.29
CA LEU A 183 24.23 -20.83 -7.92
C LEU A 183 24.15 -19.78 -6.82
N LEU A 184 25.23 -19.01 -6.62
CA LEU A 184 25.23 -17.87 -5.68
C LEU A 184 25.94 -16.70 -6.34
N ASP A 185 25.33 -15.53 -6.32
CA ASP A 185 25.94 -14.32 -6.90
C ASP A 185 26.74 -13.58 -5.81
N PRO A 186 27.45 -12.48 -6.17
CA PRO A 186 28.25 -11.70 -5.21
C PRO A 186 27.49 -11.21 -3.99
N LEU A 187 26.27 -10.71 -4.17
CA LEU A 187 25.50 -10.26 -3.03
C LEU A 187 25.19 -11.43 -2.08
N ALA A 188 24.78 -12.57 -2.64
CA ALA A 188 24.49 -13.73 -1.84
C ALA A 188 25.69 -14.11 -0.96
N ILE A 189 26.89 -14.12 -1.56
CA ILE A 189 28.11 -14.53 -0.85
C ILE A 189 28.49 -13.52 0.22
N LYS A 190 28.43 -12.23 -0.10
CA LYS A 190 28.65 -11.17 0.88
C LYS A 190 27.74 -11.33 2.10
N ILE A 191 26.47 -11.60 1.85
CA ILE A 191 25.48 -11.68 2.93
C ILE A 191 25.72 -12.90 3.81
N VAL A 192 25.92 -14.07 3.20
CA VAL A 192 26.12 -15.27 4.00
C VAL A 192 27.44 -15.17 4.80
N GLU A 193 28.46 -14.53 4.23
CA GLU A 193 29.73 -14.28 4.95
C GLU A 193 29.53 -13.35 6.12
N ARG A 194 28.93 -12.18 5.91
CA ARG A 194 28.78 -11.22 7.02
C ARG A 194 27.87 -11.71 8.13
N SER A 195 26.87 -12.51 7.81
CA SER A 195 25.97 -13.02 8.85
C SER A 195 26.22 -14.48 9.21
N LYS A 196 27.30 -15.05 8.68
CA LYS A 196 27.72 -16.40 9.00
C LYS A 196 26.62 -17.43 8.82
N ILE A 197 26.09 -17.48 7.60
CA ILE A 197 25.04 -18.39 7.25
C ILE A 197 25.67 -19.55 6.47
N ARG A 198 25.33 -20.75 6.88
CA ARG A 198 25.78 -21.95 6.20
C ARG A 198 24.86 -22.21 5.02
N VAL A 199 25.44 -22.59 3.88
CA VAL A 199 24.69 -22.88 2.66
C VAL A 199 24.85 -24.36 2.29
N ILE A 200 23.73 -25.01 2.06
CA ILE A 200 23.71 -26.37 1.57
C ILE A 200 23.16 -26.35 0.14
N VAL A 201 23.96 -26.82 -0.79
CA VAL A 201 23.54 -27.02 -2.16
C VAL A 201 23.17 -28.49 -2.39
N MET A 202 21.96 -28.71 -2.89
CA MET A 202 21.40 -30.05 -3.08
C MET A 202 20.56 -30.11 -4.33
N ASN A 203 20.28 -31.32 -4.78
CA ASN A 203 19.38 -31.55 -5.89
C ASN A 203 17.94 -31.45 -5.37
N TYR A 204 17.09 -30.69 -6.08
CA TYR A 204 15.68 -30.57 -5.66
C TYR A 204 14.92 -31.88 -5.73
N ARG A 205 15.36 -32.80 -6.57
CA ARG A 205 14.90 -34.18 -6.58
C ARG A 205 14.97 -34.87 -5.22
N LYS A 206 15.95 -34.48 -4.40
CA LYS A 206 16.13 -35.04 -3.07
C LYS A 206 15.42 -34.23 -1.99
N LEU A 207 14.48 -33.37 -2.37
CA LEU A 207 13.70 -32.62 -1.39
C LEU A 207 12.91 -33.54 -0.45
N ASN A 208 12.42 -34.68 -0.96
CA ASN A 208 11.77 -35.74 -0.16
C ASN A 208 12.66 -36.24 0.99
N ARG A 209 13.98 -36.09 0.81
CA ARG A 209 14.99 -36.47 1.82
C ARG A 209 15.61 -35.29 2.58
N ILE A 210 14.91 -34.16 2.67
CA ILE A 210 15.49 -32.93 3.23
C ILE A 210 16.04 -33.04 4.66
N ILE A 211 15.35 -33.76 5.52
CA ILE A 211 15.80 -33.90 6.92
C ILE A 211 17.13 -34.65 7.02
N ASP A 212 17.30 -35.67 6.19
CA ASP A 212 18.55 -36.40 6.10
C ASP A 212 19.69 -35.56 5.57
N ILE A 213 19.40 -34.68 4.60
CA ILE A 213 20.41 -33.73 4.11
C ILE A 213 20.86 -32.79 5.22
N LEU A 214 19.92 -32.24 5.99
CA LEU A 214 20.28 -31.34 7.09
C LEU A 214 21.11 -32.05 8.17
N LYS A 215 20.93 -33.36 8.30
CA LYS A 215 21.74 -34.16 9.23
C LYS A 215 23.12 -34.52 8.65
N GLY A 216 23.32 -34.25 7.36
CA GLY A 216 24.58 -34.50 6.67
C GLY A 216 24.69 -35.95 6.20
N GLU A 217 23.56 -36.66 6.08
CA GLU A 217 23.55 -38.08 5.73
C GLU A 217 23.45 -38.38 4.24
N GLU A 218 23.23 -37.36 3.43
CA GLU A 218 22.83 -37.56 2.07
C GLU A 218 23.69 -36.69 1.13
N VAL A 219 23.70 -36.97 -0.17
CA VAL A 219 24.56 -36.25 -1.09
C VAL A 219 24.17 -34.76 -1.15
N SER A 220 25.15 -33.91 -0.90
CA SER A 220 24.99 -32.45 -0.91
C SER A 220 26.37 -31.79 -0.80
N SER A 221 26.42 -30.48 -0.97
CA SER A 221 27.60 -29.71 -0.66
C SER A 221 27.26 -28.73 0.45
N ILE A 222 28.11 -28.69 1.47
CA ILE A 222 27.98 -27.75 2.58
C ILE A 222 29.04 -26.68 2.44
N ILE A 223 28.59 -25.43 2.36
CA ILE A 223 29.47 -24.27 2.19
C ILE A 223 29.53 -23.49 3.51
N GLU A 224 30.72 -23.40 4.08
CA GLU A 224 30.93 -22.75 5.36
C GLU A 224 31.32 -21.32 5.09
N PRO A 225 30.73 -20.37 5.84
CA PRO A 225 31.06 -18.97 5.66
C PRO A 225 32.42 -18.63 6.28
N VAL A 226 33.28 -17.94 5.53
CA VAL A 226 34.54 -17.43 6.08
C VAL A 226 34.74 -15.93 5.76
N MET B 1 -10.82 11.01 -28.02
CA MET B 1 -11.63 10.06 -27.19
C MET B 1 -10.72 9.13 -26.37
N ASN B 2 -11.35 8.37 -25.48
CA ASN B 2 -10.67 7.26 -24.78
C ASN B 2 -11.01 5.96 -25.50
N ILE B 3 -10.00 5.11 -25.66
CA ILE B 3 -10.19 3.81 -26.25
C ILE B 3 -9.44 2.74 -25.42
N ILE B 4 -10.01 1.55 -25.31
CA ILE B 4 -9.37 0.39 -24.65
C ILE B 4 -9.04 -0.67 -25.71
N LEU B 5 -7.81 -1.15 -25.70
CA LEU B 5 -7.37 -2.28 -26.50
C LEU B 5 -7.14 -3.52 -25.62
N LYS B 6 -7.91 -4.58 -25.86
CA LYS B 6 -7.63 -5.90 -25.28
C LYS B 6 -6.73 -6.63 -26.26
N ILE B 7 -5.59 -7.10 -25.75
CA ILE B 7 -4.62 -7.85 -26.53
C ILE B 7 -4.71 -9.29 -26.07
N SER B 8 -5.13 -10.18 -26.97
CA SER B 8 -5.24 -11.61 -26.68
C SER B 8 -3.93 -12.15 -26.08
N GLY B 9 -4.02 -13.10 -25.17
CA GLY B 9 -2.84 -13.80 -24.65
C GLY B 9 -2.04 -14.51 -25.72
N LYS B 10 -2.73 -14.90 -26.79
CA LYS B 10 -2.08 -15.54 -27.95
C LYS B 10 -1.03 -14.68 -28.63
N PHE B 11 -1.22 -13.37 -28.56
CA PHE B 11 -0.22 -12.40 -29.01
C PHE B 11 1.13 -12.60 -28.32
N PHE B 12 1.09 -12.99 -27.04
CA PHE B 12 2.31 -13.18 -26.24
C PHE B 12 2.91 -14.57 -26.40
N ASP B 13 2.08 -15.53 -26.78
CA ASP B 13 2.52 -16.90 -27.05
C ASP B 13 3.45 -17.01 -28.25
N GLU B 14 3.31 -16.09 -29.20
CA GLU B 14 4.11 -16.08 -30.42
C GLU B 14 5.59 -15.83 -30.19
N ASP B 15 5.94 -15.25 -29.05
CA ASP B 15 7.34 -15.03 -28.72
C ASP B 15 8.05 -14.34 -29.91
N ASN B 16 7.35 -13.32 -30.39
CA ASN B 16 7.68 -12.63 -31.60
C ASN B 16 7.92 -11.17 -31.29
N VAL B 17 9.12 -10.71 -31.59
CA VAL B 17 9.46 -9.29 -31.44
C VAL B 17 8.42 -8.41 -32.18
N ASP B 18 8.05 -8.85 -33.40
CA ASP B 18 7.18 -8.08 -34.32
C ASP B 18 5.88 -7.60 -33.65
N ASN B 19 5.16 -8.55 -33.05
CA ASN B 19 4.00 -8.31 -32.20
C ASN B 19 4.11 -7.16 -31.20
N LEU B 20 5.12 -7.19 -30.33
CA LEU B 20 5.29 -6.09 -29.36
C LEU B 20 5.54 -4.80 -30.11
N ILE B 21 6.43 -4.87 -31.08
CA ILE B 21 6.80 -3.68 -31.87
C ILE B 21 5.58 -3.01 -32.49
N VAL B 22 4.76 -3.81 -33.16
CA VAL B 22 3.59 -3.29 -33.87
C VAL B 22 2.56 -2.73 -32.90
N LEU B 23 2.53 -3.33 -31.72
CA LEU B 23 1.65 -2.82 -30.68
C LEU B 23 2.17 -1.46 -30.20
N ARG B 24 3.47 -1.40 -29.95
CA ARG B 24 4.11 -0.15 -29.56
C ARG B 24 3.72 1.00 -30.53
N GLN B 25 3.85 0.78 -31.82
CA GLN B 25 3.59 1.83 -32.81
C GLN B 25 2.12 2.21 -32.87
N SER B 26 1.24 1.23 -32.66
CA SER B 26 -0.20 1.47 -32.64
C SER B 26 -0.66 2.40 -31.51
N ILE B 27 -0.08 2.24 -30.33
CA ILE B 27 -0.41 3.13 -29.19
C ILE B 27 0.12 4.54 -29.47
N LYS B 28 1.36 4.61 -29.93
CA LYS B 28 2.00 5.88 -30.32
C LYS B 28 1.16 6.58 -31.37
N GLU B 29 0.71 5.80 -32.35
CA GLU B 29 -0.16 6.30 -33.41
C GLU B 29 -1.51 6.76 -32.90
N LEU B 30 -2.16 5.93 -32.11
CA LEU B 30 -3.43 6.33 -31.49
C LEU B 30 -3.28 7.64 -30.69
N ALA B 31 -2.19 7.73 -29.93
CA ALA B 31 -1.87 8.93 -29.16
C ALA B 31 -1.77 10.15 -30.07
N ASP B 32 -0.98 10.02 -31.14
CA ASP B 32 -0.80 11.10 -32.14
C ASP B 32 -2.11 11.49 -32.80
N ASN B 33 -3.09 10.59 -32.86
CA ASN B 33 -4.42 10.90 -33.39
C ASN B 33 -5.40 11.38 -32.34
N GLY B 34 -4.93 11.74 -31.14
CA GLY B 34 -5.80 12.32 -30.10
C GLY B 34 -6.52 11.35 -29.16
N PHE B 35 -6.12 10.07 -29.18
CA PHE B 35 -6.71 9.08 -28.29
C PHE B 35 -5.93 8.92 -27.00
N ARG B 36 -6.64 8.82 -25.89
CA ARG B 36 -6.08 8.20 -24.68
C ARG B 36 -6.33 6.69 -24.76
N VAL B 37 -5.29 5.89 -24.53
CA VAL B 37 -5.37 4.43 -24.64
C VAL B 37 -5.15 3.73 -23.29
N GLY B 38 -6.05 2.76 -23.00
CA GLY B 38 -5.84 1.78 -21.94
C GLY B 38 -5.66 0.43 -22.61
N ILE B 39 -4.82 -0.43 -22.03
CA ILE B 39 -4.50 -1.72 -22.62
C ILE B 39 -4.72 -2.81 -21.58
N VAL B 40 -5.33 -3.91 -22.01
CA VAL B 40 -5.54 -5.09 -21.16
C VAL B 40 -4.93 -6.25 -21.89
N THR B 41 -4.07 -6.99 -21.19
CA THR B 41 -3.36 -8.11 -21.75
C THR B 41 -3.91 -9.44 -21.21
N GLY B 42 -4.06 -10.41 -22.11
CA GLY B 42 -4.47 -11.76 -21.70
C GLY B 42 -3.30 -12.57 -21.14
N GLY B 43 -3.62 -13.72 -20.57
CA GLY B 43 -2.67 -14.58 -19.89
C GLY B 43 -1.99 -15.56 -20.81
N GLY B 44 -2.69 -15.95 -21.87
CA GLY B 44 -2.14 -16.83 -22.89
C GLY B 44 -1.75 -18.22 -22.40
N SER B 45 -0.69 -18.76 -22.98
CA SER B 45 -0.32 -20.16 -22.73
C SER B 45 0.41 -20.30 -21.41
N THR B 46 1.11 -19.25 -20.98
CA THR B 46 1.67 -19.21 -19.63
C THR B 46 0.58 -19.42 -18.58
N ALA B 47 -0.52 -18.68 -18.70
CA ALA B 47 -1.63 -18.85 -17.79
C ALA B 47 -2.15 -20.31 -17.84
N ARG B 48 -2.34 -20.85 -19.04
CA ARG B 48 -2.85 -22.24 -19.20
C ARG B 48 -1.90 -23.26 -18.54
N ARG B 49 -0.60 -23.11 -18.76
CA ARG B 49 0.39 -24.03 -18.17
C ARG B 49 0.39 -23.99 -16.62
N TYR B 50 0.37 -22.80 -16.02
CA TYR B 50 0.31 -22.70 -14.57
C TYR B 50 -0.99 -23.25 -13.99
N ILE B 51 -2.10 -22.95 -14.65
CA ILE B 51 -3.41 -23.46 -14.25
C ILE B 51 -3.48 -25.00 -14.30
N LYS B 52 -2.98 -25.59 -15.38
CA LYS B 52 -3.00 -27.04 -15.57
C LYS B 52 -2.18 -27.77 -14.47
N LEU B 53 -0.97 -27.29 -14.25
CA LEU B 53 -0.12 -27.83 -13.19
C LEU B 53 -0.72 -27.68 -11.78
N ALA B 54 -1.24 -26.50 -11.48
CA ALA B 54 -1.85 -26.27 -10.18
C ALA B 54 -3.10 -27.15 -9.99
N ARG B 55 -3.90 -27.28 -11.03
CA ARG B 55 -5.11 -28.12 -11.00
C ARG B 55 -4.72 -29.59 -10.70
N GLU B 56 -3.66 -30.08 -11.32
CA GLU B 56 -3.17 -31.45 -11.09
C GLU B 56 -2.79 -31.76 -9.63
N ILE B 57 -2.43 -30.73 -8.86
CA ILE B 57 -2.13 -30.94 -7.46
C ILE B 57 -3.25 -30.54 -6.52
N GLY B 58 -4.44 -30.34 -7.08
CA GLY B 58 -5.65 -30.12 -6.29
C GLY B 58 -5.88 -28.68 -5.84
N ILE B 59 -5.19 -27.74 -6.46
CA ILE B 59 -5.38 -26.33 -6.10
C ILE B 59 -6.76 -25.87 -6.57
N GLY B 60 -7.50 -25.22 -5.67
CA GLY B 60 -8.86 -24.79 -5.95
C GLY B 60 -8.98 -23.70 -7.00
N GLU B 61 -10.21 -23.56 -7.51
CA GLU B 61 -10.53 -22.77 -8.68
C GLU B 61 -10.23 -21.27 -8.52
N ALA B 62 -10.39 -20.75 -7.31
CA ALA B 62 -10.06 -19.34 -7.03
C ALA B 62 -8.59 -19.07 -7.32
N TYR B 63 -7.74 -19.98 -6.86
CA TYR B 63 -6.28 -19.87 -6.96
C TYR B 63 -5.79 -20.17 -8.34
N LEU B 64 -6.46 -21.07 -9.03
CA LEU B 64 -6.20 -21.27 -10.45
C LEU B 64 -6.43 -19.97 -11.24
N ASP B 65 -7.57 -19.33 -11.00
CA ASP B 65 -7.85 -18.05 -11.66
C ASP B 65 -6.76 -17.03 -11.30
N LEU B 66 -6.35 -17.00 -10.04
CA LEU B 66 -5.29 -16.07 -9.61
C LEU B 66 -3.95 -16.28 -10.30
N LEU B 67 -3.57 -17.54 -10.55
CA LEU B 67 -2.41 -17.83 -11.36
C LEU B 67 -2.54 -17.31 -12.79
N GLY B 68 -3.72 -17.45 -13.36
CA GLY B 68 -4.02 -16.90 -14.69
C GLY B 68 -3.94 -15.37 -14.70
N ILE B 69 -4.45 -14.76 -13.64
CA ILE B 69 -4.35 -13.33 -13.45
C ILE B 69 -2.87 -12.88 -13.34
N TRP B 70 -2.05 -13.57 -12.53
CA TRP B 70 -0.64 -13.22 -12.47
C TRP B 70 0.11 -13.40 -13.79
N ALA B 71 -0.22 -14.42 -14.55
CA ALA B 71 0.33 -14.57 -15.91
C ALA B 71 -0.06 -13.41 -16.83
N SER B 72 -1.32 -12.99 -16.77
CA SER B 72 -1.76 -11.82 -17.54
C SER B 72 -1.03 -10.53 -17.11
N ARG B 73 -0.71 -10.40 -15.83
CA ARG B 73 0.03 -9.24 -15.31
C ARG B 73 1.46 -9.20 -15.79
N LEU B 74 2.08 -10.38 -15.93
CA LEU B 74 3.40 -10.49 -16.50
C LEU B 74 3.43 -9.93 -17.92
N ASN B 75 2.43 -10.29 -18.72
CA ASN B 75 2.29 -9.70 -20.04
C ASN B 75 2.02 -8.18 -20.03
N ALA B 76 1.26 -7.73 -19.04
CA ALA B 76 1.01 -6.30 -18.84
C ALA B 76 2.31 -5.54 -18.54
N TYR B 77 3.17 -6.10 -17.70
CA TYR B 77 4.47 -5.48 -17.42
C TYR B 77 5.33 -5.39 -18.65
N LEU B 78 5.35 -6.45 -19.44
CA LEU B 78 6.10 -6.44 -20.71
C LEU B 78 5.67 -5.28 -21.62
N VAL B 79 4.36 -5.15 -21.81
CA VAL B 79 3.82 -4.09 -22.65
C VAL B 79 4.11 -2.72 -22.03
N MET B 80 3.86 -2.60 -20.73
CA MET B 80 4.09 -1.34 -20.05
C MET B 80 5.55 -0.90 -20.19
N PHE B 81 6.47 -1.82 -20.01
CA PHE B 81 7.89 -1.53 -20.12
C PHE B 81 8.28 -1.15 -21.54
N SER B 82 7.59 -1.70 -22.54
CA SER B 82 7.84 -1.37 -23.93
C SER B 82 7.40 0.05 -24.28
N LEU B 83 6.50 0.61 -23.48
CA LEU B 83 5.94 1.93 -23.75
C LEU B 83 6.69 3.07 -23.04
N GLN B 84 7.50 2.72 -22.03
CA GLN B 84 8.34 3.69 -21.27
C GLN B 84 7.63 4.98 -20.94
N ASP B 85 7.95 6.10 -21.58
CA ASP B 85 7.43 7.37 -21.10
C ASP B 85 5.94 7.55 -21.34
N LEU B 86 5.38 6.87 -22.34
CA LEU B 86 3.96 6.98 -22.64
C LEU B 86 3.03 6.44 -21.54
N ALA B 87 3.50 5.46 -20.78
CA ALA B 87 2.64 4.77 -19.81
C ALA B 87 2.89 5.22 -18.38
N TYR B 88 1.82 5.31 -17.60
CA TYR B 88 1.95 5.38 -16.16
C TYR B 88 2.53 4.04 -15.69
N MET B 89 3.60 4.10 -14.89
CA MET B 89 4.35 2.89 -14.56
C MET B 89 3.80 2.20 -13.31
N HIS B 90 2.61 1.65 -13.45
CA HIS B 90 1.97 0.81 -12.46
C HIS B 90 0.92 -0.03 -13.18
N VAL B 91 0.92 -1.33 -12.90
CA VAL B 91 -0.11 -2.24 -13.37
C VAL B 91 -1.18 -2.34 -12.29
N PRO B 92 -2.36 -1.74 -12.52
CA PRO B 92 -3.41 -1.82 -11.50
C PRO B 92 -3.94 -3.27 -11.31
N GLN B 93 -4.27 -3.62 -10.08
CA GLN B 93 -4.72 -4.96 -9.74
C GLN B 93 -6.22 -5.10 -9.56
N SER B 94 -6.92 -3.98 -9.58
CA SER B 94 -8.38 -3.93 -9.51
C SER B 94 -8.89 -2.77 -10.37
N LEU B 95 -10.20 -2.78 -10.58
CA LEU B 95 -10.89 -1.70 -11.28
C LEU B 95 -10.68 -0.39 -10.51
N GLU B 96 -10.84 -0.44 -9.18
CA GLU B 96 -10.60 0.72 -8.34
C GLU B 96 -9.21 1.32 -8.55
N GLU B 97 -8.18 0.49 -8.55
CA GLU B 97 -6.81 0.95 -8.85
C GLU B 97 -6.66 1.50 -10.28
N PHE B 98 -7.36 0.90 -11.24
CA PHE B 98 -7.29 1.37 -12.60
C PHE B 98 -7.76 2.84 -12.71
N ILE B 99 -8.86 3.12 -12.01
CA ILE B 99 -9.44 4.43 -11.99
C ILE B 99 -8.45 5.46 -11.40
N GLN B 100 -7.76 5.09 -10.32
CA GLN B 100 -6.70 5.95 -9.75
C GLN B 100 -5.56 6.12 -10.74
N ASP B 101 -5.06 5.03 -11.32
CA ASP B 101 -3.98 5.09 -12.30
C ASP B 101 -4.33 5.90 -13.58
N TRP B 102 -5.56 5.73 -14.08
CA TRP B 102 -6.06 6.44 -15.25
C TRP B 102 -6.07 7.99 -15.06
N SER B 103 -6.13 8.41 -13.80
CA SER B 103 -6.09 9.81 -13.37
C SER B 103 -4.79 10.56 -13.68
N HIS B 104 -3.74 9.85 -14.05
CA HIS B 104 -2.45 10.45 -14.35
C HIS B 104 -2.31 10.93 -15.78
N GLY B 105 -3.35 10.75 -16.60
CA GLY B 105 -3.34 11.21 -17.98
C GLY B 105 -2.47 10.44 -18.96
N LYS B 106 -1.94 9.29 -18.55
CA LYS B 106 -1.06 8.49 -19.40
C LYS B 106 -1.72 7.16 -19.75
N VAL B 107 -1.03 6.38 -20.58
CA VAL B 107 -1.47 5.03 -20.94
C VAL B 107 -1.41 4.18 -19.68
N VAL B 108 -2.44 3.37 -19.49
CA VAL B 108 -2.49 2.40 -18.39
C VAL B 108 -2.63 1.02 -18.97
N VAL B 109 -1.74 0.12 -18.53
CA VAL B 109 -1.75 -1.28 -18.92
C VAL B 109 -2.11 -2.15 -17.71
N THR B 110 -3.05 -3.06 -17.94
CA THR B 110 -3.59 -3.92 -16.91
C THR B 110 -3.61 -5.37 -17.34
N GLY B 111 -3.56 -6.26 -16.37
CA GLY B 111 -3.99 -7.65 -16.53
C GLY B 111 -5.31 -7.89 -15.84
N GLY B 112 -5.50 -9.11 -15.35
CA GLY B 112 -6.71 -9.47 -14.65
C GLY B 112 -6.94 -8.82 -13.31
N PHE B 113 -8.18 -8.92 -12.85
CA PHE B 113 -8.62 -8.38 -11.56
C PHE B 113 -9.08 -9.41 -10.53
N GLN B 114 -9.95 -10.33 -10.93
CA GLN B 114 -10.78 -11.08 -9.97
C GLN B 114 -11.17 -12.43 -10.52
N PRO B 115 -11.11 -13.49 -9.68
CA PRO B 115 -11.57 -14.81 -10.19
C PRO B 115 -13.01 -14.83 -10.76
N GLY B 116 -13.25 -15.73 -11.69
CA GLY B 116 -14.55 -15.96 -12.26
C GLY B 116 -14.85 -15.19 -13.52
N GLN B 117 -13.85 -14.53 -14.09
CA GLN B 117 -14.03 -13.75 -15.31
C GLN B 117 -12.77 -13.85 -16.13
N SER B 118 -12.81 -13.31 -17.35
CA SER B 118 -11.69 -13.23 -18.25
C SER B 118 -11.14 -11.80 -18.35
N THR B 119 -10.04 -11.65 -19.07
CA THR B 119 -9.49 -10.33 -19.36
C THR B 119 -10.37 -9.47 -20.31
N ALA B 120 -11.24 -10.11 -21.08
CA ALA B 120 -12.23 -9.39 -21.89
C ALA B 120 -13.20 -8.67 -20.98
N ALA B 121 -13.58 -9.30 -19.87
CA ALA B 121 -14.43 -8.63 -18.90
C ALA B 121 -13.70 -7.46 -18.25
N VAL B 122 -12.42 -7.64 -17.93
CA VAL B 122 -11.58 -6.54 -17.45
C VAL B 122 -11.56 -5.38 -18.47
N ALA B 123 -11.37 -5.69 -19.76
CA ALA B 123 -11.31 -4.67 -20.79
C ALA B 123 -12.62 -3.89 -20.90
N ALA B 124 -13.76 -4.57 -20.71
CA ALA B 124 -15.06 -3.94 -20.64
C ALA B 124 -15.21 -3.01 -19.44
N LEU B 125 -14.83 -3.50 -18.26
CA LEU B 125 -14.94 -2.75 -17.03
C LEU B 125 -14.10 -1.44 -17.08
N VAL B 126 -12.93 -1.59 -17.63
CA VAL B 126 -11.97 -0.54 -17.80
C VAL B 126 -12.43 0.46 -18.88
N ALA B 127 -13.04 -0.04 -19.97
CA ALA B 127 -13.67 0.83 -20.98
C ALA B 127 -14.80 1.65 -20.34
N GLU B 128 -15.61 0.99 -19.53
CA GLU B 128 -16.69 1.65 -18.82
C GLU B 128 -16.18 2.71 -17.83
N ALA B 129 -15.12 2.41 -17.10
CA ALA B 129 -14.64 3.33 -16.08
C ALA B 129 -13.90 4.53 -16.70
N SER B 130 -13.35 4.34 -17.89
CA SER B 130 -12.65 5.38 -18.59
C SER B 130 -13.53 6.17 -19.57
N SER B 131 -14.84 5.93 -19.56
CA SER B 131 -15.77 6.46 -20.57
C SER B 131 -15.31 6.25 -21.99
N SER B 132 -14.77 5.07 -22.27
CA SER B 132 -14.39 4.71 -23.62
C SER B 132 -15.66 4.21 -24.30
N LYS B 133 -15.90 4.64 -25.53
CA LYS B 133 -17.09 4.22 -26.25
C LYS B 133 -16.75 3.11 -27.21
N THR B 134 -15.47 2.83 -27.33
CA THR B 134 -14.98 1.75 -28.17
C THR B 134 -13.97 0.90 -27.42
N LEU B 135 -14.22 -0.42 -27.45
CA LEU B 135 -13.31 -1.45 -26.99
C LEU B 135 -12.86 -2.24 -28.22
N VAL B 136 -11.54 -2.26 -28.44
CA VAL B 136 -10.96 -3.08 -29.47
C VAL B 136 -10.43 -4.37 -28.87
N VAL B 137 -10.88 -5.50 -29.41
CA VAL B 137 -10.38 -6.82 -29.05
C VAL B 137 -9.48 -7.26 -30.18
N ALA B 138 -8.17 -7.24 -29.93
CA ALA B 138 -7.19 -7.64 -30.91
C ALA B 138 -6.76 -9.07 -30.63
N THR B 139 -7.15 -9.97 -31.54
CA THR B 139 -7.02 -11.39 -31.29
C THR B 139 -6.42 -12.12 -32.50
N ASN B 140 -6.35 -13.44 -32.43
CA ASN B 140 -5.66 -14.21 -33.45
C ASN B 140 -6.57 -14.66 -34.60
N VAL B 141 -7.72 -14.01 -34.72
CA VAL B 141 -8.67 -14.20 -35.82
C VAL B 141 -9.07 -12.82 -36.39
N ASP B 142 -9.60 -12.83 -37.60
CA ASP B 142 -9.93 -11.56 -38.29
C ASP B 142 -11.13 -10.82 -37.75
N GLY B 143 -12.03 -11.53 -37.07
CA GLY B 143 -13.25 -10.98 -36.59
C GLY B 143 -14.08 -12.07 -35.95
N VAL B 144 -15.37 -11.77 -35.76
CA VAL B 144 -16.35 -12.74 -35.25
C VAL B 144 -16.84 -13.56 -36.46
N TYR B 145 -16.72 -14.87 -36.37
CA TYR B 145 -17.25 -15.74 -37.40
C TYR B 145 -18.52 -16.38 -36.93
N GLU B 146 -19.23 -17.04 -37.86
CA GLU B 146 -20.50 -17.73 -37.54
C GLU B 146 -20.32 -18.71 -36.42
N LYS B 147 -19.18 -19.40 -36.45
CA LYS B 147 -18.75 -20.33 -35.41
C LYS B 147 -17.24 -20.12 -35.28
N ASP B 148 -16.63 -20.85 -34.35
CA ASP B 148 -15.21 -20.73 -34.07
C ASP B 148 -14.39 -21.07 -35.30
N PRO B 149 -13.67 -20.08 -35.88
CA PRO B 149 -12.93 -20.37 -37.11
C PRO B 149 -11.73 -21.27 -36.92
N ARG B 150 -11.26 -21.43 -35.69
CA ARG B 150 -10.08 -22.27 -35.45
C ARG B 150 -10.49 -23.73 -35.47
N ILE B 151 -11.77 -23.99 -35.19
CA ILE B 151 -12.37 -25.30 -35.44
C ILE B 151 -12.93 -25.40 -36.89
N TYR B 152 -14.02 -24.68 -37.13
CA TYR B 152 -14.89 -24.90 -38.29
C TYR B 152 -14.36 -24.27 -39.57
N ALA B 153 -14.07 -25.14 -40.53
CA ALA B 153 -13.62 -24.71 -41.85
C ALA B 153 -14.79 -24.04 -42.58
N ASP B 154 -14.46 -23.14 -43.50
CA ASP B 154 -15.41 -22.47 -44.39
C ASP B 154 -16.43 -21.56 -43.72
N VAL B 155 -16.22 -21.22 -42.47
CA VAL B 155 -17.18 -20.37 -41.77
C VAL B 155 -16.92 -18.90 -42.14
N LYS B 156 -17.97 -18.08 -42.17
CA LYS B 156 -17.88 -16.70 -42.67
C LYS B 156 -17.77 -15.64 -41.59
N LEU B 157 -16.90 -14.67 -41.83
CA LEU B 157 -16.72 -13.53 -40.93
C LEU B 157 -17.94 -12.64 -40.99
N ILE B 158 -18.42 -12.23 -39.83
CA ILE B 158 -19.57 -11.37 -39.70
C ILE B 158 -19.12 -9.92 -39.44
N PRO B 159 -19.17 -9.06 -40.47
CA PRO B 159 -18.60 -7.71 -40.32
C PRO B 159 -19.35 -6.80 -39.36
N HIS B 160 -20.65 -7.00 -39.20
CA HIS B 160 -21.45 -6.17 -38.31
C HIS B 160 -22.53 -6.98 -37.64
N LEU B 161 -22.62 -6.88 -36.32
CA LEU B 161 -23.58 -7.65 -35.53
C LEU B 161 -23.90 -6.92 -34.24
N THR B 162 -24.86 -7.45 -33.47
CA THR B 162 -25.19 -6.88 -32.17
C THR B 162 -24.71 -7.77 -31.03
N THR B 163 -24.81 -7.28 -29.80
CA THR B 163 -24.44 -8.09 -28.64
C THR B 163 -25.36 -9.32 -28.42
N GLN B 164 -26.64 -9.20 -28.80
CA GLN B 164 -27.57 -10.37 -28.76
C GLN B 164 -27.22 -11.43 -29.82
N ASP B 165 -26.79 -11.02 -31.01
CA ASP B 165 -26.21 -11.94 -31.99
C ASP B 165 -24.99 -12.67 -31.43
N LEU B 166 -24.08 -11.92 -30.83
CA LEU B 166 -22.84 -12.49 -30.30
C LEU B 166 -23.16 -13.48 -29.20
N ARG B 167 -24.09 -13.11 -28.34
CA ARG B 167 -24.54 -13.98 -27.25
C ARG B 167 -24.99 -15.34 -27.79
N LYS B 168 -25.75 -15.33 -28.87
CA LYS B 168 -26.22 -16.54 -29.54
C LYS B 168 -25.10 -17.34 -30.22
N ILE B 169 -24.18 -16.62 -30.87
CA ILE B 169 -23.00 -17.24 -31.49
C ILE B 169 -22.12 -17.95 -30.47
N LEU B 170 -21.95 -17.33 -29.30
CA LEU B 170 -21.09 -17.85 -28.24
C LEU B 170 -21.86 -18.69 -27.21
N GLU B 171 -23.19 -18.71 -27.30
CA GLU B 171 -24.10 -19.15 -26.23
C GLU B 171 -24.00 -18.25 -25.00
N GLU B 182 -12.38 -17.49 -25.95
CA GLU B 182 -13.66 -17.05 -25.38
C GLU B 182 -14.17 -15.73 -25.99
N LEU B 183 -13.27 -14.92 -26.51
CA LEU B 183 -13.62 -13.62 -27.13
C LEU B 183 -14.23 -12.61 -26.15
N LEU B 184 -15.49 -12.81 -25.75
CA LEU B 184 -16.16 -12.02 -24.72
C LEU B 184 -16.94 -12.95 -23.79
N ASP B 185 -16.79 -12.77 -22.49
CA ASP B 185 -17.53 -13.58 -21.52
C ASP B 185 -18.82 -12.84 -21.10
N PRO B 186 -19.66 -13.48 -20.27
CA PRO B 186 -20.91 -12.85 -19.82
C PRO B 186 -20.78 -11.49 -19.15
N LEU B 187 -19.77 -11.32 -18.28
CA LEU B 187 -19.56 -10.02 -17.65
C LEU B 187 -19.20 -8.98 -18.69
N ALA B 188 -18.30 -9.31 -19.60
CA ALA B 188 -17.94 -8.38 -20.66
C ALA B 188 -19.18 -7.90 -21.44
N ILE B 189 -20.06 -8.83 -21.80
CA ILE B 189 -21.27 -8.48 -22.57
C ILE B 189 -22.24 -7.62 -21.78
N LYS B 190 -22.45 -7.99 -20.52
CA LYS B 190 -23.30 -7.20 -19.64
C LYS B 190 -22.82 -5.74 -19.51
N ILE B 191 -21.51 -5.57 -19.35
CA ILE B 191 -20.94 -4.25 -19.19
C ILE B 191 -21.06 -3.43 -20.48
N VAL B 192 -20.70 -4.01 -21.62
CA VAL B 192 -20.74 -3.23 -22.85
C VAL B 192 -22.17 -2.89 -23.26
N GLU B 193 -23.12 -3.76 -22.89
CA GLU B 193 -24.55 -3.48 -23.07
C GLU B 193 -25.00 -2.35 -22.16
N ARG B 194 -24.75 -2.44 -20.86
CA ARG B 194 -25.29 -1.42 -19.95
C ARG B 194 -24.63 -0.04 -20.19
N SER B 195 -23.41 -0.01 -20.67
CA SER B 195 -22.75 1.28 -20.91
C SER B 195 -22.66 1.62 -22.39
N LYS B 196 -23.28 0.82 -23.26
CA LYS B 196 -23.36 1.09 -24.70
C LYS B 196 -22.01 1.32 -25.34
N ILE B 197 -21.13 0.35 -25.09
CA ILE B 197 -19.79 0.38 -25.60
C ILE B 197 -19.80 -0.48 -26.85
N ARG B 198 -19.29 0.06 -27.94
CA ARG B 198 -19.15 -0.70 -29.15
C ARG B 198 -17.80 -1.45 -29.13
N VAL B 199 -17.82 -2.70 -29.64
CA VAL B 199 -16.69 -3.58 -29.58
C VAL B 199 -16.27 -3.86 -30.99
N ILE B 200 -14.99 -3.71 -31.27
CA ILE B 200 -14.41 -4.08 -32.54
C ILE B 200 -13.49 -5.25 -32.34
N VAL B 201 -13.78 -6.37 -33.01
CA VAL B 201 -12.90 -7.52 -33.02
C VAL B 201 -12.02 -7.52 -34.27
N MET B 202 -10.72 -7.64 -34.08
CA MET B 202 -9.77 -7.58 -35.17
C MET B 202 -8.58 -8.51 -34.94
N ASN B 203 -7.84 -8.78 -35.99
CA ASN B 203 -6.62 -9.56 -35.89
C ASN B 203 -5.51 -8.65 -35.38
N TYR B 204 -4.76 -9.08 -34.36
CA TYR B 204 -3.67 -8.27 -33.82
C TYR B 204 -2.54 -8.06 -34.82
N ARG B 205 -2.42 -8.97 -35.79
CA ARG B 205 -1.57 -8.75 -36.95
C ARG B 205 -1.85 -7.46 -37.75
N LYS B 206 -3.06 -6.92 -37.63
CA LYS B 206 -3.45 -5.68 -38.29
C LYS B 206 -3.39 -4.48 -37.35
N LEU B 207 -2.69 -4.63 -36.23
CA LEU B 207 -2.54 -3.49 -35.30
C LEU B 207 -1.78 -2.34 -35.98
N ASN B 208 -0.84 -2.67 -36.89
CA ASN B 208 -0.14 -1.67 -37.74
C ASN B 208 -1.12 -0.78 -38.48
N ARG B 209 -2.27 -1.35 -38.85
CA ARG B 209 -3.37 -0.65 -39.54
C ARG B 209 -4.53 -0.23 -38.64
N ILE B 210 -4.26 0.01 -37.35
CA ILE B 210 -5.34 0.27 -36.35
C ILE B 210 -6.29 1.48 -36.60
N ILE B 211 -5.77 2.61 -37.09
CA ILE B 211 -6.60 3.82 -37.42
C ILE B 211 -7.61 3.55 -38.53
N ASP B 212 -7.16 2.82 -39.55
CA ASP B 212 -8.06 2.39 -40.64
C ASP B 212 -9.17 1.48 -40.16
N ILE B 213 -8.87 0.59 -39.20
CA ILE B 213 -9.92 -0.23 -38.60
C ILE B 213 -10.97 0.62 -37.88
N LEU B 214 -10.53 1.59 -37.10
CA LEU B 214 -11.47 2.48 -36.39
C LEU B 214 -12.37 3.30 -37.32
N LYS B 215 -11.89 3.55 -38.55
CA LYS B 215 -12.65 4.25 -39.59
C LYS B 215 -13.62 3.31 -40.33
N GLY B 216 -13.45 2.00 -40.11
CA GLY B 216 -14.28 0.98 -40.70
C GLY B 216 -13.80 0.60 -42.07
N GLU B 217 -12.52 0.80 -42.33
CA GLU B 217 -11.99 0.67 -43.67
C GLU B 217 -11.05 -0.51 -43.79
N GLU B 218 -11.20 -1.50 -42.91
CA GLU B 218 -10.36 -2.68 -42.97
C GLU B 218 -11.13 -3.88 -42.38
N VAL B 219 -10.62 -5.09 -42.59
CA VAL B 219 -11.33 -6.29 -42.14
C VAL B 219 -11.40 -6.35 -40.62
N SER B 220 -12.62 -6.43 -40.11
CA SER B 220 -12.92 -6.46 -38.68
C SER B 220 -14.39 -6.81 -38.48
N SER B 221 -14.79 -7.05 -37.24
CA SER B 221 -16.20 -7.18 -36.89
C SER B 221 -16.55 -6.11 -35.88
N ILE B 222 -17.61 -5.37 -36.14
CA ILE B 222 -18.11 -4.36 -35.23
C ILE B 222 -19.33 -4.91 -34.55
N ILE B 223 -19.32 -4.92 -33.22
CA ILE B 223 -20.43 -5.40 -32.40
C ILE B 223 -21.11 -4.21 -31.74
N GLU B 224 -22.39 -4.03 -32.04
CA GLU B 224 -23.19 -2.92 -31.51
C GLU B 224 -23.91 -3.38 -30.25
N PRO B 225 -23.89 -2.55 -29.20
CA PRO B 225 -24.55 -2.90 -27.96
C PRO B 225 -26.07 -2.73 -28.08
N VAL B 226 -26.82 -3.75 -27.68
CA VAL B 226 -28.28 -3.66 -27.63
C VAL B 226 -28.82 -4.15 -26.29
N MET C 1 -14.16 -26.12 10.60
CA MET C 1 -14.64 -25.82 9.23
C MET C 1 -14.75 -24.31 9.02
N ASN C 2 -14.72 -23.88 7.78
CA ASN C 2 -14.88 -22.48 7.42
C ASN C 2 -16.27 -22.26 6.88
N ILE C 3 -16.91 -21.17 7.31
CA ILE C 3 -18.21 -20.78 6.82
C ILE C 3 -18.24 -19.28 6.50
N ILE C 4 -18.96 -18.92 5.44
CA ILE C 4 -19.20 -17.51 5.09
C ILE C 4 -20.65 -17.14 5.37
N LEU C 5 -20.83 -16.00 6.00
CA LEU C 5 -22.15 -15.47 6.29
C LEU C 5 -22.35 -14.16 5.49
N LYS C 6 -23.23 -14.16 4.48
CA LYS C 6 -23.66 -12.92 3.80
C LYS C 6 -24.85 -12.32 4.58
N ILE C 7 -24.70 -11.05 4.97
CA ILE C 7 -25.72 -10.32 5.70
C ILE C 7 -26.31 -9.30 4.72
N SER C 8 -27.58 -9.46 4.38
CA SER C 8 -28.31 -8.52 3.54
C SER C 8 -28.12 -7.08 4.00
N GLY C 9 -28.06 -6.16 3.04
CA GLY C 9 -28.01 -4.74 3.36
C GLY C 9 -29.21 -4.25 4.15
N LYS C 10 -30.35 -4.91 3.94
CA LYS C 10 -31.61 -4.64 4.65
C LYS C 10 -31.48 -4.79 6.16
N PHE C 11 -30.60 -5.67 6.61
CA PHE C 11 -30.28 -5.80 8.01
C PHE C 11 -29.80 -4.46 8.61
N PHE C 12 -29.10 -3.68 7.78
CA PHE C 12 -28.51 -2.42 8.24
C PHE C 12 -29.49 -1.25 8.13
N ASP C 13 -30.48 -1.40 7.26
CA ASP C 13 -31.55 -0.41 7.06
C ASP C 13 -32.45 -0.30 8.27
N GLU C 14 -32.58 -1.39 9.02
CA GLU C 14 -33.47 -1.45 10.20
C GLU C 14 -33.05 -0.57 11.38
N ASP C 15 -31.78 -0.28 11.52
CA ASP C 15 -31.35 0.68 12.54
C ASP C 15 -31.65 0.25 14.00
N ASN C 16 -31.72 -1.05 14.30
CA ASN C 16 -31.87 -1.47 15.69
C ASN C 16 -30.68 -2.24 16.24
N VAL C 17 -30.49 -2.03 17.53
CA VAL C 17 -29.40 -2.57 18.30
C VAL C 17 -29.42 -4.11 18.23
N ASP C 18 -30.58 -4.71 18.46
CA ASP C 18 -30.69 -6.16 18.59
C ASP C 18 -29.99 -6.87 17.44
N ASN C 19 -30.33 -6.50 16.21
CA ASN C 19 -29.71 -7.04 15.00
C ASN C 19 -28.21 -7.27 15.16
N LEU C 20 -27.51 -6.24 15.61
CA LEU C 20 -26.06 -6.26 15.74
C LEU C 20 -25.63 -7.15 16.90
N ILE C 21 -26.36 -7.02 18.01
CA ILE C 21 -26.11 -7.83 19.20
C ILE C 21 -26.35 -9.31 18.88
N VAL C 22 -27.40 -9.59 18.10
CA VAL C 22 -27.73 -10.96 17.69
C VAL C 22 -26.84 -11.53 16.56
N LEU C 23 -26.31 -10.69 15.67
CA LEU C 23 -25.22 -11.10 14.74
C LEU C 23 -23.97 -11.39 15.57
N ARG C 24 -23.62 -10.43 16.41
CA ARG C 24 -22.47 -10.56 17.29
C ARG C 24 -22.49 -11.95 17.98
N GLN C 25 -23.59 -12.29 18.67
CA GLN C 25 -23.67 -13.57 19.45
C GLN C 25 -23.59 -14.86 18.61
N SER C 26 -24.17 -14.82 17.41
CA SER C 26 -24.04 -15.93 16.46
C SER C 26 -22.58 -16.30 16.18
N ILE C 27 -21.76 -15.31 15.81
CA ILE C 27 -20.38 -15.60 15.41
C ILE C 27 -19.60 -16.16 16.58
N LYS C 28 -19.90 -15.63 17.77
CA LYS C 28 -19.33 -16.18 19.01
C LYS C 28 -19.91 -17.59 19.25
N GLU C 29 -21.18 -17.81 18.89
CA GLU C 29 -21.74 -19.18 18.86
C GLU C 29 -21.02 -20.05 17.82
N LEU C 30 -20.83 -19.52 16.61
CA LEU C 30 -20.14 -20.27 15.54
C LEU C 30 -18.68 -20.57 15.91
N ALA C 31 -17.97 -19.56 16.40
CA ALA C 31 -16.60 -19.72 16.84
C ALA C 31 -16.49 -20.81 17.90
N ASP C 32 -17.32 -20.70 18.93
CA ASP C 32 -17.35 -21.67 20.03
C ASP C 32 -17.71 -23.08 19.56
N ASN C 33 -18.39 -23.19 18.42
CA ASN C 33 -18.67 -24.50 17.82
C ASN C 33 -17.61 -24.97 16.82
N GLY C 34 -16.44 -24.31 16.77
CA GLY C 34 -15.33 -24.75 15.91
C GLY C 34 -15.30 -24.21 14.47
N PHE C 35 -16.12 -23.21 14.19
CA PHE C 35 -16.14 -22.59 12.87
C PHE C 35 -15.24 -21.37 12.79
N ARG C 36 -14.51 -21.24 11.68
CA ARG C 36 -13.96 -19.96 11.26
C ARG C 36 -14.99 -19.27 10.39
N VAL C 37 -15.24 -18.00 10.66
CA VAL C 37 -16.29 -17.25 9.99
C VAL C 37 -15.73 -16.06 9.21
N GLY C 38 -16.21 -15.92 7.99
CA GLY C 38 -16.03 -14.72 7.18
C GLY C 38 -17.41 -14.14 6.98
N ILE C 39 -17.49 -12.81 6.93
CA ILE C 39 -18.76 -12.09 6.81
C ILE C 39 -18.66 -11.12 5.66
N VAL C 40 -19.72 -11.08 4.84
CA VAL C 40 -19.89 -10.12 3.76
C VAL C 40 -21.19 -9.34 4.02
N THR C 41 -21.08 -8.00 4.01
CA THR C 41 -22.20 -7.11 4.29
C THR C 41 -22.68 -6.43 3.00
N GLY C 42 -24.00 -6.37 2.83
CA GLY C 42 -24.62 -5.66 1.72
C GLY C 42 -24.62 -4.15 1.95
N GLY C 43 -24.96 -3.42 0.88
CA GLY C 43 -24.92 -1.97 0.88
C GLY C 43 -26.24 -1.36 1.37
N GLY C 44 -27.34 -2.10 1.16
CA GLY C 44 -28.66 -1.69 1.65
C GLY C 44 -29.19 -0.40 1.03
N SER C 45 -29.93 0.36 1.82
CA SER C 45 -30.59 1.58 1.31
C SER C 45 -29.62 2.74 1.14
N THR C 46 -28.59 2.79 1.99
CA THR C 46 -27.50 3.75 1.82
C THR C 46 -26.91 3.65 0.43
N ALA C 47 -26.65 2.43 -0.02
CA ALA C 47 -26.14 2.24 -1.36
C ALA C 47 -27.08 2.77 -2.43
N ARG C 48 -28.32 2.32 -2.39
CA ARG C 48 -29.32 2.72 -3.37
C ARG C 48 -29.51 4.24 -3.46
N ARG C 49 -29.58 4.86 -2.29
CA ARG C 49 -29.65 6.32 -2.08
C ARG C 49 -28.48 7.09 -2.75
N TYR C 50 -27.22 6.67 -2.53
CA TYR C 50 -26.08 7.29 -3.20
C TYR C 50 -26.08 7.05 -4.70
N ILE C 51 -26.41 5.81 -5.07
CA ILE C 51 -26.53 5.44 -6.47
C ILE C 51 -27.59 6.32 -7.22
N LYS C 52 -28.76 6.49 -6.60
CA LYS C 52 -29.86 7.22 -7.22
C LYS C 52 -29.47 8.68 -7.48
N LEU C 53 -28.96 9.32 -6.44
CA LEU C 53 -28.44 10.70 -6.56
C LEU C 53 -27.35 10.82 -7.62
N ALA C 54 -26.37 9.91 -7.62
CA ALA C 54 -25.27 10.00 -8.56
C ALA C 54 -25.74 9.76 -10.00
N ARG C 55 -26.68 8.83 -10.16
CA ARG C 55 -27.28 8.55 -11.45
C ARG C 55 -28.01 9.79 -12.02
N GLU C 56 -28.69 10.53 -11.15
CA GLU C 56 -29.37 11.78 -11.57
C GLU C 56 -28.44 12.85 -12.14
N ILE C 57 -27.18 12.86 -11.71
CA ILE C 57 -26.24 13.84 -12.23
C ILE C 57 -25.41 13.26 -13.36
N GLY C 58 -25.78 12.07 -13.84
CA GLY C 58 -25.10 11.52 -15.00
C GLY C 58 -23.83 10.73 -14.72
N ILE C 59 -23.59 10.36 -13.48
CA ILE C 59 -22.40 9.57 -13.14
C ILE C 59 -22.52 8.17 -13.76
N GLY C 60 -21.46 7.73 -14.42
CA GLY C 60 -21.46 6.43 -15.11
C GLY C 60 -21.56 5.21 -14.19
N GLU C 61 -21.93 4.11 -14.82
CA GLU C 61 -22.33 2.89 -14.10
C GLU C 61 -21.20 2.31 -13.21
N ALA C 62 -19.95 2.43 -13.66
CA ALA C 62 -18.81 1.94 -12.88
C ALA C 62 -18.76 2.61 -11.53
N TYR C 63 -18.94 3.93 -11.55
CA TYR C 63 -18.85 4.78 -10.37
C TYR C 63 -20.09 4.65 -9.48
N LEU C 64 -21.24 4.37 -10.07
CA LEU C 64 -22.43 4.02 -9.29
C LEU C 64 -22.20 2.74 -8.50
N ASP C 65 -21.69 1.69 -9.16
CA ASP C 65 -21.34 0.45 -8.43
C ASP C 65 -20.35 0.73 -7.30
N LEU C 66 -19.35 1.57 -7.59
CA LEU C 66 -18.35 1.89 -6.57
C LEU C 66 -18.93 2.58 -5.36
N LEU C 67 -19.91 3.47 -5.56
CA LEU C 67 -20.61 4.07 -4.44
C LEU C 67 -21.37 3.02 -3.65
N GLY C 68 -22.02 2.10 -4.34
CA GLY C 68 -22.65 0.97 -3.66
C GLY C 68 -21.65 0.14 -2.88
N ILE C 69 -20.49 -0.09 -3.47
CA ILE C 69 -19.40 -0.82 -2.77
C ILE C 69 -18.93 -0.12 -1.49
N TRP C 70 -18.69 1.20 -1.58
CA TRP C 70 -18.35 1.96 -0.39
C TRP C 70 -19.42 1.91 0.69
N ALA C 71 -20.69 1.96 0.31
CA ALA C 71 -21.77 1.83 1.31
C ALA C 71 -21.72 0.46 1.98
N SER C 72 -21.50 -0.60 1.21
CA SER C 72 -21.32 -1.94 1.80
C SER C 72 -20.13 -2.04 2.75
N ARG C 73 -19.06 -1.30 2.43
CA ARG C 73 -17.88 -1.27 3.27
C ARG C 73 -18.13 -0.57 4.57
N LEU C 74 -18.94 0.48 4.55
CA LEU C 74 -19.34 1.15 5.80
C LEU C 74 -20.07 0.16 6.73
N ASN C 75 -20.95 -0.65 6.17
CA ASN C 75 -21.59 -1.70 6.98
C ASN C 75 -20.60 -2.73 7.49
N ALA C 76 -19.58 -3.04 6.67
CA ALA C 76 -18.55 -3.97 7.08
C ALA C 76 -17.76 -3.45 8.27
N TYR C 77 -17.39 -2.17 8.24
CA TYR C 77 -16.70 -1.56 9.37
C TYR C 77 -17.52 -1.63 10.64
N LEU C 78 -18.81 -1.33 10.52
CA LEU C 78 -19.70 -1.39 11.69
C LEU C 78 -19.64 -2.78 12.32
N VAL C 79 -19.82 -3.80 11.48
CA VAL C 79 -19.79 -5.18 11.97
C VAL C 79 -18.43 -5.52 12.53
N MET C 80 -17.38 -5.15 11.81
CA MET C 80 -16.04 -5.46 12.28
C MET C 80 -15.75 -4.82 13.63
N PHE C 81 -16.18 -3.57 13.80
CA PHE C 81 -15.96 -2.86 15.05
C PHE C 81 -16.77 -3.49 16.19
N SER C 82 -17.92 -4.07 15.88
CA SER C 82 -18.73 -4.76 16.87
C SER C 82 -18.12 -6.08 17.34
N LEU C 83 -17.16 -6.61 16.58
CA LEU C 83 -16.56 -7.90 16.90
C LEU C 83 -15.25 -7.79 17.65
N GLN C 84 -14.61 -6.62 17.58
CA GLN C 84 -13.46 -6.29 18.41
C GLN C 84 -12.32 -7.31 18.31
N ASP C 85 -12.07 -8.07 19.35
CA ASP C 85 -10.90 -8.92 19.31
C ASP C 85 -11.07 -10.12 18.36
N LEU C 86 -12.30 -10.55 18.10
CA LEU C 86 -12.55 -11.69 17.22
C LEU C 86 -12.11 -11.48 15.76
N ALA C 87 -12.12 -10.24 15.30
CA ALA C 87 -11.92 -9.95 13.89
C ALA C 87 -10.52 -9.40 13.61
N TYR C 88 -9.98 -9.78 12.46
CA TYR C 88 -8.83 -9.07 11.93
C TYR C 88 -9.30 -7.70 11.51
N MET C 89 -8.59 -6.65 11.93
CA MET C 89 -9.12 -5.29 11.80
C MET C 89 -8.68 -4.64 10.51
N HIS C 90 -9.21 -5.16 9.41
CA HIS C 90 -9.02 -4.60 8.09
C HIS C 90 -10.19 -5.10 7.26
N VAL C 91 -10.83 -4.21 6.51
CA VAL C 91 -11.82 -4.61 5.52
C VAL C 91 -11.12 -4.76 4.17
N PRO C 92 -11.02 -6.01 3.66
CA PRO C 92 -10.39 -6.19 2.36
C PRO C 92 -11.21 -5.64 1.21
N GLN C 93 -10.53 -5.09 0.21
CA GLN C 93 -11.19 -4.41 -0.91
C GLN C 93 -11.22 -5.21 -2.17
N SER C 94 -10.54 -6.37 -2.15
CA SER C 94 -10.54 -7.29 -3.26
C SER C 94 -10.47 -8.73 -2.71
N LEU C 95 -10.70 -9.69 -3.61
CA LEU C 95 -10.57 -11.11 -3.29
C LEU C 95 -9.12 -11.41 -2.89
N GLU C 96 -8.17 -10.87 -3.65
CA GLU C 96 -6.75 -10.98 -3.30
C GLU C 96 -6.43 -10.52 -1.88
N GLU C 97 -6.95 -9.36 -1.48
CA GLU C 97 -6.79 -8.87 -0.11
C GLU C 97 -7.49 -9.72 0.94
N PHE C 98 -8.62 -10.29 0.58
CA PHE C 98 -9.35 -11.16 1.49
C PHE C 98 -8.48 -12.39 1.86
N ILE C 99 -7.86 -12.95 0.83
CA ILE C 99 -7.01 -14.11 1.00
C ILE C 99 -5.86 -13.82 1.94
N GLN C 100 -5.25 -12.65 1.80
CA GLN C 100 -4.20 -12.20 2.72
C GLN C 100 -4.76 -12.00 4.13
N ASP C 101 -5.92 -11.32 4.23
CA ASP C 101 -6.55 -11.07 5.52
C ASP C 101 -6.97 -12.36 6.25
N TRP C 102 -7.54 -13.30 5.52
CA TRP C 102 -7.96 -14.58 6.04
C TRP C 102 -6.78 -15.38 6.64
N SER C 103 -5.56 -15.08 6.18
CA SER C 103 -4.33 -15.71 6.68
C SER C 103 -3.98 -15.42 8.13
N HIS C 104 -4.69 -14.49 8.77
CA HIS C 104 -4.44 -14.15 10.16
C HIS C 104 -5.21 -15.00 11.17
N GLY C 105 -5.99 -15.96 10.71
CA GLY C 105 -6.73 -16.86 11.60
C GLY C 105 -7.92 -16.28 12.34
N LYS C 106 -8.35 -15.06 11.99
CA LYS C 106 -9.45 -14.40 12.68
C LYS C 106 -10.62 -14.18 11.73
N VAL C 107 -11.71 -13.66 12.26
CA VAL C 107 -12.87 -13.29 11.46
C VAL C 107 -12.49 -12.16 10.49
N VAL C 108 -12.93 -12.30 9.26
CA VAL C 108 -12.73 -11.25 8.27
C VAL C 108 -14.10 -10.79 7.83
N VAL C 109 -14.29 -9.46 7.85
CA VAL C 109 -15.48 -8.80 7.35
C VAL C 109 -15.18 -7.98 6.09
N THR C 110 -15.97 -8.23 5.06
CA THR C 110 -15.79 -7.61 3.79
C THR C 110 -17.08 -6.97 3.31
N GLY C 111 -16.93 -5.94 2.46
CA GLY C 111 -18.01 -5.45 1.56
C GLY C 111 -17.74 -5.87 0.12
N GLY C 112 -18.16 -5.03 -0.80
CA GLY C 112 -17.93 -5.30 -2.19
C GLY C 112 -16.48 -5.23 -2.67
N PHE C 113 -16.28 -5.72 -3.88
CA PHE C 113 -15.00 -5.75 -4.56
C PHE C 113 -14.95 -4.95 -5.89
N GLN C 114 -15.91 -5.20 -6.78
CA GLN C 114 -15.74 -4.85 -8.20
C GLN C 114 -17.07 -4.55 -8.85
N PRO C 115 -17.13 -3.52 -9.70
CA PRO C 115 -18.37 -3.27 -10.43
C PRO C 115 -18.94 -4.46 -11.24
N GLY C 116 -20.27 -4.49 -11.37
CA GLY C 116 -20.94 -5.45 -12.23
C GLY C 116 -21.40 -6.72 -11.51
N GLN C 117 -21.31 -6.72 -10.19
CA GLN C 117 -21.73 -7.85 -9.38
C GLN C 117 -22.34 -7.35 -8.10
N SER C 118 -22.86 -8.28 -7.30
CA SER C 118 -23.42 -7.99 -5.97
C SER C 118 -22.54 -8.53 -4.87
N THR C 119 -22.89 -8.19 -3.64
CA THR C 119 -22.22 -8.74 -2.48
C THR C 119 -22.49 -10.25 -2.26
N ALA C 120 -23.51 -10.80 -2.91
CA ALA C 120 -23.69 -12.26 -2.94
C ALA C 120 -22.61 -12.94 -3.75
N ALA C 121 -22.18 -12.31 -4.83
CA ALA C 121 -21.08 -12.82 -5.61
C ALA C 121 -19.77 -12.74 -4.82
N VAL C 122 -19.60 -11.66 -4.05
CA VAL C 122 -18.47 -11.52 -3.15
C VAL C 122 -18.44 -12.67 -2.14
N ALA C 123 -19.60 -12.95 -1.54
CA ALA C 123 -19.71 -14.00 -0.55
C ALA C 123 -19.33 -15.37 -1.14
N ALA C 124 -19.75 -15.62 -2.38
CA ALA C 124 -19.41 -16.85 -3.08
C ALA C 124 -17.92 -16.93 -3.37
N LEU C 125 -17.32 -15.82 -3.82
CA LEU C 125 -15.87 -15.78 -4.10
C LEU C 125 -15.03 -16.05 -2.87
N VAL C 126 -15.46 -15.48 -1.77
CA VAL C 126 -14.81 -15.53 -0.49
C VAL C 126 -15.01 -16.94 0.13
N ALA C 127 -16.20 -17.51 -0.05
CA ALA C 127 -16.42 -18.92 0.31
C ALA C 127 -15.48 -19.82 -0.46
N GLU C 128 -15.39 -19.62 -1.77
CA GLU C 128 -14.48 -20.41 -2.60
C GLU C 128 -13.00 -20.27 -2.15
N ALA C 129 -12.56 -19.05 -1.90
CA ALA C 129 -11.16 -18.79 -1.52
C ALA C 129 -10.81 -19.29 -0.11
N SER C 130 -11.80 -19.35 0.80
CA SER C 130 -11.59 -19.86 2.15
C SER C 130 -11.86 -21.39 2.31
N SER C 131 -12.13 -22.08 1.20
CA SER C 131 -12.60 -23.47 1.23
C SER C 131 -13.78 -23.69 2.16
N SER C 132 -14.71 -22.76 2.15
CA SER C 132 -15.94 -22.90 2.91
C SER C 132 -16.88 -23.74 2.08
N LYS C 133 -17.42 -24.81 2.67
CA LYS C 133 -18.35 -25.74 2.00
C LYS C 133 -19.77 -25.19 2.02
N THR C 134 -20.01 -24.22 2.92
CA THR C 134 -21.34 -23.63 3.15
C THR C 134 -21.25 -22.10 3.18
N LEU C 135 -22.13 -21.49 2.40
CA LEU C 135 -22.40 -20.06 2.39
C LEU C 135 -23.81 -19.87 2.92
N VAL C 136 -23.92 -19.10 3.99
CA VAL C 136 -25.22 -18.69 4.54
C VAL C 136 -25.59 -17.29 4.09
N VAL C 137 -26.76 -17.16 3.44
CA VAL C 137 -27.31 -15.86 2.99
C VAL C 137 -28.41 -15.50 3.98
N ALA C 138 -28.13 -14.56 4.88
CA ALA C 138 -29.06 -14.14 5.93
C ALA C 138 -29.75 -12.87 5.46
N THR C 139 -31.02 -13.01 5.10
CA THR C 139 -31.73 -11.94 4.41
C THR C 139 -33.08 -11.68 5.09
N ASN C 140 -33.91 -10.86 4.48
CA ASN C 140 -35.15 -10.39 5.13
C ASN C 140 -36.37 -11.25 4.76
N VAL C 141 -36.10 -12.47 4.30
CA VAL C 141 -37.11 -13.38 3.79
C VAL C 141 -36.70 -14.74 4.37
N ASP C 142 -37.62 -15.67 4.64
CA ASP C 142 -37.32 -16.93 5.39
C ASP C 142 -36.52 -17.93 4.58
N GLY C 143 -36.53 -17.77 3.27
CA GLY C 143 -35.93 -18.74 2.42
C GLY C 143 -36.23 -18.36 1.00
N VAL C 144 -35.98 -19.29 0.08
CA VAL C 144 -36.28 -19.12 -1.33
C VAL C 144 -37.73 -19.49 -1.61
N TYR C 145 -38.36 -18.66 -2.45
CA TYR C 145 -39.74 -18.84 -2.87
C TYR C 145 -39.75 -19.14 -4.36
N GLU C 146 -40.90 -19.63 -4.83
CA GLU C 146 -41.16 -19.90 -6.25
C GLU C 146 -41.04 -18.62 -7.07
N LYS C 147 -41.29 -17.48 -6.43
CA LYS C 147 -41.14 -16.19 -7.06
C LYS C 147 -40.97 -15.13 -5.99
N ASP C 148 -40.63 -13.90 -6.40
CA ASP C 148 -40.31 -12.82 -5.45
C ASP C 148 -41.49 -12.61 -4.50
N PRO C 149 -41.31 -12.88 -3.19
CA PRO C 149 -42.45 -12.71 -2.28
C PRO C 149 -42.86 -11.25 -2.05
N ARG C 150 -41.95 -10.30 -2.28
CA ARG C 150 -42.28 -8.88 -2.14
C ARG C 150 -43.18 -8.47 -3.30
N ILE C 151 -42.79 -8.87 -4.51
CA ILE C 151 -43.53 -8.55 -5.73
C ILE C 151 -44.76 -9.45 -5.97
N TYR C 152 -44.92 -10.54 -5.20
CA TYR C 152 -45.96 -11.55 -5.47
C TYR C 152 -46.64 -12.08 -4.21
N ALA C 153 -47.97 -12.06 -4.20
CA ALA C 153 -48.78 -12.60 -3.09
C ALA C 153 -48.94 -14.12 -3.22
N ASP C 154 -49.16 -14.78 -2.07
CA ASP C 154 -49.34 -16.24 -2.01
C ASP C 154 -48.33 -17.05 -2.88
N VAL C 155 -47.10 -17.11 -2.40
CA VAL C 155 -46.05 -17.98 -2.94
C VAL C 155 -45.56 -18.84 -1.77
N LYS C 156 -44.95 -19.99 -2.06
CA LYS C 156 -44.53 -20.94 -1.01
C LYS C 156 -42.98 -21.05 -0.86
N LEU C 157 -42.51 -21.31 0.37
CA LEU C 157 -41.09 -21.49 0.66
C LEU C 157 -40.62 -22.86 0.20
N ILE C 158 -39.49 -22.88 -0.52
CA ILE C 158 -38.89 -24.11 -1.03
C ILE C 158 -37.74 -24.51 -0.09
N PRO C 159 -37.96 -25.54 0.76
CA PRO C 159 -36.93 -25.88 1.74
C PRO C 159 -35.66 -26.49 1.17
N HIS C 160 -35.71 -27.00 -0.04
CA HIS C 160 -34.58 -27.73 -0.59
C HIS C 160 -34.68 -27.74 -2.10
N LEU C 161 -33.62 -27.25 -2.75
CA LEU C 161 -33.59 -27.08 -4.19
C LEU C 161 -32.14 -27.13 -4.69
N THR C 162 -31.95 -27.05 -6.00
CA THR C 162 -30.63 -27.02 -6.61
C THR C 162 -30.38 -25.65 -7.17
N THR C 163 -29.12 -25.42 -7.59
CA THR C 163 -28.75 -24.17 -8.25
C THR C 163 -29.41 -23.99 -9.61
N GLN C 164 -29.72 -25.10 -10.30
CA GLN C 164 -30.43 -25.01 -11.58
C GLN C 164 -31.91 -24.62 -11.37
N ASP C 165 -32.53 -25.06 -10.27
CA ASP C 165 -33.86 -24.59 -9.85
C ASP C 165 -33.84 -23.10 -9.55
N LEU C 166 -32.81 -22.68 -8.81
CA LEU C 166 -32.71 -21.28 -8.39
C LEU C 166 -32.60 -20.33 -9.57
N ARG C 167 -31.77 -20.66 -10.54
CA ARG C 167 -31.63 -19.77 -11.68
C ARG C 167 -32.89 -19.74 -12.58
N LYS C 168 -33.69 -20.80 -12.56
CA LYS C 168 -35.03 -20.74 -13.18
C LYS C 168 -35.96 -19.83 -12.39
N ILE C 169 -35.96 -19.98 -11.06
CA ILE C 169 -36.76 -19.12 -10.18
C ILE C 169 -36.37 -17.64 -10.31
N LEU C 170 -35.07 -17.37 -10.44
CA LEU C 170 -34.57 -16.00 -10.53
C LEU C 170 -34.40 -15.52 -11.98
N GLU C 171 -34.51 -16.44 -12.93
CA GLU C 171 -34.49 -16.12 -14.36
C GLU C 171 -33.21 -15.40 -14.76
N LEU C 183 -30.92 -11.80 -4.17
CA LEU C 183 -30.54 -13.06 -3.51
C LEU C 183 -29.16 -13.57 -3.96
N LEU C 184 -29.06 -14.15 -5.16
CA LEU C 184 -27.79 -14.58 -5.77
C LEU C 184 -27.74 -14.12 -7.22
N ASP C 185 -26.65 -13.48 -7.62
CA ASP C 185 -26.50 -13.07 -9.02
C ASP C 185 -25.78 -14.15 -9.83
N PRO C 186 -25.64 -13.98 -11.16
CA PRO C 186 -24.98 -14.99 -12.01
C PRO C 186 -23.55 -15.41 -11.60
N LEU C 187 -22.74 -14.47 -11.14
CA LEU C 187 -21.39 -14.81 -10.69
C LEU C 187 -21.45 -15.66 -9.43
N ALA C 188 -22.32 -15.28 -8.48
CA ALA C 188 -22.50 -16.07 -7.29
C ALA C 188 -22.86 -17.55 -7.63
N ILE C 189 -23.79 -17.76 -8.56
CA ILE C 189 -24.22 -19.11 -8.92
C ILE C 189 -23.10 -19.90 -9.66
N LYS C 190 -22.41 -19.25 -10.59
CA LYS C 190 -21.27 -19.85 -11.26
C LYS C 190 -20.22 -20.35 -10.27
N ILE C 191 -19.91 -19.52 -9.27
CA ILE C 191 -18.87 -19.82 -8.30
C ILE C 191 -19.31 -20.96 -7.37
N VAL C 192 -20.52 -20.90 -6.84
CA VAL C 192 -20.97 -21.99 -5.95
C VAL C 192 -21.13 -23.32 -6.70
N GLU C 193 -21.49 -23.28 -7.99
CA GLU C 193 -21.53 -24.47 -8.83
C GLU C 193 -20.15 -25.05 -9.14
N ARG C 194 -19.20 -24.23 -9.58
CA ARG C 194 -17.86 -24.74 -9.90
C ARG C 194 -17.09 -25.25 -8.69
N SER C 195 -17.33 -24.67 -7.52
CA SER C 195 -16.65 -25.10 -6.32
C SER C 195 -17.55 -25.92 -5.36
N LYS C 196 -18.78 -26.21 -5.77
CA LYS C 196 -19.65 -27.13 -5.03
C LYS C 196 -19.93 -26.65 -3.63
N ILE C 197 -20.34 -25.39 -3.54
CA ILE C 197 -20.60 -24.77 -2.27
C ILE C 197 -22.10 -24.82 -2.06
N ARG C 198 -22.50 -25.27 -0.88
CA ARG C 198 -23.90 -25.34 -0.48
C ARG C 198 -24.30 -23.96 0.04
N VAL C 199 -25.48 -23.50 -0.37
CA VAL C 199 -25.98 -22.20 0.06
C VAL C 199 -27.23 -22.43 0.91
N ILE C 200 -27.24 -21.83 2.09
CA ILE C 200 -28.42 -21.79 2.95
C ILE C 200 -28.98 -20.36 3.00
N VAL C 201 -30.22 -20.18 2.55
CA VAL C 201 -30.92 -18.91 2.64
C VAL C 201 -31.82 -18.95 3.87
N MET C 202 -31.66 -17.94 4.71
CA MET C 202 -32.40 -17.85 5.97
C MET C 202 -32.76 -16.41 6.27
N ASN C 203 -33.66 -16.21 7.23
CA ASN C 203 -33.99 -14.90 7.73
C ASN C 203 -32.95 -14.46 8.74
N TYR C 204 -32.45 -13.21 8.63
CA TYR C 204 -31.44 -12.73 9.60
C TYR C 204 -32.01 -12.59 11.01
N ARG C 205 -33.33 -12.48 11.11
CA ARG C 205 -34.03 -12.54 12.41
C ARG C 205 -33.81 -13.87 13.18
N LYS C 206 -33.45 -14.93 12.44
CA LYS C 206 -33.13 -16.23 13.05
C LYS C 206 -31.63 -16.47 13.24
N LEU C 207 -30.81 -15.42 13.16
CA LEU C 207 -29.36 -15.57 13.39
C LEU C 207 -29.08 -16.14 14.78
N ASN C 208 -30.00 -15.87 15.69
CA ASN C 208 -30.04 -16.52 17.02
C ASN C 208 -30.04 -18.06 17.00
N ARG C 209 -30.65 -18.65 15.97
CA ARG C 209 -30.72 -20.11 15.81
C ARG C 209 -29.92 -20.60 14.60
N ILE C 210 -28.70 -20.07 14.47
CA ILE C 210 -27.85 -20.33 13.31
C ILE C 210 -27.31 -21.77 13.37
N ILE C 211 -26.92 -22.23 14.57
CA ILE C 211 -26.43 -23.59 14.73
C ILE C 211 -27.52 -24.61 14.36
N ASP C 212 -28.75 -24.35 14.81
CA ASP C 212 -29.90 -25.18 14.47
C ASP C 212 -30.17 -25.14 12.96
N ILE C 213 -30.02 -23.97 12.35
CA ILE C 213 -30.20 -23.89 10.89
C ILE C 213 -29.15 -24.72 10.14
N LEU C 214 -27.89 -24.68 10.59
CA LEU C 214 -26.84 -25.50 9.98
C LEU C 214 -27.10 -27.01 10.13
N LYS C 215 -27.76 -27.40 11.22
CA LYS C 215 -28.14 -28.80 11.43
C LYS C 215 -29.44 -29.16 10.70
N GLY C 216 -30.06 -28.20 10.02
CA GLY C 216 -31.26 -28.43 9.20
C GLY C 216 -32.51 -28.44 10.05
N GLU C 217 -32.44 -27.78 11.21
CA GLU C 217 -33.43 -27.89 12.29
C GLU C 217 -34.17 -26.59 12.57
N GLU C 218 -34.61 -25.91 11.51
CA GLU C 218 -35.36 -24.66 11.64
C GLU C 218 -35.79 -24.34 10.21
N VAL C 219 -36.47 -23.24 10.02
CA VAL C 219 -36.91 -22.81 8.70
C VAL C 219 -35.78 -22.13 7.88
N SER C 220 -35.56 -22.63 6.67
CA SER C 220 -34.52 -22.17 5.78
C SER C 220 -34.70 -22.83 4.43
N SER C 221 -33.96 -22.38 3.44
CA SER C 221 -33.85 -23.07 2.16
C SER C 221 -32.38 -23.49 1.96
N ILE C 222 -32.18 -24.77 1.62
CA ILE C 222 -30.86 -25.28 1.29
C ILE C 222 -30.79 -25.45 -0.21
N ILE C 223 -29.75 -24.85 -0.82
CA ILE C 223 -29.53 -24.91 -2.27
C ILE C 223 -28.30 -25.77 -2.54
N GLU C 224 -28.52 -26.86 -3.27
CA GLU C 224 -27.45 -27.80 -3.59
C GLU C 224 -26.84 -27.41 -4.94
N PRO C 225 -25.49 -27.41 -5.01
CA PRO C 225 -24.83 -27.05 -6.27
C PRO C 225 -24.89 -28.20 -7.27
N VAL C 226 -25.32 -27.92 -8.49
CA VAL C 226 -25.31 -28.90 -9.57
C VAL C 226 -24.63 -28.31 -10.81
N MET D 1 -3.07 29.88 -7.18
CA MET D 1 -3.63 30.10 -5.83
C MET D 1 -4.41 28.88 -5.40
N ASN D 2 -4.12 28.40 -4.19
CA ASN D 2 -4.75 27.21 -3.67
C ASN D 2 -5.80 27.61 -2.66
N ILE D 3 -6.93 26.93 -2.72
CA ILE D 3 -8.02 27.16 -1.78
C ILE D 3 -8.63 25.81 -1.33
N ILE D 4 -9.04 25.72 -0.08
CA ILE D 4 -9.75 24.55 0.42
C ILE D 4 -11.18 24.92 0.72
N LEU D 5 -12.06 23.99 0.36
CA LEU D 5 -13.48 24.13 0.59
C LEU D 5 -13.99 22.97 1.44
N LYS D 6 -14.42 23.27 2.66
CA LYS D 6 -15.08 22.33 3.55
C LYS D 6 -16.57 22.40 3.29
N ILE D 7 -17.18 21.26 2.95
CA ILE D 7 -18.58 21.15 2.67
C ILE D 7 -19.22 20.43 3.84
N SER D 8 -20.07 21.13 4.59
CA SER D 8 -20.81 20.57 5.71
C SER D 8 -21.49 19.25 5.35
N GLY D 9 -21.55 18.33 6.31
CA GLY D 9 -22.26 17.05 6.11
C GLY D 9 -23.75 17.27 5.85
N LYS D 10 -24.28 18.37 6.38
CA LYS D 10 -25.67 18.78 6.14
C LYS D 10 -26.03 18.99 4.67
N PHE D 11 -25.05 19.40 3.88
CA PHE D 11 -25.16 19.45 2.43
C PHE D 11 -25.55 18.10 1.78
N PHE D 12 -25.07 17.01 2.39
CA PHE D 12 -25.33 15.67 1.88
C PHE D 12 -26.62 15.08 2.43
N ASP D 13 -27.05 15.55 3.61
CA ASP D 13 -28.32 15.14 4.21
C ASP D 13 -29.51 15.54 3.34
N GLU D 14 -29.39 16.66 2.63
CA GLU D 14 -30.50 17.19 1.85
C GLU D 14 -30.94 16.27 0.73
N ASP D 15 -30.08 15.36 0.30
CA ASP D 15 -30.45 14.32 -0.67
C ASP D 15 -31.00 14.97 -1.95
N ASN D 16 -30.25 15.93 -2.49
CA ASN D 16 -30.65 16.57 -3.74
C ASN D 16 -29.53 16.84 -4.70
N VAL D 17 -29.69 16.41 -5.95
CA VAL D 17 -28.63 16.62 -6.95
C VAL D 17 -28.41 18.07 -7.31
N ASP D 18 -29.33 18.94 -6.96
CA ASP D 18 -29.13 20.37 -7.21
C ASP D 18 -27.89 20.86 -6.43
N ASN D 19 -27.73 20.43 -5.18
CA ASN D 19 -26.52 20.74 -4.39
C ASN D 19 -25.20 20.32 -5.06
N LEU D 20 -25.15 19.07 -5.51
CA LEU D 20 -24.00 18.56 -6.25
C LEU D 20 -23.74 19.32 -7.54
N ILE D 21 -24.84 19.64 -8.23
CA ILE D 21 -24.72 20.40 -9.47
C ILE D 21 -24.09 21.75 -9.20
N VAL D 22 -24.53 22.43 -8.13
CA VAL D 22 -23.96 23.75 -7.78
C VAL D 22 -22.51 23.62 -7.28
N LEU D 23 -22.24 22.61 -6.49
CA LEU D 23 -20.87 22.40 -6.01
C LEU D 23 -19.98 22.18 -7.23
N ARG D 24 -20.43 21.28 -8.09
CA ARG D 24 -19.72 20.97 -9.31
C ARG D 24 -19.43 22.26 -10.10
N GLN D 25 -20.49 23.05 -10.34
CA GLN D 25 -20.40 24.41 -10.93
C GLN D 25 -19.37 25.32 -10.25
N SER D 26 -19.50 25.44 -8.93
CA SER D 26 -18.60 26.21 -8.07
C SER D 26 -17.12 25.93 -8.33
N ILE D 27 -16.76 24.64 -8.45
CA ILE D 27 -15.36 24.20 -8.62
C ILE D 27 -14.80 24.55 -9.98
N LYS D 28 -15.61 24.39 -11.03
CA LYS D 28 -15.23 24.89 -12.36
C LYS D 28 -15.09 26.42 -12.35
N GLU D 29 -16.00 27.12 -11.68
CA GLU D 29 -15.89 28.56 -11.47
C GLU D 29 -14.50 28.89 -10.91
N LEU D 30 -14.11 28.15 -9.89
CA LEU D 30 -12.83 28.38 -9.21
C LEU D 30 -11.64 28.05 -10.09
N ALA D 31 -11.68 26.89 -10.73
CA ALA D 31 -10.61 26.43 -11.64
C ALA D 31 -10.40 27.43 -12.75
N ASP D 32 -11.50 27.82 -13.41
CA ASP D 32 -11.46 28.79 -14.52
C ASP D 32 -10.96 30.17 -14.07
N ASN D 33 -11.08 30.47 -12.78
CA ASN D 33 -10.49 31.69 -12.22
C ASN D 33 -9.06 31.52 -11.67
N GLY D 34 -8.38 30.42 -12.02
CA GLY D 34 -6.97 30.22 -11.63
C GLY D 34 -6.70 29.57 -10.27
N PHE D 35 -7.75 29.07 -9.61
CA PHE D 35 -7.59 28.39 -8.31
C PHE D 35 -7.38 26.88 -8.47
N ARG D 36 -6.46 26.35 -7.67
CA ARG D 36 -6.43 24.92 -7.35
C ARG D 36 -7.30 24.70 -6.14
N VAL D 37 -8.16 23.67 -6.19
CA VAL D 37 -9.13 23.42 -5.15
C VAL D 37 -8.94 22.05 -4.50
N GLY D 38 -9.00 22.06 -3.17
CA GLY D 38 -9.13 20.83 -2.39
C GLY D 38 -10.46 20.89 -1.69
N ILE D 39 -11.09 19.74 -1.50
CA ILE D 39 -12.41 19.66 -0.90
C ILE D 39 -12.42 18.66 0.23
N VAL D 40 -13.03 19.05 1.34
CA VAL D 40 -13.21 18.17 2.49
C VAL D 40 -14.70 18.07 2.74
N THR D 41 -15.20 16.84 2.80
CA THR D 41 -16.63 16.60 3.01
C THR D 41 -16.90 16.11 4.43
N GLY D 42 -17.97 16.63 5.05
CA GLY D 42 -18.43 16.18 6.37
C GLY D 42 -19.22 14.88 6.31
N GLY D 43 -19.46 14.31 7.47
CA GLY D 43 -20.10 12.99 7.56
C GLY D 43 -21.61 13.05 7.61
N GLY D 44 -22.11 14.15 8.16
CA GLY D 44 -23.55 14.42 8.14
C GLY D 44 -24.36 13.45 8.97
N SER D 45 -25.58 13.17 8.55
CA SER D 45 -26.50 12.38 9.39
C SER D 45 -26.19 10.89 9.27
N THR D 46 -25.64 10.47 8.13
CA THR D 46 -25.11 9.10 8.00
C THR D 46 -24.11 8.79 9.10
N ALA D 47 -23.13 9.68 9.30
CA ALA D 47 -22.18 9.54 10.38
C ALA D 47 -22.90 9.44 11.71
N ARG D 48 -23.87 10.33 11.92
CA ARG D 48 -24.64 10.34 13.17
C ARG D 48 -25.44 9.05 13.37
N ARG D 49 -26.08 8.56 12.32
CA ARG D 49 -26.82 7.27 12.37
C ARG D 49 -25.93 6.06 12.75
N TYR D 50 -24.73 5.97 12.17
CA TYR D 50 -23.80 4.88 12.51
C TYR D 50 -23.20 5.00 13.90
N ILE D 51 -22.81 6.22 14.28
CA ILE D 51 -22.24 6.46 15.60
C ILE D 51 -23.22 6.13 16.72
N LYS D 52 -24.47 6.53 16.56
CA LYS D 52 -25.50 6.29 17.58
C LYS D 52 -25.74 4.78 17.80
N LEU D 53 -25.97 4.07 16.69
CA LEU D 53 -26.14 2.62 16.73
C LEU D 53 -24.93 1.89 17.34
N ALA D 54 -23.72 2.26 16.92
CA ALA D 54 -22.52 1.64 17.46
C ALA D 54 -22.37 1.94 18.94
N ARG D 55 -22.63 3.17 19.34
CA ARG D 55 -22.57 3.55 20.74
C ARG D 55 -23.54 2.75 21.62
N GLU D 56 -24.73 2.46 21.10
CA GLU D 56 -25.70 1.63 21.82
C GLU D 56 -25.24 0.20 22.12
N ILE D 57 -24.33 -0.34 21.31
CA ILE D 57 -23.81 -1.68 21.56
C ILE D 57 -22.46 -1.66 22.25
N GLY D 58 -22.07 -0.50 22.75
CA GLY D 58 -20.87 -0.40 23.55
C GLY D 58 -19.56 -0.21 22.78
N ILE D 59 -19.65 0.13 21.50
CA ILE D 59 -18.42 0.32 20.71
C ILE D 59 -17.70 1.56 21.23
N GLY D 60 -16.41 1.44 21.46
CA GLY D 60 -15.60 2.52 22.01
C GLY D 60 -15.47 3.73 21.08
N GLU D 61 -15.06 4.83 21.68
CA GLU D 61 -15.04 6.16 21.06
C GLU D 61 -14.11 6.27 19.83
N ALA D 62 -12.99 5.55 19.82
CA ALA D 62 -12.08 5.54 18.66
C ALA D 62 -12.83 5.06 17.43
N TYR D 63 -13.57 3.99 17.62
CA TYR D 63 -14.28 3.29 16.54
C TYR D 63 -15.52 4.03 16.10
N LEU D 64 -16.16 4.71 17.04
CA LEU D 64 -17.26 5.61 16.69
C LEU D 64 -16.76 6.74 15.80
N ASP D 65 -15.64 7.35 16.15
CA ASP D 65 -15.05 8.36 15.27
C ASP D 65 -14.74 7.77 13.89
N LEU D 66 -14.19 6.57 13.86
CA LEU D 66 -13.84 5.92 12.60
C LEU D 66 -15.02 5.65 11.69
N LEU D 67 -16.17 5.28 12.26
CA LEU D 67 -17.42 5.16 11.53
C LEU D 67 -17.87 6.53 10.94
N GLY D 68 -17.71 7.59 11.73
CA GLY D 68 -17.95 8.95 11.24
C GLY D 68 -17.03 9.32 10.12
N ILE D 69 -15.78 8.91 10.23
CA ILE D 69 -14.78 9.14 9.18
C ILE D 69 -15.14 8.39 7.89
N TRP D 70 -15.51 7.12 8.01
CA TRP D 70 -15.96 6.37 6.84
C TRP D 70 -17.19 6.96 6.18
N ALA D 71 -18.17 7.43 6.96
CA ALA D 71 -19.31 8.19 6.40
C ALA D 71 -18.88 9.46 5.61
N SER D 72 -17.93 10.20 6.16
CA SER D 72 -17.39 11.38 5.45
C SER D 72 -16.70 10.99 4.15
N ARG D 73 -16.06 9.82 4.14
CA ARG D 73 -15.38 9.35 2.95
C ARG D 73 -16.33 8.94 1.86
N LEU D 74 -17.48 8.37 2.22
CA LEU D 74 -18.55 8.08 1.27
C LEU D 74 -19.03 9.36 0.57
N ASN D 75 -19.18 10.44 1.32
CA ASN D 75 -19.50 11.75 0.71
C ASN D 75 -18.39 12.25 -0.19
N ALA D 76 -17.14 12.00 0.19
CA ALA D 76 -15.97 12.40 -0.62
C ALA D 76 -15.95 11.67 -1.93
N TYR D 77 -16.27 10.37 -1.91
CA TYR D 77 -16.37 9.63 -3.17
C TYR D 77 -17.46 10.15 -4.09
N LEU D 78 -18.61 10.45 -3.53
CA LEU D 78 -19.71 11.07 -4.29
C LEU D 78 -19.24 12.33 -4.99
N VAL D 79 -18.65 13.25 -4.24
CA VAL D 79 -18.15 14.50 -4.83
C VAL D 79 -17.06 14.22 -5.85
N MET D 80 -16.10 13.36 -5.50
CA MET D 80 -15.01 13.06 -6.42
C MET D 80 -15.54 12.47 -7.75
N PHE D 81 -16.51 11.57 -7.65
CA PHE D 81 -17.08 10.96 -8.85
C PHE D 81 -17.90 11.97 -9.68
N SER D 82 -18.49 12.97 -9.03
CA SER D 82 -19.17 14.05 -9.73
C SER D 82 -18.23 14.98 -10.49
N LEU D 83 -16.94 14.97 -10.15
CA LEU D 83 -15.98 15.87 -10.77
C LEU D 83 -15.22 15.24 -11.94
N GLN D 84 -15.27 13.91 -12.04
CA GLN D 84 -14.72 13.15 -13.18
C GLN D 84 -13.29 13.53 -13.50
N ASP D 85 -13.05 14.20 -14.61
CA ASP D 85 -11.68 14.46 -15.05
C ASP D 85 -10.94 15.51 -14.20
N LEU D 86 -11.67 16.43 -13.57
CA LEU D 86 -11.05 17.48 -12.76
C LEU D 86 -10.30 16.97 -11.56
N ALA D 87 -10.75 15.85 -10.98
CA ALA D 87 -10.22 15.36 -9.71
C ALA D 87 -9.23 14.21 -9.89
N TYR D 88 -8.18 14.20 -9.07
CA TYR D 88 -7.38 13.00 -8.89
C TYR D 88 -8.26 11.96 -8.22
N MET D 89 -8.29 10.76 -8.77
CA MET D 89 -9.25 9.75 -8.35
C MET D 89 -8.72 8.87 -7.23
N HIS D 90 -8.54 9.50 -6.08
CA HIS D 90 -8.19 8.82 -4.84
C HIS D 90 -8.64 9.70 -3.70
N VAL D 91 -9.31 9.10 -2.73
CA VAL D 91 -9.67 9.84 -1.50
C VAL D 91 -8.58 9.54 -0.44
N PRO D 92 -7.74 10.54 -0.14
CA PRO D 92 -6.66 10.30 0.85
C PRO D 92 -7.20 10.08 2.25
N GLN D 93 -6.59 9.14 2.98
CA GLN D 93 -7.04 8.78 4.30
C GLN D 93 -6.26 9.44 5.45
N SER D 94 -5.18 10.14 5.12
CA SER D 94 -4.38 10.86 6.10
C SER D 94 -3.84 12.14 5.48
N LEU D 95 -3.30 13.01 6.33
CA LEU D 95 -2.66 14.21 5.85
C LEU D 95 -1.49 13.90 4.93
N GLU D 96 -0.67 12.92 5.32
CA GLU D 96 0.45 12.43 4.49
C GLU D 96 0.00 11.99 3.10
N GLU D 97 -1.08 11.20 3.00
CA GLU D 97 -1.64 10.82 1.70
C GLU D 97 -2.21 12.01 0.92
N PHE D 98 -2.80 12.98 1.61
CA PHE D 98 -3.30 14.17 0.93
C PHE D 98 -2.15 14.87 0.18
N ILE D 99 -1.03 15.02 0.87
CA ILE D 99 0.13 15.69 0.30
C ILE D 99 0.60 15.00 -0.95
N GLN D 100 0.64 13.66 -0.93
CA GLN D 100 1.01 12.88 -2.10
C GLN D 100 -0.04 13.12 -3.20
N ASP D 101 -1.31 13.01 -2.84
CA ASP D 101 -2.40 13.16 -3.82
C ASP D 101 -2.47 14.56 -4.44
N TRP D 102 -2.20 15.58 -3.64
CA TRP D 102 -2.12 16.97 -4.08
C TRP D 102 -1.05 17.20 -5.14
N SER D 103 -0.02 16.35 -5.12
CA SER D 103 1.11 16.41 -6.05
C SER D 103 0.77 16.19 -7.51
N HIS D 104 -0.42 15.68 -7.79
CA HIS D 104 -0.85 15.40 -9.14
C HIS D 104 -1.41 16.58 -9.91
N GLY D 105 -1.49 17.74 -9.26
CA GLY D 105 -1.98 18.96 -9.89
C GLY D 105 -3.49 19.07 -10.09
N LYS D 106 -4.26 18.13 -9.55
CA LYS D 106 -5.71 18.10 -9.76
C LYS D 106 -6.46 18.37 -8.47
N VAL D 107 -7.79 18.42 -8.56
CA VAL D 107 -8.63 18.55 -7.38
C VAL D 107 -8.53 17.29 -6.52
N VAL D 108 -8.43 17.48 -5.22
CA VAL D 108 -8.37 16.37 -4.29
C VAL D 108 -9.53 16.54 -3.36
N VAL D 109 -10.28 15.46 -3.19
CA VAL D 109 -11.40 15.39 -2.27
C VAL D 109 -11.07 14.43 -1.12
N THR D 110 -11.28 14.88 0.11
CA THR D 110 -11.04 14.07 1.26
C THR D 110 -12.21 14.06 2.22
N GLY D 111 -12.25 12.99 3.02
CA GLY D 111 -13.03 12.92 4.23
C GLY D 111 -12.11 13.03 5.43
N GLY D 112 -12.52 12.44 6.53
CA GLY D 112 -11.75 12.46 7.77
C GLY D 112 -10.44 11.68 7.77
N PHE D 113 -9.62 11.94 8.78
CA PHE D 113 -8.29 11.34 8.96
C PHE D 113 -8.12 10.53 10.27
N GLN D 114 -8.52 11.09 11.39
CA GLN D 114 -8.06 10.57 12.68
C GLN D 114 -9.07 10.83 13.77
N PRO D 115 -9.31 9.85 14.67
CA PRO D 115 -10.20 10.14 15.79
C PRO D 115 -9.83 11.39 16.61
N GLY D 116 -10.85 11.99 17.21
CA GLY D 116 -10.66 13.09 18.17
C GLY D 116 -10.73 14.46 17.53
N GLN D 117 -11.10 14.53 16.26
CA GLN D 117 -11.21 15.82 15.58
C GLN D 117 -12.38 15.77 14.61
N SER D 118 -12.68 16.91 13.99
CA SER D 118 -13.74 17.00 13.00
C SER D 118 -13.15 17.18 11.60
N THR D 119 -14.02 17.15 10.60
CA THR D 119 -13.61 17.46 9.22
C THR D 119 -13.22 18.94 9.02
N ALA D 120 -13.61 19.82 9.91
CA ALA D 120 -13.10 21.18 9.89
C ALA D 120 -11.61 21.21 10.17
N ALA D 121 -11.16 20.39 11.12
CA ALA D 121 -9.74 20.27 11.43
C ALA D 121 -8.97 19.71 10.24
N VAL D 122 -9.57 18.70 9.57
CA VAL D 122 -8.99 18.16 8.34
C VAL D 122 -8.85 19.27 7.29
N ALA D 123 -9.89 20.06 7.13
CA ALA D 123 -9.84 21.16 6.15
C ALA D 123 -8.72 22.14 6.46
N ALA D 124 -8.52 22.44 7.73
CA ALA D 124 -7.42 23.31 8.16
C ALA D 124 -6.05 22.68 7.87
N LEU D 125 -5.90 21.38 8.19
CA LEU D 125 -4.62 20.69 7.98
C LEU D 125 -4.24 20.68 6.52
N VAL D 126 -5.25 20.42 5.70
CA VAL D 126 -5.13 20.31 4.27
C VAL D 126 -4.88 21.70 3.65
N ALA D 127 -5.51 22.72 4.23
CA ALA D 127 -5.18 24.12 3.85
C ALA D 127 -3.72 24.42 4.15
N GLU D 128 -3.30 24.09 5.35
CA GLU D 128 -1.91 24.30 5.73
C GLU D 128 -0.95 23.57 4.80
N ALA D 129 -1.22 22.28 4.52
CA ALA D 129 -0.31 21.48 3.71
C ALA D 129 -0.26 21.92 2.24
N SER D 130 -1.34 22.53 1.74
CA SER D 130 -1.41 22.97 0.34
C SER D 130 -1.02 24.45 0.17
N SER D 131 -0.56 25.09 1.25
CA SER D 131 -0.28 26.53 1.27
C SER D 131 -1.47 27.35 0.82
N SER D 132 -2.66 26.96 1.26
CA SER D 132 -3.87 27.71 0.95
C SER D 132 -4.00 28.80 1.99
N LYS D 133 -4.24 30.03 1.54
CA LYS D 133 -4.33 31.19 2.44
C LYS D 133 -5.75 31.39 2.90
N THR D 134 -6.67 30.71 2.20
CA THR D 134 -8.08 30.78 2.50
C THR D 134 -8.68 29.38 2.61
N LEU D 135 -9.42 29.17 3.70
CA LEU D 135 -10.29 28.02 3.88
C LEU D 135 -11.72 28.52 3.91
N VAL D 136 -12.55 27.97 3.02
CA VAL D 136 -13.98 28.25 2.96
C VAL D 136 -14.76 27.13 3.63
N VAL D 137 -15.57 27.49 4.61
CA VAL D 137 -16.45 26.57 5.30
C VAL D 137 -17.88 26.82 4.80
N ALA D 138 -18.37 25.92 3.94
CA ALA D 138 -19.67 26.06 3.33
C ALA D 138 -20.65 25.21 4.12
N THR D 139 -21.52 25.89 4.85
CA THR D 139 -22.38 25.22 5.81
C THR D 139 -23.86 25.67 5.67
N ASN D 140 -24.70 25.24 6.60
CA ASN D 140 -26.14 25.45 6.48
C ASN D 140 -26.64 26.71 7.17
N VAL D 141 -25.73 27.65 7.39
CA VAL D 141 -25.95 28.90 8.12
C VAL D 141 -25.14 29.96 7.32
N ASP D 142 -25.57 31.23 7.33
CA ASP D 142 -25.02 32.26 6.43
C ASP D 142 -23.62 32.74 6.82
N GLY D 143 -23.27 32.51 8.07
CA GLY D 143 -22.02 32.97 8.61
C GLY D 143 -21.93 32.63 10.08
N VAL D 144 -21.00 33.28 10.75
CA VAL D 144 -20.85 33.12 12.19
C VAL D 144 -21.81 34.12 12.87
N TYR D 145 -22.49 33.63 13.91
CA TYR D 145 -23.46 34.38 14.71
C TYR D 145 -22.94 34.49 16.14
N GLU D 146 -23.42 35.49 16.87
CA GLU D 146 -23.02 35.71 18.27
C GLU D 146 -23.28 34.46 19.14
N LYS D 147 -24.29 33.68 18.79
CA LYS D 147 -24.47 32.34 19.37
C LYS D 147 -25.09 31.39 18.33
N ASP D 148 -25.05 30.09 18.62
CA ASP D 148 -25.65 29.06 17.75
C ASP D 148 -27.03 29.58 17.32
N PRO D 149 -27.23 29.83 16.00
CA PRO D 149 -28.52 30.35 15.52
C PRO D 149 -29.62 29.30 15.40
N ARG D 150 -29.29 28.01 15.51
CA ARG D 150 -30.31 26.96 15.53
C ARG D 150 -30.84 26.72 16.95
N ILE D 151 -30.18 27.30 17.96
CA ILE D 151 -30.59 27.17 19.38
C ILE D 151 -31.15 28.48 19.94
N TYR D 152 -30.53 29.61 19.62
CA TYR D 152 -31.03 30.91 20.06
C TYR D 152 -31.49 31.69 18.83
N ALA D 153 -32.79 31.93 18.74
CA ALA D 153 -33.40 32.64 17.62
C ALA D 153 -33.18 34.13 17.77
N ASP D 154 -33.15 34.81 16.63
CA ASP D 154 -32.97 36.26 16.57
C ASP D 154 -31.61 36.66 17.20
N VAL D 155 -30.54 36.36 16.45
CA VAL D 155 -29.15 36.75 16.79
C VAL D 155 -28.48 37.22 15.49
N LYS D 156 -27.51 38.12 15.61
CA LYS D 156 -26.94 38.80 14.43
C LYS D 156 -25.71 38.08 13.85
N LEU D 157 -25.60 38.08 12.52
CA LEU D 157 -24.42 37.57 11.81
C LEU D 157 -23.26 38.53 12.01
N ILE D 158 -22.08 37.98 12.28
CA ILE D 158 -20.86 38.77 12.43
C ILE D 158 -20.06 38.68 11.12
N PRO D 159 -20.07 39.76 10.32
CA PRO D 159 -19.37 39.68 9.03
C PRO D 159 -17.83 39.62 9.09
N HIS D 160 -17.23 40.16 10.13
CA HIS D 160 -15.77 40.22 10.19
C HIS D 160 -15.32 40.07 11.66
N LEU D 161 -14.51 39.04 11.94
CA LEU D 161 -14.07 38.69 13.30
C LEU D 161 -12.69 38.04 13.28
N THR D 162 -12.14 37.76 14.46
CA THR D 162 -10.85 37.08 14.57
C THR D 162 -11.04 35.71 15.17
N THR D 163 -9.97 34.90 15.13
CA THR D 163 -10.00 33.55 15.70
C THR D 163 -10.17 33.57 17.21
N GLN D 164 -9.73 34.64 17.87
CA GLN D 164 -9.92 34.78 19.31
C GLN D 164 -11.37 35.06 19.64
N ASP D 165 -12.02 35.89 18.83
CA ASP D 165 -13.50 36.11 18.92
C ASP D 165 -14.25 34.82 18.76
N LEU D 166 -13.87 34.05 17.73
CA LEU D 166 -14.56 32.80 17.42
C LEU D 166 -14.44 31.83 18.59
N ARG D 167 -13.24 31.73 19.16
CA ARG D 167 -13.01 30.80 20.26
C ARG D 167 -13.83 31.14 21.51
N LYS D 168 -14.12 32.43 21.69
CA LYS D 168 -15.06 32.89 22.72
C LYS D 168 -16.51 32.56 22.36
N ILE D 169 -16.90 32.83 21.12
CA ILE D 169 -18.25 32.53 20.62
C ILE D 169 -18.56 31.03 20.74
N LEU D 170 -17.57 30.20 20.42
CA LEU D 170 -17.72 28.73 20.46
C LEU D 170 -17.29 28.12 21.81
N GLU D 171 -16.66 28.92 22.67
CA GLU D 171 -16.22 28.50 24.02
C GLU D 171 -15.20 27.34 23.99
N GLU D 182 -18.67 22.76 17.00
CA GLU D 182 -19.13 22.66 15.62
C GLU D 182 -18.47 23.77 14.83
N LEU D 183 -18.79 23.91 13.55
CA LEU D 183 -18.13 24.94 12.73
C LEU D 183 -16.60 24.74 12.63
N LEU D 184 -15.86 25.08 13.70
CA LEU D 184 -14.41 24.86 13.78
C LEU D 184 -14.02 24.34 15.16
N ASP D 185 -13.29 23.23 15.21
CA ASP D 185 -12.88 22.64 16.48
C ASP D 185 -11.52 23.19 16.92
N PRO D 186 -11.05 22.83 18.12
CA PRO D 186 -9.76 23.35 18.61
C PRO D 186 -8.55 23.13 17.71
N LEU D 187 -8.45 21.97 17.06
CA LEU D 187 -7.37 21.71 16.15
C LEU D 187 -7.46 22.62 14.92
N ALA D 188 -8.65 22.76 14.36
CA ALA D 188 -8.85 23.65 13.24
C ALA D 188 -8.35 25.08 13.58
N ILE D 189 -8.71 25.60 14.75
CA ILE D 189 -8.32 26.95 15.14
C ILE D 189 -6.79 27.08 15.35
N LYS D 190 -6.20 26.10 16.03
CA LYS D 190 -4.77 26.09 16.23
C LYS D 190 -4.02 26.14 14.89
N ILE D 191 -4.48 25.36 13.92
CA ILE D 191 -3.84 25.26 12.64
C ILE D 191 -3.97 26.57 11.85
N VAL D 192 -5.18 27.11 11.77
CA VAL D 192 -5.35 28.37 11.00
C VAL D 192 -4.61 29.53 11.66
N GLU D 193 -4.50 29.51 12.97
CA GLU D 193 -3.72 30.54 13.69
C GLU D 193 -2.23 30.39 13.39
N ARG D 194 -1.67 29.20 13.55
CA ARG D 194 -0.22 29.02 13.39
C ARG D 194 0.24 29.26 11.96
N SER D 195 -0.63 28.96 11.00
CA SER D 195 -0.29 29.15 9.60
C SER D 195 -0.94 30.36 8.95
N LYS D 196 -1.63 31.16 9.76
CA LYS D 196 -2.23 32.42 9.32
C LYS D 196 -3.18 32.21 8.12
N ILE D 197 -4.12 31.28 8.29
CA ILE D 197 -5.08 30.96 7.23
C ILE D 197 -6.38 31.71 7.54
N ARG D 198 -6.85 32.48 6.58
CA ARG D 198 -8.15 33.14 6.69
C ARG D 198 -9.28 32.14 6.47
N VAL D 199 -10.33 32.22 7.27
CA VAL D 199 -11.48 31.33 7.14
C VAL D 199 -12.72 32.15 6.78
N ILE D 200 -13.41 31.72 5.73
CA ILE D 200 -14.66 32.32 5.30
C ILE D 200 -15.77 31.30 5.57
N VAL D 201 -16.70 31.67 6.44
CA VAL D 201 -17.92 30.89 6.68
C VAL D 201 -19.07 31.43 5.84
N MET D 202 -19.71 30.52 5.09
CA MET D 202 -20.76 30.89 4.16
C MET D 202 -21.84 29.79 4.12
N ASN D 203 -22.98 30.14 3.53
CA ASN D 203 -24.04 29.17 3.24
C ASN D 203 -23.71 28.39 1.97
N TYR D 204 -23.80 27.06 2.03
CA TYR D 204 -23.52 26.28 0.80
C TYR D 204 -24.53 26.58 -0.35
N ARG D 205 -25.73 27.07 0.00
CA ARG D 205 -26.72 27.57 -1.00
C ARG D 205 -26.10 28.59 -1.92
N LYS D 206 -25.15 29.37 -1.39
CA LYS D 206 -24.50 30.43 -2.16
C LYS D 206 -23.21 29.98 -2.83
N LEU D 207 -23.00 28.67 -2.97
CA LEU D 207 -21.80 28.17 -3.67
C LEU D 207 -21.66 28.64 -5.09
N ASN D 208 -22.77 28.84 -5.79
CA ASN D 208 -22.71 29.46 -7.13
C ASN D 208 -21.98 30.80 -7.11
N ARG D 209 -22.00 31.45 -5.94
CA ARG D 209 -21.48 32.79 -5.79
C ARG D 209 -20.22 32.84 -4.92
N ILE D 210 -19.45 31.75 -4.96
CA ILE D 210 -18.12 31.67 -4.36
C ILE D 210 -17.17 32.76 -4.83
N ILE D 211 -17.15 33.09 -6.13
CA ILE D 211 -16.20 34.11 -6.57
C ILE D 211 -16.56 35.45 -5.90
N ASP D 212 -17.84 35.80 -5.89
CA ASP D 212 -18.29 37.04 -5.25
C ASP D 212 -18.05 37.02 -3.74
N ILE D 213 -18.19 35.85 -3.13
CA ILE D 213 -17.87 35.70 -1.71
C ILE D 213 -16.37 35.93 -1.45
N LEU D 214 -15.52 35.35 -2.29
CA LEU D 214 -14.08 35.56 -2.15
C LEU D 214 -13.68 37.04 -2.32
N LYS D 215 -14.44 37.79 -3.13
CA LYS D 215 -14.21 39.23 -3.33
C LYS D 215 -14.85 40.10 -2.22
N GLY D 216 -15.54 39.44 -1.30
CA GLY D 216 -16.14 40.10 -0.15
C GLY D 216 -17.44 40.81 -0.51
N GLU D 217 -18.12 40.33 -1.54
CA GLU D 217 -19.31 40.99 -2.08
C GLU D 217 -20.59 40.18 -1.87
N GLU D 218 -20.58 39.32 -0.87
CA GLU D 218 -21.73 38.48 -0.62
C GLU D 218 -21.75 38.05 0.81
N VAL D 219 -22.95 37.83 1.33
CA VAL D 219 -23.12 37.56 2.73
C VAL D 219 -22.21 36.40 3.13
N SER D 220 -21.37 36.65 4.13
CA SER D 220 -20.44 35.66 4.69
C SER D 220 -19.83 36.21 5.98
N SER D 221 -19.11 35.36 6.72
CA SER D 221 -18.26 35.84 7.81
C SER D 221 -16.81 35.53 7.47
N ILE D 222 -15.94 36.55 7.60
CA ILE D 222 -14.50 36.40 7.39
C ILE D 222 -13.81 36.39 8.75
N ILE D 223 -13.11 35.29 9.03
CA ILE D 223 -12.41 35.10 10.30
C ILE D 223 -10.90 35.28 10.05
N GLU D 224 -10.31 36.27 10.74
CA GLU D 224 -8.88 36.60 10.59
C GLU D 224 -8.10 35.88 11.65
N PRO D 225 -6.96 35.26 11.28
CA PRO D 225 -6.18 34.53 12.24
C PRO D 225 -5.36 35.48 13.11
N VAL D 226 -5.45 35.32 14.43
CA VAL D 226 -4.61 36.09 15.36
C VAL D 226 -3.87 35.16 16.34
N MET E 1 -4.17 -8.09 29.53
CA MET E 1 -4.70 -6.69 29.39
C MET E 1 -3.70 -5.79 28.70
N ASN E 2 -4.16 -4.63 28.25
CA ASN E 2 -3.40 -3.83 27.32
C ASN E 2 -2.87 -2.59 27.98
N ILE E 3 -1.61 -2.28 27.71
CA ILE E 3 -0.98 -1.08 28.21
C ILE E 3 -0.20 -0.40 27.07
N ILE E 4 -0.17 0.93 27.09
CA ILE E 4 0.67 1.69 26.18
C ILE E 4 1.75 2.35 26.93
N LEU E 5 2.94 2.32 26.33
CA LEU E 5 4.08 2.96 26.87
C LEU E 5 4.58 4.00 25.88
N LYS E 6 4.56 5.28 26.29
CA LYS E 6 5.22 6.37 25.57
C LYS E 6 6.66 6.54 26.09
N ILE E 7 7.63 6.52 25.19
CA ILE E 7 9.04 6.69 25.52
C ILE E 7 9.50 8.02 24.97
N SER E 8 9.85 8.94 25.85
CA SER E 8 10.32 10.27 25.50
C SER E 8 11.42 10.19 24.46
N GLY E 9 11.47 11.20 23.58
CA GLY E 9 12.56 11.29 22.61
C GLY E 9 13.91 11.45 23.30
N LYS E 10 13.91 12.03 24.50
CA LYS E 10 15.12 12.22 25.28
C LYS E 10 15.84 10.92 25.64
N PHE E 11 15.07 9.85 25.76
CA PHE E 11 15.58 8.51 25.90
C PHE E 11 16.54 8.13 24.75
N PHE E 12 16.23 8.61 23.55
CA PHE E 12 17.04 8.29 22.37
C PHE E 12 18.21 9.24 22.19
N ASP E 13 18.08 10.46 22.72
CA ASP E 13 19.17 11.44 22.68
C ASP E 13 20.40 10.99 23.49
N GLU E 14 20.20 10.17 24.51
CA GLU E 14 21.28 9.69 25.37
C GLU E 14 22.31 8.80 24.64
N ASP E 15 21.94 8.25 23.47
CA ASP E 15 22.84 7.40 22.67
C ASP E 15 23.54 6.37 23.60
N ASN E 16 22.72 5.72 24.42
CA ASN E 16 23.17 4.84 25.48
C ASN E 16 22.48 3.48 25.37
N VAL E 17 23.29 2.48 25.02
CA VAL E 17 22.88 1.08 24.86
C VAL E 17 22.15 0.54 26.09
N ASP E 18 22.54 0.97 27.28
CA ASP E 18 21.95 0.45 28.51
C ASP E 18 20.45 0.76 28.61
N ASN E 19 20.04 1.92 28.07
CA ASN E 19 18.60 2.30 27.97
C ASN E 19 17.75 1.31 27.19
N LEU E 20 18.24 0.96 26.00
CA LEU E 20 17.56 -0.01 25.14
C LEU E 20 17.48 -1.35 25.82
N ILE E 21 18.58 -1.73 26.48
CA ILE E 21 18.61 -2.99 27.21
C ILE E 21 17.51 -2.99 28.26
N VAL E 22 17.39 -1.94 29.06
CA VAL E 22 16.29 -1.92 30.07
C VAL E 22 14.89 -1.81 29.47
N LEU E 23 14.71 -1.04 28.38
CA LEU E 23 13.39 -0.99 27.74
C LEU E 23 13.04 -2.40 27.30
N ARG E 24 13.96 -3.02 26.57
CA ARG E 24 13.77 -4.39 26.07
C ARG E 24 13.32 -5.31 27.21
N GLN E 25 14.11 -5.28 28.28
CA GLN E 25 13.90 -6.07 29.50
C GLN E 25 12.56 -5.74 30.18
N SER E 26 12.23 -4.45 30.27
CA SER E 26 10.96 -4.05 30.89
C SER E 26 9.72 -4.51 30.10
N ILE E 27 9.84 -4.59 28.77
CA ILE E 27 8.73 -5.08 27.92
C ILE E 27 8.54 -6.60 28.03
N LYS E 28 9.65 -7.35 28.13
CA LYS E 28 9.54 -8.80 28.30
C LYS E 28 8.91 -9.08 29.67
N GLU E 29 9.35 -8.32 30.66
CA GLU E 29 8.73 -8.34 31.98
C GLU E 29 7.21 -8.13 31.93
N LEU E 30 6.75 -7.11 31.18
CA LEU E 30 5.30 -6.85 31.05
C LEU E 30 4.58 -8.02 30.38
N ALA E 31 5.15 -8.51 29.29
CA ALA E 31 4.59 -9.65 28.58
C ALA E 31 4.42 -10.85 29.52
N ASP E 32 5.50 -11.19 30.24
CA ASP E 32 5.50 -12.30 31.18
C ASP E 32 4.50 -12.12 32.31
N ASN E 33 4.14 -10.87 32.61
CA ASN E 33 3.09 -10.58 33.59
C ASN E 33 1.67 -10.47 32.99
N GLY E 34 1.49 -10.91 31.74
CA GLY E 34 0.15 -10.96 31.11
C GLY E 34 -0.34 -9.69 30.40
N PHE E 35 0.57 -8.74 30.15
CA PHE E 35 0.22 -7.51 29.43
C PHE E 35 0.55 -7.59 27.94
N ARG E 36 -0.40 -7.10 27.13
CA ARG E 36 -0.10 -6.71 25.76
C ARG E 36 0.38 -5.26 25.77
N VAL E 37 1.48 -5.00 25.08
CA VAL E 37 2.13 -3.69 25.11
C VAL E 37 2.18 -3.07 23.72
N GLY E 38 1.81 -1.79 23.67
CA GLY E 38 2.08 -0.92 22.52
C GLY E 38 3.05 0.13 22.97
N ILE E 39 3.92 0.55 22.06
CA ILE E 39 4.97 1.53 22.39
C ILE E 39 4.94 2.66 21.38
N VAL E 40 5.05 3.91 21.89
CA VAL E 40 5.15 5.09 21.08
C VAL E 40 6.43 5.78 21.44
N THR E 41 7.23 6.08 20.42
CA THR E 41 8.52 6.73 20.60
C THR E 41 8.47 8.18 20.17
N GLY E 42 9.14 9.04 20.96
CA GLY E 42 9.27 10.47 20.64
C GLY E 42 10.37 10.72 19.63
N GLY E 43 10.40 11.93 19.10
CA GLY E 43 11.35 12.30 18.06
C GLY E 43 12.68 12.80 18.57
N GLY E 44 12.68 13.36 19.78
CA GLY E 44 13.90 13.80 20.44
C GLY E 44 14.65 14.90 19.73
N SER E 45 15.98 14.88 19.85
CA SER E 45 16.79 15.98 19.33
C SER E 45 17.01 15.87 17.82
N THR E 46 16.95 14.66 17.28
CA THR E 46 16.94 14.47 15.84
C THR E 46 15.77 15.25 15.23
N ALA E 47 14.58 15.09 15.81
CA ALA E 47 13.43 15.84 15.36
C ALA E 47 13.66 17.35 15.43
N ARG E 48 14.16 17.86 16.57
CA ARG E 48 14.34 19.31 16.72
C ARG E 48 15.37 19.85 15.75
N ARG E 49 16.39 19.03 15.49
CA ARG E 49 17.46 19.43 14.57
C ARG E 49 16.98 19.60 13.12
N TYR E 50 16.20 18.60 12.63
CA TYR E 50 15.62 18.66 11.28
C TYR E 50 14.60 19.79 11.18
N ILE E 51 13.77 19.93 12.21
CA ILE E 51 12.79 21.00 12.24
C ILE E 51 13.47 22.40 12.17
N LYS E 52 14.52 22.58 12.95
CA LYS E 52 15.23 23.88 12.99
C LYS E 52 15.83 24.26 11.65
N LEU E 53 16.53 23.31 11.04
CA LEU E 53 17.13 23.51 9.72
C LEU E 53 16.07 23.80 8.64
N ALA E 54 14.99 23.02 8.63
CA ALA E 54 13.93 23.17 7.66
C ALA E 54 13.24 24.54 7.84
N ARG E 55 13.02 24.92 9.08
CA ARG E 55 12.40 26.20 9.39
C ARG E 55 13.26 27.38 8.89
N GLU E 56 14.58 27.25 9.01
CA GLU E 56 15.50 28.29 8.49
C GLU E 56 15.40 28.51 6.99
N ILE E 57 15.01 27.48 6.23
CA ILE E 57 14.89 27.67 4.78
C ILE E 57 13.47 27.95 4.35
N GLY E 58 12.60 28.21 5.31
CA GLY E 58 11.21 28.62 5.03
C GLY E 58 10.20 27.49 4.83
N ILE E 59 10.55 26.28 5.22
CA ILE E 59 9.62 25.15 5.05
C ILE E 59 8.43 25.33 6.02
N GLY E 60 7.24 25.13 5.50
CA GLY E 60 6.02 25.35 6.25
C GLY E 60 5.81 24.37 7.39
N GLU E 61 4.95 24.79 8.30
CA GLU E 61 4.74 24.09 9.58
C GLU E 61 4.22 22.64 9.45
N ALA E 62 3.44 22.35 8.41
CA ALA E 62 2.95 20.96 8.20
C ALA E 62 4.15 20.02 8.00
N TYR E 63 5.07 20.49 7.16
CA TYR E 63 6.24 19.74 6.75
C TYR E 63 7.27 19.66 7.87
N LEU E 64 7.36 20.71 8.67
CA LEU E 64 8.19 20.65 9.87
C LEU E 64 7.70 19.55 10.80
N ASP E 65 6.38 19.52 11.05
CA ASP E 65 5.82 18.46 11.86
C ASP E 65 6.10 17.08 11.26
N LEU E 66 5.97 16.96 9.94
CA LEU E 66 6.25 15.67 9.28
C LEU E 66 7.70 15.22 9.45
N LEU E 67 8.65 16.14 9.38
CA LEU E 67 10.05 15.79 9.68
C LEU E 67 10.23 15.29 11.11
N GLY E 68 9.54 15.91 12.05
CA GLY E 68 9.52 15.43 13.43
C GLY E 68 8.89 14.06 13.57
N ILE E 69 7.82 13.81 12.81
CA ILE E 69 7.18 12.49 12.75
C ILE E 69 8.11 11.43 12.17
N TRP E 70 8.81 11.74 11.09
CA TRP E 70 9.81 10.78 10.55
C TRP E 70 10.98 10.49 11.51
N ALA E 71 11.46 11.51 12.23
CA ALA E 71 12.45 11.29 13.29
C ALA E 71 11.92 10.36 14.37
N SER E 72 10.66 10.55 14.83
CA SER E 72 10.03 9.62 15.76
C SER E 72 9.89 8.19 15.24
N ARG E 73 9.71 8.05 13.94
CA ARG E 73 9.58 6.75 13.32
C ARG E 73 10.89 6.02 13.26
N LEU E 74 11.97 6.77 13.06
CA LEU E 74 13.32 6.22 13.14
C LEU E 74 13.61 5.59 14.49
N ASN E 75 13.20 6.26 15.56
CA ASN E 75 13.26 5.68 16.90
C ASN E 75 12.36 4.49 17.09
N ALA E 76 11.19 4.51 16.47
CA ALA E 76 10.28 3.36 16.54
C ALA E 76 10.88 2.13 15.88
N TYR E 77 11.53 2.31 14.73
CA TYR E 77 12.20 1.18 14.08
C TYR E 77 13.30 0.59 14.96
N LEU E 78 14.11 1.46 15.55
CA LEU E 78 15.16 1.05 16.46
C LEU E 78 14.63 0.17 17.60
N VAL E 79 13.55 0.63 18.25
CA VAL E 79 12.91 -0.16 19.29
C VAL E 79 12.28 -1.44 18.77
N MET E 80 11.54 -1.32 17.66
CA MET E 80 10.95 -2.51 17.06
C MET E 80 12.04 -3.56 16.71
N PHE E 81 13.14 -3.13 16.14
CA PHE E 81 14.21 -4.06 15.76
C PHE E 81 14.89 -4.71 17.00
N SER E 82 14.90 -3.98 18.11
CA SER E 82 15.42 -4.51 19.36
C SER E 82 14.52 -5.56 19.99
N LEU E 83 13.25 -5.63 19.59
CA LEU E 83 12.29 -6.57 20.16
C LEU E 83 12.11 -7.83 19.33
N GLN E 84 12.62 -7.83 18.09
CA GLN E 84 12.68 -9.05 17.27
C GLN E 84 11.34 -9.77 17.24
N ASP E 85 11.27 -10.98 17.80
CA ASP E 85 10.10 -11.82 17.62
C ASP E 85 8.86 -11.32 18.37
N LEU E 86 9.08 -10.56 19.45
CA LEU E 86 7.96 -10.03 20.26
C LEU E 86 7.06 -9.06 19.50
N ALA E 87 7.61 -8.32 18.54
CA ALA E 87 6.89 -7.23 17.88
C ALA E 87 6.41 -7.64 16.50
N TYR E 88 5.21 -7.19 16.15
CA TYR E 88 4.77 -7.20 14.76
C TYR E 88 5.71 -6.25 14.03
N MET E 89 6.27 -6.70 12.90
CA MET E 89 7.30 -5.92 12.24
C MET E 89 6.72 -4.95 11.20
N HIS E 90 6.04 -3.92 11.70
CA HIS E 90 5.56 -2.81 10.90
C HIS E 90 5.36 -1.67 11.84
N VAL E 91 5.82 -0.49 11.45
CA VAL E 91 5.56 0.75 12.21
C VAL E 91 4.36 1.46 11.56
N PRO E 92 3.20 1.44 12.23
CA PRO E 92 2.01 2.08 11.66
C PRO E 92 2.14 3.60 11.58
N GLN E 93 1.62 4.17 10.48
CA GLN E 93 1.75 5.60 10.21
C GLN E 93 0.49 6.39 10.57
N SER E 94 -0.57 5.70 10.93
CA SER E 94 -1.81 6.34 11.34
C SER E 94 -2.47 5.52 12.43
N LEU E 95 -3.47 6.11 13.06
CA LEU E 95 -4.27 5.37 14.03
C LEU E 95 -4.99 4.20 13.39
N GLU E 96 -5.53 4.40 12.19
CA GLU E 96 -6.17 3.30 11.43
C GLU E 96 -5.22 2.12 11.18
N GLU E 97 -3.98 2.42 10.80
CA GLU E 97 -2.95 1.38 10.62
C GLU E 97 -2.56 0.71 11.92
N PHE E 98 -2.54 1.47 13.02
CA PHE E 98 -2.23 0.91 14.33
C PHE E 98 -3.24 -0.17 14.73
N ILE E 99 -4.50 0.10 14.47
CA ILE E 99 -5.58 -0.81 14.75
C ILE E 99 -5.46 -2.13 13.97
N GLN E 100 -5.13 -2.03 12.68
CA GLN E 100 -4.84 -3.19 11.88
C GLN E 100 -3.62 -3.93 12.43
N ASP E 101 -2.56 -3.20 12.76
CA ASP E 101 -1.32 -3.82 13.26
C ASP E 101 -1.49 -4.52 14.62
N TRP E 102 -2.25 -3.87 15.49
CA TRP E 102 -2.58 -4.40 16.82
C TRP E 102 -3.34 -5.74 16.73
N SER E 103 -4.02 -5.94 15.62
CA SER E 103 -4.78 -7.18 15.33
C SER E 103 -3.96 -8.45 15.23
N HIS E 104 -2.64 -8.32 15.16
CA HIS E 104 -1.75 -9.46 15.06
C HIS E 104 -1.35 -10.09 16.38
N GLY E 105 -1.85 -9.55 17.49
CA GLY E 105 -1.55 -10.09 18.84
C GLY E 105 -0.15 -9.88 19.38
N LYS E 106 0.66 -9.07 18.72
CA LYS E 106 2.04 -8.82 19.14
C LYS E 106 2.25 -7.37 19.55
N VAL E 107 3.45 -7.07 20.04
CA VAL E 107 3.82 -5.71 20.40
C VAL E 107 3.85 -4.85 19.13
N VAL E 108 3.27 -3.66 19.22
CA VAL E 108 3.29 -2.69 18.12
C VAL E 108 4.02 -1.49 18.62
N VAL E 109 4.99 -1.01 17.81
CA VAL E 109 5.75 0.20 18.05
C VAL E 109 5.41 1.25 16.97
N THR E 110 5.08 2.46 17.42
CA THR E 110 4.65 3.52 16.51
C THR E 110 5.46 4.78 16.80
N GLY E 111 5.58 5.65 15.80
CA GLY E 111 5.95 7.04 16.01
C GLY E 111 4.71 7.92 15.81
N GLY E 112 4.93 9.11 15.28
CA GLY E 112 3.87 10.06 15.04
C GLY E 112 2.91 9.67 13.94
N PHE E 113 1.78 10.37 13.93
CA PHE E 113 0.72 10.22 12.92
C PHE E 113 0.46 11.47 12.04
N GLN E 114 0.27 12.64 12.65
CA GLN E 114 -0.39 13.75 11.96
C GLN E 114 0.10 15.07 12.47
N PRO E 115 0.35 16.05 11.58
CA PRO E 115 0.73 17.37 12.10
C PRO E 115 -0.22 17.97 13.15
N GLY E 116 0.35 18.82 13.99
CA GLY E 116 -0.42 19.61 14.96
C GLY E 116 -0.60 18.92 16.30
N GLN E 117 0.12 17.82 16.53
CA GLN E 117 0.05 17.13 17.80
C GLN E 117 1.44 16.59 18.17
N SER E 118 1.53 15.98 19.35
CA SER E 118 2.76 15.36 19.82
C SER E 118 2.61 13.85 19.82
N THR E 119 3.70 13.16 20.11
CA THR E 119 3.65 11.71 20.28
C THR E 119 2.89 11.28 21.54
N ALA E 120 2.73 12.19 22.50
CA ALA E 120 1.88 11.90 23.67
C ALA E 120 0.43 11.76 23.26
N ALA E 121 -0.01 12.57 22.30
CA ALA E 121 -1.36 12.44 21.75
C ALA E 121 -1.53 11.13 21.00
N VAL E 122 -0.49 10.76 20.24
CA VAL E 122 -0.48 9.42 19.58
C VAL E 122 -0.64 8.31 20.61
N ALA E 123 0.13 8.38 21.70
CA ALA E 123 0.03 7.35 22.77
C ALA E 123 -1.39 7.27 23.34
N ALA E 124 -1.99 8.44 23.55
CA ALA E 124 -3.37 8.48 24.04
C ALA E 124 -4.34 7.85 23.04
N LEU E 125 -4.19 8.19 21.75
CA LEU E 125 -5.06 7.66 20.73
C LEU E 125 -4.98 6.16 20.63
N VAL E 126 -3.76 5.67 20.73
CA VAL E 126 -3.39 4.26 20.62
C VAL E 126 -3.84 3.51 21.88
N ALA E 127 -3.71 4.15 23.05
CA ALA E 127 -4.33 3.60 24.28
C ALA E 127 -5.82 3.44 24.12
N GLU E 128 -6.47 4.47 23.59
CA GLU E 128 -7.89 4.43 23.38
C GLU E 128 -8.30 3.34 22.40
N ALA E 129 -7.56 3.21 21.31
CA ALA E 129 -7.95 2.25 20.29
C ALA E 129 -7.71 0.80 20.76
N SER E 130 -6.72 0.60 21.63
CA SER E 130 -6.37 -0.75 22.13
C SER E 130 -7.09 -1.11 23.44
N SER E 131 -8.05 -0.29 23.85
CA SER E 131 -8.73 -0.42 25.15
C SER E 131 -7.76 -0.54 26.31
N SER E 132 -6.67 0.23 26.27
CA SER E 132 -5.71 0.26 27.35
C SER E 132 -6.24 1.22 28.40
N LYS E 133 -6.20 0.79 29.66
CA LYS E 133 -6.76 1.58 30.76
C LYS E 133 -5.69 2.48 31.31
N THR E 134 -4.46 2.11 31.02
CA THR E 134 -3.30 2.81 31.52
C THR E 134 -2.37 3.18 30.37
N LEU E 135 -1.94 4.43 30.39
CA LEU E 135 -0.88 4.94 29.54
C LEU E 135 0.26 5.35 30.44
N VAL E 136 1.44 4.78 30.18
CA VAL E 136 2.66 5.15 30.86
C VAL E 136 3.52 6.08 30.01
N VAL E 137 3.86 7.23 30.59
CA VAL E 137 4.74 8.17 29.97
C VAL E 137 6.09 8.06 30.68
N ALA E 138 7.07 7.46 29.99
CA ALA E 138 8.42 7.27 30.52
C ALA E 138 9.34 8.37 29.99
N THR E 139 9.70 9.29 30.89
CA THR E 139 10.36 10.49 30.45
C THR E 139 11.61 10.74 31.30
N ASN E 140 12.23 11.90 31.13
CA ASN E 140 13.53 12.15 31.74
C ASN E 140 13.46 12.76 33.13
N VAL E 141 12.40 12.39 33.83
CA VAL E 141 11.97 13.12 34.96
C VAL E 141 11.10 12.16 35.77
N ASP E 142 11.04 12.39 37.07
CA ASP E 142 10.47 11.40 37.96
C ASP E 142 8.95 11.35 37.92
N GLY E 143 8.34 12.45 37.53
CA GLY E 143 6.90 12.57 37.61
C GLY E 143 6.50 13.94 37.18
N VAL E 144 5.27 14.32 37.51
CA VAL E 144 4.77 15.67 37.29
C VAL E 144 5.26 16.50 38.50
N TYR E 145 6.01 17.56 38.19
CA TYR E 145 6.50 18.53 39.19
C TYR E 145 5.60 19.76 39.19
N GLU E 146 5.75 20.61 40.21
CA GLU E 146 4.97 21.84 40.31
C GLU E 146 5.26 22.78 39.16
N LYS E 147 6.47 22.67 38.62
CA LYS E 147 6.77 23.20 37.29
C LYS E 147 8.04 22.56 36.76
N ASP E 148 8.54 23.09 35.65
CA ASP E 148 9.53 22.41 34.84
C ASP E 148 10.84 22.15 35.60
N PRO E 149 11.13 20.87 35.93
CA PRO E 149 12.37 20.58 36.68
C PRO E 149 13.67 20.80 35.89
N ARG E 150 13.58 20.88 34.57
CA ARG E 150 14.69 21.33 33.71
C ARG E 150 15.18 22.73 34.09
N ILE E 151 14.22 23.60 34.37
CA ILE E 151 14.47 25.02 34.57
C ILE E 151 14.64 25.32 36.05
N TYR E 152 13.74 24.78 36.89
CA TYR E 152 13.66 25.15 38.30
C TYR E 152 14.17 24.03 39.19
N ALA E 153 15.10 24.37 40.08
CA ALA E 153 15.61 23.41 41.05
C ALA E 153 14.71 23.38 42.28
N ASP E 154 14.85 22.32 43.07
CA ASP E 154 14.09 22.15 44.33
C ASP E 154 12.54 22.12 44.23
N VAL E 155 11.97 22.25 43.03
CA VAL E 155 10.51 22.02 42.84
C VAL E 155 10.16 20.58 43.23
N LYS E 156 8.97 20.37 43.79
CA LYS E 156 8.58 19.03 44.24
C LYS E 156 7.64 18.33 43.25
N LEU E 157 7.59 17.01 43.42
CA LEU E 157 6.78 16.06 42.63
C LEU E 157 5.39 15.87 43.22
N ILE E 158 4.40 15.79 42.32
CA ILE E 158 3.00 15.55 42.69
C ILE E 158 2.71 14.09 42.40
N PRO E 159 2.64 13.24 43.45
CA PRO E 159 2.45 11.82 43.22
C PRO E 159 1.10 11.49 42.65
N HIS E 160 0.17 12.42 42.80
CA HIS E 160 -1.21 12.13 42.42
C HIS E 160 -1.98 13.39 42.07
N LEU E 161 -2.70 13.31 40.97
CA LEU E 161 -3.44 14.46 40.49
C LEU E 161 -4.43 14.05 39.44
N THR E 162 -5.24 15.01 39.01
CA THR E 162 -6.25 14.77 37.98
C THR E 162 -5.85 15.46 36.70
N THR E 163 -6.57 15.14 35.63
CA THR E 163 -6.31 15.79 34.34
C THR E 163 -6.53 17.31 34.28
N GLN E 164 -7.43 17.85 35.09
CA GLN E 164 -7.54 19.33 35.16
C GLN E 164 -6.41 19.94 36.00
N ASP E 165 -5.99 19.25 37.06
CA ASP E 165 -4.80 19.72 37.76
C ASP E 165 -3.66 19.86 36.73
N LEU E 166 -3.52 18.84 35.90
CA LEU E 166 -2.42 18.81 34.94
C LEU E 166 -2.56 19.94 33.92
N ARG E 167 -3.76 20.14 33.40
CA ARG E 167 -3.97 21.25 32.47
C ARG E 167 -3.53 22.56 33.12
N LYS E 168 -3.97 22.78 34.36
CA LYS E 168 -3.63 24.02 35.05
C LYS E 168 -2.10 24.14 35.20
N ILE E 169 -1.46 23.04 35.58
CA ILE E 169 0.00 22.99 35.70
C ILE E 169 0.69 23.26 34.36
N LEU E 170 0.12 22.73 33.27
CA LEU E 170 0.70 22.91 31.94
C LEU E 170 0.13 24.08 31.13
N GLU E 171 -0.99 24.66 31.57
CA GLU E 171 -1.82 25.59 30.75
C GLU E 171 -2.81 24.79 29.89
N GLU E 182 5.17 19.79 25.73
CA GLU E 182 5.80 18.75 26.56
C GLU E 182 4.84 18.04 27.51
N LEU E 183 5.24 16.84 27.86
CA LEU E 183 4.49 15.87 28.69
C LEU E 183 3.20 15.34 28.06
N LEU E 184 2.10 16.11 28.16
CA LEU E 184 0.83 15.78 27.48
C LEU E 184 0.31 17.04 26.81
N ASP E 185 -0.07 16.92 25.53
CA ASP E 185 -0.67 18.05 24.78
C ASP E 185 -2.20 18.01 24.89
N PRO E 186 -2.91 19.03 24.38
CA PRO E 186 -4.38 19.09 24.47
C PRO E 186 -5.13 17.89 23.93
N LEU E 187 -4.69 17.34 22.80
CA LEU E 187 -5.34 16.16 22.24
C LEU E 187 -5.15 14.97 23.17
N ALA E 188 -3.94 14.81 23.71
CA ALA E 188 -3.68 13.72 24.64
C ALA E 188 -4.63 13.78 25.85
N ILE E 189 -4.81 14.97 26.43
CA ILE E 189 -5.71 15.13 27.59
C ILE E 189 -7.17 14.89 27.25
N LYS E 190 -7.62 15.42 26.11
CA LYS E 190 -9.01 15.20 25.65
C LYS E 190 -9.34 13.72 25.48
N ILE E 191 -8.40 12.99 24.89
CA ILE E 191 -8.58 11.56 24.65
C ILE E 191 -8.59 10.79 25.97
N VAL E 192 -7.62 11.04 26.86
CA VAL E 192 -7.57 10.28 28.12
C VAL E 192 -8.78 10.61 29.01
N GLU E 193 -9.28 11.84 28.90
CA GLU E 193 -10.52 12.22 29.62
C GLU E 193 -11.77 11.55 29.07
N ARG E 194 -11.96 11.59 27.75
CA ARG E 194 -13.17 10.97 27.17
C ARG E 194 -13.20 9.46 27.27
N SER E 195 -12.04 8.82 27.27
CA SER E 195 -12.00 7.36 27.38
C SER E 195 -11.53 6.87 28.76
N LYS E 196 -11.29 7.80 29.68
CA LYS E 196 -11.04 7.45 31.10
C LYS E 196 -9.81 6.60 31.25
N ILE E 197 -8.72 7.08 30.67
CA ILE E 197 -7.46 6.38 30.68
C ILE E 197 -6.63 7.03 31.75
N ARG E 198 -6.07 6.21 32.63
CA ARG E 198 -5.17 6.70 33.67
C ARG E 198 -3.81 6.87 33.07
N VAL E 199 -3.09 7.91 33.45
CA VAL E 199 -1.75 8.15 32.94
C VAL E 199 -0.77 8.12 34.09
N ILE E 200 0.31 7.35 33.92
CA ILE E 200 1.40 7.31 34.87
C ILE E 200 2.62 7.95 34.25
N VAL E 201 3.12 9.03 34.87
CA VAL E 201 4.36 9.65 34.46
C VAL E 201 5.52 9.15 35.34
N MET E 202 6.59 8.66 34.69
CA MET E 202 7.69 8.07 35.40
C MET E 202 9.00 8.35 34.68
N ASN E 203 10.11 8.11 35.37
CA ASN E 203 11.44 8.25 34.79
C ASN E 203 11.73 7.01 33.98
N TYR E 204 12.24 7.18 32.76
CA TYR E 204 12.60 6.00 31.96
C TYR E 204 13.75 5.17 32.57
N ARG E 205 14.63 5.78 33.37
CA ARG E 205 15.62 5.01 34.17
C ARG E 205 14.94 3.90 34.95
N LYS E 206 13.75 4.18 35.47
CA LYS E 206 13.07 3.23 36.32
C LYS E 206 12.24 2.23 35.53
N LEU E 207 12.48 2.11 34.23
CA LEU E 207 11.77 1.12 33.41
C LEU E 207 11.94 -0.31 33.98
N ASN E 208 13.02 -0.56 34.72
CA ASN E 208 13.17 -1.85 35.42
C ASN E 208 12.05 -2.17 36.45
N ARG E 209 11.64 -1.18 37.23
CA ARG E 209 10.55 -1.39 38.20
C ARG E 209 9.14 -1.09 37.65
N ILE E 210 8.99 -1.16 36.33
CA ILE E 210 7.71 -0.91 35.67
C ILE E 210 6.57 -1.68 36.32
N ILE E 211 6.85 -2.91 36.73
CA ILE E 211 5.82 -3.67 37.45
C ILE E 211 5.53 -3.06 38.84
N ASP E 212 6.58 -2.68 39.54
CA ASP E 212 6.43 -2.00 40.84
C ASP E 212 5.72 -0.64 40.65
N ILE E 213 6.08 0.09 39.61
CA ILE E 213 5.40 1.37 39.32
C ILE E 213 3.90 1.17 39.06
N LEU E 214 3.55 0.14 38.30
CA LEU E 214 2.14 -0.16 38.05
C LEU E 214 1.33 -0.53 39.30
N LYS E 215 1.96 -1.18 40.28
CA LYS E 215 1.31 -1.44 41.55
C LYS E 215 1.20 -0.17 42.42
N GLY E 216 2.00 0.85 42.10
CA GLY E 216 2.02 2.10 42.87
C GLY E 216 3.08 2.12 43.94
N GLU E 217 4.15 1.36 43.73
CA GLU E 217 5.11 1.11 44.77
C GLU E 217 6.49 1.62 44.40
N GLU E 218 6.52 2.62 43.54
CA GLU E 218 7.76 3.26 43.13
C GLU E 218 7.46 4.74 42.85
N VAL E 219 8.47 5.60 42.81
CA VAL E 219 8.28 7.02 42.55
C VAL E 219 7.69 7.22 41.12
N SER E 220 6.54 7.91 41.08
CA SER E 220 5.82 8.21 39.83
C SER E 220 4.72 9.22 40.14
N SER E 221 4.10 9.77 39.11
CA SER E 221 2.88 10.56 39.27
C SER E 221 1.76 9.84 38.53
N ILE E 222 0.65 9.64 39.23
CA ILE E 222 -0.55 9.03 38.65
C ILE E 222 -1.53 10.17 38.40
N ILE E 223 -2.03 10.24 37.15
CA ILE E 223 -2.98 11.26 36.72
C ILE E 223 -4.31 10.58 36.43
N GLU E 224 -5.34 10.97 37.19
CA GLU E 224 -6.67 10.39 37.07
C GLU E 224 -7.46 11.23 36.08
N PRO E 225 -8.22 10.56 35.19
CA PRO E 225 -9.02 11.30 34.23
C PRO E 225 -10.32 11.83 34.88
N VAL E 226 -10.59 13.12 34.70
CA VAL E 226 -11.86 13.69 35.16
C VAL E 226 -12.54 14.47 34.01
N MET F 1 16.73 15.78 -21.14
CA MET F 1 16.83 14.38 -20.65
C MET F 1 17.08 14.37 -19.14
N ASN F 2 17.38 13.19 -18.63
CA ASN F 2 17.28 12.86 -17.23
C ASN F 2 18.64 12.77 -16.57
N ILE F 3 18.72 13.27 -15.35
CA ILE F 3 19.93 13.20 -14.56
C ILE F 3 19.61 12.80 -13.12
N ILE F 4 20.50 12.02 -12.53
CA ILE F 4 20.43 11.68 -11.11
C ILE F 4 21.57 12.36 -10.33
N LEU F 5 21.19 12.92 -9.19
CA LEU F 5 22.11 13.52 -8.25
C LEU F 5 22.13 12.75 -6.92
N LYS F 6 23.25 12.09 -6.62
CA LYS F 6 23.48 11.52 -5.33
C LYS F 6 24.13 12.61 -4.45
N ILE F 7 23.53 12.84 -3.29
CA ILE F 7 24.01 13.81 -2.30
C ILE F 7 24.52 13.05 -1.09
N SER F 8 25.83 13.14 -0.87
CA SER F 8 26.49 12.49 0.26
C SER F 8 25.79 12.81 1.58
N GLY F 9 25.75 11.82 2.46
CA GLY F 9 25.21 12.01 3.79
C GLY F 9 25.92 13.12 4.55
N LYS F 10 27.21 13.29 4.26
CA LYS F 10 28.04 14.33 4.87
C LYS F 10 27.51 15.74 4.63
N PHE F 11 26.84 15.95 3.51
CA PHE F 11 26.09 17.18 3.23
C PHE F 11 25.07 17.51 4.34
N PHE F 12 24.46 16.48 4.92
CA PHE F 12 23.45 16.65 5.94
C PHE F 12 24.04 16.77 7.34
N ASP F 13 25.23 16.21 7.54
CA ASP F 13 25.97 16.30 8.80
C ASP F 13 26.37 17.75 9.11
N GLU F 14 26.59 18.55 8.08
CA GLU F 14 27.04 19.93 8.25
C GLU F 14 25.99 20.83 8.90
N ASP F 15 24.71 20.45 8.75
CA ASP F 15 23.62 21.15 9.40
C ASP F 15 23.64 22.65 9.06
N ASN F 16 23.78 22.92 7.76
CA ASN F 16 23.95 24.26 7.29
C ASN F 16 22.86 24.60 6.30
N VAL F 17 22.19 25.71 6.58
CA VAL F 17 21.10 26.26 5.76
C VAL F 17 21.54 26.53 4.29
N ASP F 18 22.73 27.08 4.13
CA ASP F 18 23.29 27.38 2.80
C ASP F 18 23.37 26.10 1.95
N ASN F 19 23.76 24.97 2.55
CA ASN F 19 23.77 23.67 1.86
C ASN F 19 22.41 23.40 1.16
N LEU F 20 21.33 23.41 1.94
CA LEU F 20 19.99 23.20 1.39
C LEU F 20 19.60 24.28 0.38
N ILE F 21 19.94 25.52 0.71
CA ILE F 21 19.63 26.65 -0.17
C ILE F 21 20.29 26.45 -1.54
N VAL F 22 21.55 26.04 -1.53
CA VAL F 22 22.30 25.86 -2.77
C VAL F 22 21.83 24.63 -3.54
N LEU F 23 21.55 23.50 -2.87
CA LEU F 23 20.99 22.31 -3.54
C LEU F 23 19.70 22.71 -4.23
N ARG F 24 18.83 23.36 -3.47
CA ARG F 24 17.56 23.86 -3.98
C ARG F 24 17.76 24.64 -5.30
N GLN F 25 18.67 25.64 -5.27
CA GLN F 25 19.03 26.49 -6.44
C GLN F 25 19.50 25.73 -7.65
N SER F 26 20.43 24.81 -7.41
CA SER F 26 20.99 23.96 -8.46
C SER F 26 19.91 23.12 -9.16
N ILE F 27 18.95 22.58 -8.39
CA ILE F 27 17.87 21.77 -8.96
C ILE F 27 17.02 22.64 -9.89
N LYS F 28 16.69 23.85 -9.43
CA LYS F 28 15.95 24.81 -10.22
C LYS F 28 16.71 25.14 -11.51
N GLU F 29 18.01 25.37 -11.37
CA GLU F 29 18.87 25.62 -12.55
C GLU F 29 18.93 24.44 -13.51
N LEU F 30 18.92 23.21 -12.98
CA LEU F 30 18.87 22.04 -13.84
C LEU F 30 17.52 21.96 -14.59
N ALA F 31 16.43 22.14 -13.84
CA ALA F 31 15.08 22.16 -14.41
C ALA F 31 14.97 23.21 -15.52
N ASP F 32 15.39 24.45 -15.20
CA ASP F 32 15.36 25.54 -16.17
C ASP F 32 16.25 25.29 -17.39
N ASN F 33 17.25 24.44 -17.25
CA ASN F 33 18.07 24.03 -18.40
C ASN F 33 17.56 22.75 -19.12
N GLY F 34 16.32 22.34 -18.83
CA GLY F 34 15.70 21.20 -19.55
C GLY F 34 15.98 19.80 -19.01
N PHE F 35 16.51 19.70 -17.80
CA PHE F 35 16.75 18.42 -17.15
C PHE F 35 15.59 18.03 -16.25
N ARG F 36 15.22 16.75 -16.32
CA ARG F 36 14.48 16.10 -15.24
C ARG F 36 15.50 15.58 -14.24
N VAL F 37 15.26 15.79 -12.96
CA VAL F 37 16.19 15.41 -11.90
C VAL F 37 15.58 14.44 -10.90
N GLY F 38 16.33 13.38 -10.63
CA GLY F 38 16.10 12.51 -9.48
C GLY F 38 17.23 12.72 -8.47
N ILE F 39 16.90 12.60 -7.20
CA ILE F 39 17.87 12.85 -6.13
C ILE F 39 17.87 11.68 -5.17
N VAL F 40 19.07 11.23 -4.81
CA VAL F 40 19.28 10.20 -3.79
C VAL F 40 20.12 10.80 -2.66
N THR F 41 19.62 10.67 -1.44
CA THR F 41 20.29 11.20 -0.25
C THR F 41 20.90 10.12 0.60
N GLY F 42 22.14 10.38 1.09
CA GLY F 42 22.83 9.47 1.97
C GLY F 42 22.34 9.54 3.39
N GLY F 43 22.79 8.58 4.18
CA GLY F 43 22.38 8.50 5.56
C GLY F 43 23.20 9.28 6.54
N GLY F 44 24.47 9.49 6.21
CA GLY F 44 25.38 10.35 6.94
C GLY F 44 25.63 9.86 8.35
N SER F 45 25.85 10.79 9.28
CA SER F 45 26.28 10.44 10.63
C SER F 45 25.11 9.98 11.48
N THR F 46 23.90 10.44 11.17
CA THR F 46 22.69 9.87 11.79
C THR F 46 22.61 8.37 11.59
N ALA F 47 22.82 7.90 10.37
CA ALA F 47 22.83 6.49 10.05
C ALA F 47 23.88 5.74 10.88
N ARG F 48 25.09 6.29 10.92
CA ARG F 48 26.22 5.70 11.63
C ARG F 48 25.99 5.55 13.12
N ARG F 49 25.43 6.59 13.69
CA ARG F 49 25.08 6.65 15.09
C ARG F 49 24.05 5.59 15.49
N TYR F 50 22.95 5.47 14.70
CA TYR F 50 21.93 4.44 14.94
C TYR F 50 22.49 3.04 14.73
N ILE F 51 23.26 2.87 13.66
CA ILE F 51 23.90 1.59 13.38
C ILE F 51 24.85 1.14 14.53
N LYS F 52 25.65 2.07 15.03
CA LYS F 52 26.62 1.77 16.10
C LYS F 52 25.92 1.33 17.38
N LEU F 53 24.92 2.08 17.80
CA LEU F 53 24.11 1.75 18.97
C LEU F 53 23.41 0.41 18.83
N ALA F 54 22.75 0.19 17.68
CA ALA F 54 22.02 -1.06 17.45
C ALA F 54 22.98 -2.25 17.44
N ARG F 55 24.15 -2.06 16.84
CA ARG F 55 25.17 -3.11 16.77
C ARG F 55 25.64 -3.51 18.18
N GLU F 56 25.78 -2.54 19.07
CA GLU F 56 26.16 -2.79 20.47
C GLU F 56 25.19 -3.66 21.24
N ILE F 57 23.91 -3.66 20.87
CA ILE F 57 22.93 -4.50 21.55
C ILE F 57 22.69 -5.81 20.83
N GLY F 58 23.50 -6.09 19.81
CA GLY F 58 23.41 -7.37 19.09
C GLY F 58 22.40 -7.45 17.96
N ILE F 59 21.94 -6.30 17.47
CA ILE F 59 20.98 -6.28 16.35
C ILE F 59 21.70 -6.72 15.07
N GLY F 60 21.08 -7.63 14.34
CA GLY F 60 21.66 -8.20 13.14
C GLY F 60 21.84 -7.22 11.99
N GLU F 61 22.69 -7.62 11.06
CA GLU F 61 23.18 -6.78 10.00
C GLU F 61 22.07 -6.25 9.05
N ALA F 62 21.05 -7.07 8.80
CA ALA F 62 19.92 -6.67 7.94
C ALA F 62 19.25 -5.42 8.54
N TYR F 63 19.05 -5.47 9.85
CA TYR F 63 18.32 -4.42 10.58
C TYR F 63 19.18 -3.18 10.79
N LEU F 64 20.48 -3.38 10.92
CA LEU F 64 21.42 -2.28 10.92
C LEU F 64 21.32 -1.52 9.60
N ASP F 65 21.34 -2.26 8.49
CA ASP F 65 21.23 -1.62 7.17
C ASP F 65 19.92 -0.84 7.08
N LEU F 66 18.83 -1.42 7.59
CA LEU F 66 17.53 -0.78 7.58
C LEU F 66 17.48 0.53 8.37
N LEU F 67 18.15 0.57 9.51
CA LEU F 67 18.28 1.81 10.26
C LEU F 67 19.02 2.86 9.43
N GLY F 68 20.07 2.44 8.74
CA GLY F 68 20.80 3.31 7.82
C GLY F 68 19.92 3.82 6.68
N ILE F 69 19.08 2.94 6.16
CA ILE F 69 18.11 3.28 5.14
C ILE F 69 17.07 4.31 5.62
N TRP F 70 16.53 4.09 6.82
CA TRP F 70 15.59 5.03 7.40
C TRP F 70 16.21 6.40 7.70
N ALA F 71 17.47 6.44 8.10
CA ALA F 71 18.21 7.70 8.25
C ALA F 71 18.38 8.43 6.92
N SER F 72 18.71 7.69 5.87
CA SER F 72 18.77 8.27 4.52
C SER F 72 17.40 8.84 4.07
N ARG F 73 16.32 8.15 4.42
CA ARG F 73 14.97 8.59 4.06
C ARG F 73 14.58 9.86 4.78
N LEU F 74 15.04 10.04 6.00
CA LEU F 74 14.84 11.32 6.72
C LEU F 74 15.49 12.48 5.97
N ASN F 75 16.69 12.25 5.45
CA ASN F 75 17.31 13.25 4.60
C ASN F 75 16.54 13.50 3.31
N ALA F 76 15.99 12.43 2.74
CA ALA F 76 15.20 12.55 1.52
C ALA F 76 13.95 13.39 1.74
N TYR F 77 13.26 13.19 2.86
CA TYR F 77 12.09 14.01 3.19
C TYR F 77 12.44 15.49 3.39
N LEU F 78 13.55 15.78 4.06
CA LEU F 78 14.07 17.14 4.17
C LEU F 78 14.25 17.81 2.82
N VAL F 79 14.95 17.14 1.91
CA VAL F 79 15.18 17.65 0.58
C VAL F 79 13.86 17.80 -0.19
N MET F 80 13.04 16.75 -0.16
CA MET F 80 11.76 16.80 -0.85
C MET F 80 10.89 17.99 -0.36
N PHE F 81 10.82 18.18 0.94
CA PHE F 81 10.06 19.28 1.51
C PHE F 81 10.65 20.65 1.11
N SER F 82 11.96 20.73 0.93
CA SER F 82 12.61 21.96 0.48
C SER F 82 12.28 22.31 -0.99
N LEU F 83 11.80 21.33 -1.76
CA LEU F 83 11.54 21.53 -3.17
C LEU F 83 10.08 21.84 -3.46
N GLN F 84 9.22 21.68 -2.46
CA GLN F 84 7.79 22.00 -2.58
C GLN F 84 7.25 21.54 -3.91
N ASP F 85 6.80 22.47 -4.74
CA ASP F 85 6.01 22.12 -5.91
C ASP F 85 6.80 21.36 -6.97
N LEU F 86 8.12 21.52 -6.99
CA LEU F 86 8.95 20.83 -8.00
C LEU F 86 8.97 19.31 -7.88
N ALA F 87 8.75 18.80 -6.67
CA ALA F 87 8.89 17.38 -6.39
C ALA F 87 7.54 16.67 -6.28
N TYR F 88 7.49 15.45 -6.79
CA TYR F 88 6.42 14.54 -6.43
C TYR F 88 6.56 14.22 -4.95
N MET F 89 5.47 14.32 -4.20
CA MET F 89 5.58 14.27 -2.74
C MET F 89 5.41 12.86 -2.20
N HIS F 90 6.41 12.03 -2.51
CA HIS F 90 6.50 10.65 -1.98
C HIS F 90 7.98 10.23 -2.07
N VAL F 91 8.50 9.66 -1.00
CA VAL F 91 9.83 9.06 -1.03
C VAL F 91 9.67 7.56 -1.33
N PRO F 92 10.06 7.12 -2.53
CA PRO F 92 9.94 5.72 -2.86
C PRO F 92 10.91 4.84 -2.03
N GLN F 93 10.44 3.66 -1.65
CA GLN F 93 11.17 2.76 -0.79
C GLN F 93 11.79 1.60 -1.52
N SER F 94 11.56 1.51 -2.82
CA SER F 94 12.18 0.49 -3.65
C SER F 94 12.35 1.05 -5.02
N LEU F 95 13.15 0.35 -5.84
CA LEU F 95 13.32 0.68 -7.23
C LEU F 95 11.98 0.66 -7.97
N GLU F 96 11.19 -0.39 -7.74
CA GLU F 96 9.83 -0.49 -8.31
C GLU F 96 8.98 0.74 -7.99
N GLU F 97 8.95 1.18 -6.73
CA GLU F 97 8.26 2.41 -6.35
C GLU F 97 8.81 3.67 -7.01
N PHE F 98 10.14 3.70 -7.24
CA PHE F 98 10.76 4.84 -7.88
C PHE F 98 10.26 5.01 -9.32
N ILE F 99 10.15 3.88 -10.01
CA ILE F 99 9.65 3.87 -11.36
C ILE F 99 8.22 4.43 -11.45
N GLN F 100 7.35 4.01 -10.51
CA GLN F 100 6.02 4.52 -10.45
C GLN F 100 6.07 6.04 -10.16
N ASP F 101 6.83 6.43 -9.15
CA ASP F 101 6.94 7.87 -8.76
C ASP F 101 7.52 8.74 -9.89
N TRP F 102 8.52 8.24 -10.57
CA TRP F 102 9.12 8.94 -11.70
C TRP F 102 8.11 9.26 -12.82
N SER F 103 7.06 8.42 -12.91
CA SER F 103 5.97 8.57 -13.87
C SER F 103 5.16 9.83 -13.78
N HIS F 104 5.27 10.57 -12.68
CA HIS F 104 4.53 11.81 -12.49
C HIS F 104 5.18 13.04 -13.09
N GLY F 105 6.29 12.88 -13.78
CA GLY F 105 6.96 13.99 -14.46
C GLY F 105 7.64 15.01 -13.57
N LYS F 106 7.75 14.75 -12.26
CA LYS F 106 8.34 15.69 -11.33
C LYS F 106 9.66 15.15 -10.74
N VAL F 107 10.30 15.95 -9.90
CA VAL F 107 11.49 15.54 -9.21
C VAL F 107 11.12 14.47 -8.21
N VAL F 108 11.93 13.42 -8.16
CA VAL F 108 11.75 12.36 -7.18
C VAL F 108 12.98 12.32 -6.31
N VAL F 109 12.76 12.28 -5.00
CA VAL F 109 13.81 12.18 -4.02
C VAL F 109 13.67 10.87 -3.27
N THR F 110 14.76 10.12 -3.20
CA THR F 110 14.75 8.82 -2.52
C THR F 110 15.92 8.67 -1.54
N GLY F 111 15.74 7.77 -0.58
CA GLY F 111 16.83 7.25 0.23
C GLY F 111 17.16 5.84 -0.20
N GLY F 112 17.60 5.03 0.75
CA GLY F 112 17.93 3.64 0.49
C GLY F 112 16.73 2.74 0.16
N PHE F 113 17.06 1.57 -0.38
CA PHE F 113 16.10 0.54 -0.79
C PHE F 113 16.25 -0.79 -0.02
N GLN F 114 17.45 -1.35 0.03
CA GLN F 114 17.65 -2.76 0.42
C GLN F 114 18.97 -2.98 1.13
N PRO F 115 18.98 -3.82 2.18
CA PRO F 115 20.27 -4.16 2.81
C PRO F 115 21.34 -4.67 1.85
N GLY F 116 22.59 -4.44 2.21
CA GLY F 116 23.75 -4.99 1.51
C GLY F 116 24.28 -4.09 0.41
N GLN F 117 23.80 -2.87 0.33
CA GLN F 117 24.29 -1.89 -0.65
C GLN F 117 24.33 -0.50 -0.03
N SER F 118 24.87 0.45 -0.78
CA SER F 118 24.91 1.85 -0.37
C SER F 118 23.93 2.68 -1.18
N THR F 119 23.79 3.96 -0.79
CA THR F 119 22.95 4.89 -1.56
C THR F 119 23.51 5.21 -2.95
N ALA F 120 24.80 4.97 -3.16
CA ALA F 120 25.41 5.13 -4.47
C ALA F 120 24.88 4.06 -5.42
N ALA F 121 24.71 2.85 -4.92
CA ALA F 121 24.06 1.80 -5.69
C ALA F 121 22.61 2.16 -6.02
N VAL F 122 21.89 2.75 -5.06
CA VAL F 122 20.54 3.24 -5.30
C VAL F 122 20.53 4.29 -6.38
N ALA F 123 21.48 5.23 -6.34
CA ALA F 123 21.56 6.26 -7.36
C ALA F 123 21.83 5.66 -8.76
N ALA F 124 22.67 4.63 -8.83
CA ALA F 124 22.92 3.93 -10.09
C ALA F 124 21.68 3.21 -10.63
N LEU F 125 20.98 2.50 -9.75
CA LEU F 125 19.74 1.80 -10.12
C LEU F 125 18.67 2.75 -10.65
N VAL F 126 18.55 3.88 -9.98
CA VAL F 126 17.59 4.93 -10.29
C VAL F 126 17.96 5.67 -11.58
N ALA F 127 19.27 5.85 -11.81
CA ALA F 127 19.76 6.34 -13.09
C ALA F 127 19.41 5.38 -14.22
N GLU F 128 19.69 4.12 -14.00
CA GLU F 128 19.34 3.08 -14.99
C GLU F 128 17.85 3.06 -15.30
N ALA F 129 17.01 3.11 -14.26
CA ALA F 129 15.57 3.02 -14.46
C ALA F 129 14.98 4.28 -15.14
N SER F 130 15.59 5.44 -14.93
CA SER F 130 15.11 6.70 -15.49
C SER F 130 15.77 7.02 -16.85
N SER F 131 16.53 6.09 -17.40
CA SER F 131 17.35 6.34 -18.60
C SER F 131 18.20 7.60 -18.51
N SER F 132 18.78 7.83 -17.33
CA SER F 132 19.71 8.93 -17.13
C SER F 132 21.06 8.45 -17.64
N LYS F 133 21.69 9.23 -18.51
CA LYS F 133 23.01 8.89 -19.04
C LYS F 133 24.14 9.39 -18.11
N THR F 134 23.79 10.24 -17.16
CA THR F 134 24.74 10.83 -16.22
C THR F 134 24.21 10.75 -14.79
N LEU F 135 25.04 10.21 -13.92
CA LEU F 135 24.86 10.20 -12.48
C LEU F 135 25.92 11.15 -11.90
N VAL F 136 25.46 12.12 -11.14
CA VAL F 136 26.34 13.02 -10.38
C VAL F 136 26.42 12.61 -8.90
N VAL F 137 27.64 12.33 -8.45
CA VAL F 137 27.93 12.05 -7.04
C VAL F 137 28.53 13.30 -6.37
N ALA F 138 27.71 13.99 -5.59
CA ALA F 138 28.09 15.24 -4.92
C ALA F 138 28.50 14.92 -3.49
N THR F 139 29.80 15.02 -3.25
CA THR F 139 30.37 14.51 -2.04
C THR F 139 31.32 15.54 -1.40
N ASN F 140 32.02 15.15 -0.35
CA ASN F 140 32.82 16.12 0.42
C ASN F 140 34.31 16.16 -0.02
N VAL F 141 34.62 15.57 -1.17
CA VAL F 141 35.92 15.75 -1.85
C VAL F 141 35.67 16.22 -3.29
N ASP F 142 36.71 16.79 -3.91
CA ASP F 142 36.57 17.45 -5.21
C ASP F 142 36.39 16.48 -6.37
N GLY F 143 36.78 15.24 -6.16
CA GLY F 143 36.76 14.28 -7.21
C GLY F 143 37.33 12.97 -6.73
N VAL F 144 37.67 12.11 -7.68
CA VAL F 144 38.35 10.86 -7.41
C VAL F 144 39.87 11.05 -7.40
N TYR F 145 40.54 10.44 -6.43
CA TYR F 145 42.00 10.45 -6.33
C TYR F 145 42.52 9.04 -6.44
N GLU F 146 43.85 8.93 -6.59
CA GLU F 146 44.54 7.65 -6.75
C GLU F 146 44.33 6.79 -5.51
N LYS F 147 44.33 7.44 -4.35
CA LYS F 147 43.93 6.80 -3.09
C LYS F 147 43.08 7.79 -2.33
N ASP F 148 42.50 7.34 -1.22
CA ASP F 148 41.62 8.18 -0.42
C ASP F 148 42.36 9.48 -0.03
N PRO F 149 41.81 10.64 -0.43
CA PRO F 149 42.51 11.89 -0.15
C PRO F 149 42.40 12.33 1.34
N ARG F 150 41.50 11.72 2.10
CA ARG F 150 41.39 11.99 3.54
C ARG F 150 42.30 11.09 4.37
N ILE F 151 42.98 10.14 3.70
CA ILE F 151 44.06 9.37 4.30
C ILE F 151 45.44 9.74 3.79
N TYR F 152 45.57 9.95 2.48
CA TYR F 152 46.86 10.22 1.81
C TYR F 152 46.95 11.64 1.31
N ALA F 153 48.05 12.32 1.63
CA ALA F 153 48.25 13.72 1.22
C ALA F 153 48.88 13.83 -0.14
N ASP F 154 48.59 14.96 -0.78
CA ASP F 154 49.06 15.32 -2.12
C ASP F 154 49.04 14.16 -3.15
N VAL F 155 48.08 13.23 -3.00
CA VAL F 155 47.62 12.38 -4.11
C VAL F 155 46.94 13.35 -5.05
N LYS F 156 46.90 12.99 -6.32
CA LYS F 156 46.41 13.94 -7.32
C LYS F 156 44.96 13.59 -7.71
N LEU F 157 44.09 14.61 -7.79
CA LEU F 157 42.75 14.42 -8.30
C LEU F 157 42.85 13.92 -9.75
N ILE F 158 42.07 12.88 -10.07
CA ILE F 158 42.05 12.26 -11.38
C ILE F 158 40.83 12.81 -12.16
N PRO F 159 41.07 13.74 -13.10
CA PRO F 159 39.95 14.39 -13.74
C PRO F 159 39.08 13.52 -14.67
N HIS F 160 39.60 12.42 -15.19
CA HIS F 160 38.89 11.60 -16.17
C HIS F 160 39.52 10.22 -16.10
N LEU F 161 38.70 9.20 -15.88
CA LEU F 161 39.10 7.81 -15.67
C LEU F 161 37.96 6.89 -16.14
N THR F 162 38.17 5.58 -16.05
CA THR F 162 37.13 4.60 -16.38
C THR F 162 36.67 3.90 -15.11
N THR F 163 35.60 3.13 -15.24
CA THR F 163 35.10 2.31 -14.14
C THR F 163 36.09 1.22 -13.76
N GLN F 164 36.86 0.76 -14.75
CA GLN F 164 37.92 -0.22 -14.50
C GLN F 164 39.00 0.35 -13.58
N ASP F 165 39.41 1.60 -13.84
CA ASP F 165 40.34 2.35 -12.99
C ASP F 165 39.80 2.51 -11.58
N LEU F 166 38.54 2.91 -11.48
CA LEU F 166 37.91 3.19 -10.20
C LEU F 166 37.89 1.92 -9.34
N ARG F 167 37.60 0.80 -9.99
CA ARG F 167 37.55 -0.49 -9.34
C ARG F 167 38.89 -0.83 -8.70
N LYS F 168 39.98 -0.49 -9.39
CA LYS F 168 41.32 -0.68 -8.85
C LYS F 168 41.67 0.30 -7.74
N ILE F 169 41.29 1.57 -7.91
CA ILE F 169 41.49 2.60 -6.88
C ILE F 169 40.73 2.24 -5.59
N LEU F 170 39.52 1.71 -5.72
CA LEU F 170 38.69 1.36 -4.57
C LEU F 170 38.82 -0.11 -4.11
N GLU F 171 39.47 -0.98 -4.89
CA GLU F 171 39.55 -2.43 -4.57
C GLU F 171 40.24 -2.70 -3.24
N GLY F 172 39.73 -3.69 -2.50
CA GLY F 172 40.34 -4.12 -1.23
C GLY F 172 40.08 -3.25 0.00
N SER F 173 39.51 -2.06 -0.23
CA SER F 173 39.24 -1.09 0.84
C SER F 173 37.86 -1.19 1.50
N GLN F 174 36.99 -2.09 1.03
CA GLN F 174 35.57 -2.01 1.44
C GLN F 174 35.10 -3.18 2.32
N SER F 175 34.53 -2.84 3.47
CA SER F 175 33.92 -3.82 4.37
C SER F 175 32.47 -4.13 3.97
N VAL F 176 32.05 -5.33 4.34
CA VAL F 176 30.69 -5.82 4.15
C VAL F 176 29.71 -5.22 5.21
N GLN F 177 30.26 -4.60 6.25
CA GLN F 177 29.46 -4.00 7.32
C GLN F 177 28.49 -2.90 6.87
N ALA F 178 27.27 -2.97 7.39
CA ALA F 178 26.35 -1.83 7.43
C ALA F 178 27.09 -0.59 7.91
N GLY F 179 26.89 0.54 7.23
CA GLY F 179 27.49 1.80 7.64
C GLY F 179 28.88 2.04 7.07
N THR F 180 29.36 1.18 6.19
CA THR F 180 30.68 1.38 5.59
C THR F 180 30.61 2.57 4.64
N TYR F 181 31.62 3.46 4.69
CA TYR F 181 31.74 4.60 3.77
C TYR F 181 32.37 4.15 2.41
N GLU F 182 31.82 4.56 1.24
CA GLU F 182 32.28 3.99 -0.08
C GLU F 182 32.59 4.80 -1.46
N LEU F 183 32.11 6.02 -1.74
CA LEU F 183 32.04 6.62 -3.13
C LEU F 183 31.11 5.84 -4.09
N LEU F 184 31.57 4.71 -4.61
CA LEU F 184 30.72 3.78 -5.38
C LEU F 184 30.97 2.35 -4.93
N ASP F 185 29.92 1.60 -4.63
CA ASP F 185 30.07 0.21 -4.23
C ASP F 185 30.01 -0.72 -5.46
N PRO F 186 30.22 -2.04 -5.26
CA PRO F 186 30.16 -2.99 -6.39
C PRO F 186 28.86 -2.97 -7.22
N LEU F 187 27.71 -2.89 -6.56
CA LEU F 187 26.46 -2.83 -7.28
C LEU F 187 26.42 -1.56 -8.16
N ALA F 188 26.77 -0.42 -7.58
CA ALA F 188 26.80 0.82 -8.32
C ALA F 188 27.64 0.70 -9.60
N ILE F 189 28.82 0.09 -9.50
CA ILE F 189 29.74 -0.03 -10.64
C ILE F 189 29.21 -1.03 -11.69
N LYS F 190 28.67 -2.15 -11.23
CA LYS F 190 28.03 -3.11 -12.12
C LYS F 190 26.91 -2.46 -12.93
N ILE F 191 26.08 -1.66 -12.26
CA ILE F 191 24.95 -1.01 -12.89
C ILE F 191 25.38 0.04 -13.91
N VAL F 192 26.27 0.94 -13.52
CA VAL F 192 26.72 1.98 -14.47
C VAL F 192 27.47 1.38 -15.65
N GLU F 193 28.20 0.28 -15.45
CA GLU F 193 28.85 -0.43 -16.55
C GLU F 193 27.82 -1.06 -17.51
N ARG F 194 26.88 -1.84 -16.99
CA ARG F 194 25.94 -2.55 -17.86
C ARG F 194 25.01 -1.59 -18.62
N SER F 195 24.69 -0.45 -18.04
CA SER F 195 23.85 0.52 -18.69
C SER F 195 24.60 1.74 -19.25
N LYS F 196 25.92 1.72 -19.23
CA LYS F 196 26.71 2.79 -19.87
C LYS F 196 26.34 4.18 -19.34
N ILE F 197 26.38 4.32 -18.02
CA ILE F 197 26.06 5.54 -17.35
C ILE F 197 27.38 6.18 -16.93
N ARG F 198 27.54 7.45 -17.29
CA ARG F 198 28.73 8.17 -16.88
C ARG F 198 28.48 8.77 -15.51
N VAL F 199 29.53 8.75 -14.72
CA VAL F 199 29.48 9.23 -13.36
C VAL F 199 30.39 10.43 -13.23
N ILE F 200 29.85 11.51 -12.67
CA ILE F 200 30.64 12.69 -12.33
C ILE F 200 30.71 12.80 -10.81
N VAL F 201 31.92 12.76 -10.27
CA VAL F 201 32.16 12.97 -8.86
C VAL F 201 32.64 14.40 -8.66
N MET F 202 31.94 15.12 -7.78
CA MET F 202 32.20 16.51 -7.54
C MET F 202 32.02 16.80 -6.05
N ASN F 203 32.48 17.99 -5.64
CA ASN F 203 32.26 18.50 -4.31
C ASN F 203 30.86 19.13 -4.24
N TYR F 204 30.07 18.80 -3.22
CA TYR F 204 28.73 19.41 -3.10
C TYR F 204 28.81 20.95 -2.87
N ARG F 205 29.96 21.39 -2.35
CA ARG F 205 30.29 22.83 -2.25
C ARG F 205 30.23 23.56 -3.59
N LYS F 206 30.33 22.82 -4.70
CA LYS F 206 30.20 23.39 -6.04
C LYS F 206 28.85 23.09 -6.72
N LEU F 207 27.82 22.74 -5.95
CA LEU F 207 26.49 22.53 -6.53
C LEU F 207 25.98 23.80 -7.20
N ASN F 208 26.45 24.96 -6.70
CA ASN F 208 26.14 26.22 -7.36
C ASN F 208 26.67 26.30 -8.80
N ARG F 209 27.70 25.51 -9.12
CA ARG F 209 28.23 25.42 -10.49
C ARG F 209 27.88 24.11 -11.23
N ILE F 210 26.73 23.53 -10.90
CA ILE F 210 26.34 22.21 -11.46
C ILE F 210 26.30 22.18 -13.01
N ILE F 211 25.82 23.28 -13.63
CA ILE F 211 25.78 23.38 -15.11
C ILE F 211 27.16 23.41 -15.72
N ASP F 212 28.05 24.22 -15.14
CA ASP F 212 29.45 24.29 -15.58
C ASP F 212 30.16 22.95 -15.43
N ILE F 213 29.87 22.25 -14.33
CA ILE F 213 30.44 20.91 -14.15
C ILE F 213 29.98 19.94 -15.24
N LEU F 214 28.69 19.97 -15.57
CA LEU F 214 28.17 19.12 -16.64
C LEU F 214 28.81 19.45 -17.98
N LYS F 215 29.14 20.72 -18.19
CA LYS F 215 29.88 21.17 -19.40
C LYS F 215 31.38 20.83 -19.37
N GLY F 216 31.87 20.31 -18.25
CA GLY F 216 33.27 19.91 -18.10
C GLY F 216 34.18 21.09 -17.82
N GLU F 217 33.61 22.17 -17.28
CA GLU F 217 34.36 23.42 -17.11
C GLU F 217 34.53 23.82 -15.65
N GLU F 218 34.74 22.84 -14.79
CA GLU F 218 34.95 23.09 -13.38
C GLU F 218 35.58 21.82 -12.83
N VAL F 219 36.15 21.92 -11.64
CA VAL F 219 36.85 20.80 -11.02
C VAL F 219 35.88 19.65 -10.69
N SER F 220 36.19 18.47 -11.21
CA SER F 220 35.39 17.27 -11.02
C SER F 220 36.15 16.08 -11.58
N SER F 221 35.65 14.88 -11.34
CA SER F 221 36.16 13.68 -11.99
C SER F 221 35.02 13.06 -12.82
N ILE F 222 35.33 12.76 -14.06
CA ILE F 222 34.41 12.07 -14.95
C ILE F 222 34.85 10.62 -15.09
N ILE F 223 33.94 9.70 -14.77
CA ILE F 223 34.20 8.28 -14.84
C ILE F 223 33.40 7.69 -16.00
N GLU F 224 34.12 7.12 -16.96
CA GLU F 224 33.54 6.53 -18.16
C GLU F 224 33.28 5.04 -17.96
N PRO F 225 32.10 4.58 -18.33
CA PRO F 225 31.80 3.16 -18.14
C PRO F 225 32.50 2.29 -19.17
N VAL F 226 33.19 1.24 -18.71
CA VAL F 226 33.81 0.27 -19.62
C VAL F 226 33.43 -1.16 -19.22
#